data_3O8R
#
_entry.id   3O8R
#
_cell.length_a   91.033
_cell.length_b   110.827
_cell.length_c   141.979
_cell.angle_alpha   90.00
_cell.angle_beta   90.00
_cell.angle_gamma   90.00
#
_symmetry.space_group_name_H-M   'P 21 21 21'
#
loop_
_entity.id
_entity.type
_entity.pdbx_description
1 polymer 'HCV NS3 protease/helicase'
2 polymer "RNA (5'-R(P*UP*(5BU)P*UP*UP*UP*U)-3')"
3 non-polymer 'ZINC ION'
4 non-polymer 'MAGNESIUM ION'
5 non-polymer "ADENOSINE-5'-DIPHOSPHATE"
6 non-polymer 'BERYLLIUM TRIFLUORIDE ION'
7 non-polymer 'SULFATE ION'
8 water water
#
loop_
_entity_poly.entity_id
_entity_poly.type
_entity_poly.pdbx_seq_one_letter_code
_entity_poly.pdbx_strand_id
1 'polypeptide(L)'
;MGSSHHHHHHSSGLVPRGSHMGSVVIVGRIILSGSGSITAYSQQTRGLLGCIITSLTGRDKNQVEGEVQVVSTATQSFLA
TCVNGVCWTVYHGAGSKTLAGPKGPITQMYTNVDQDLVGWQAPPGARSLTPCTCGSSDLYLVTRHADVIPVRRRGDSRGS
LLSPRPVSYLKGSSGGPLLCPSGHAVGIFRAAVCTRGVAKAVDFVPVESMETTMRSPVFTDNSSPPAVPQSFQVAHLHAP
TGSGKSTKVPAAYAAQGYKVLVLNPSVAATLGFGAYMSKAHGIDPNIRTGVRTITTGAPVTYSTYGKFLADGGCSGGAYD
IIICDECHSTDSTTILGIGTVLDQAETAGARLVVLATATPPGSVTVPHPNIEEVALSNTGEIPFYGKAIPIEAIRGGRHL
IFCHSKKKCDELAAKLSGLGINAVAYYRGLDVSVIPTIGDVVVVATDALMTGYTGDFDSVIDCNTCVTQTVDFSLDPTFT
IETTTVPQDAVSRSQRRGRTGRGRRGIYRFVTPGERPSGMFDSSVLCECYDAGCAWYELTPAETSVRLRAYLNTPGLPVC
QDHLEFWESVFTGLTHIDAHFLSQTKQAGDNFPYLVAYQATVCARAQAPPPSWDQMWKCLIRLKPTLHGPTPLLYRLGAV
QNEVTLTHPITKYIMACMSADLEVVT
;
A,B
2 'polyribonucleotide' U(5BU)UUUU C
#
loop_
_chem_comp.id
_chem_comp.type
_chem_comp.name
_chem_comp.formula
5BU RNA linking 5-BROMO-URIDINE-5'-MONOPHOSPHATE 'C9 H12 Br N2 O9 P'
ADP non-polymer ADENOSINE-5'-DIPHOSPHATE 'C10 H15 N5 O10 P2'
BEF non-polymer 'BERYLLIUM TRIFLUORIDE ION' 'Be F3 -1'
MG non-polymer 'MAGNESIUM ION' 'Mg 2'
SO4 non-polymer 'SULFATE ION' 'O4 S -2'
U RNA linking URIDINE-5'-MONOPHOSPHATE 'C9 H13 N2 O9 P'
ZN non-polymer 'ZINC ION' 'Zn 2'
#
# COMPACT_ATOMS: atom_id res chain seq x y z
N GLY A 22 -10.67 -11.65 -13.40
CA GLY A 22 -11.96 -12.29 -13.42
C GLY A 22 -13.12 -11.33 -13.11
N SER A 23 -14.23 -11.88 -12.63
CA SER A 23 -15.43 -11.09 -12.35
C SER A 23 -15.36 -10.40 -10.99
N VAL A 24 -16.29 -9.48 -10.75
CA VAL A 24 -16.50 -8.92 -9.43
C VAL A 24 -17.34 -9.91 -8.59
N VAL A 25 -16.93 -10.13 -7.33
CA VAL A 25 -17.62 -11.09 -6.44
C VAL A 25 -18.24 -10.50 -5.18
N ILE A 26 -19.49 -10.86 -4.94
CA ILE A 26 -20.18 -10.49 -3.71
C ILE A 26 -19.67 -11.36 -2.56
N VAL A 27 -19.08 -10.71 -1.57
CA VAL A 27 -18.37 -11.42 -0.50
C VAL A 27 -18.96 -11.07 0.86
N GLY A 28 -20.03 -10.29 0.85
CA GLY A 28 -20.65 -9.87 2.08
C GLY A 28 -21.73 -8.86 1.81
N ARG A 29 -22.34 -8.36 2.87
CA ARG A 29 -23.41 -7.37 2.74
C ARG A 29 -23.47 -6.48 3.98
N ILE A 30 -24.02 -5.29 3.83
CA ILE A 30 -24.28 -4.41 4.96
C ILE A 30 -25.80 -4.35 5.17
N ILE A 31 -26.24 -4.67 6.39
CA ILE A 31 -27.66 -4.72 6.72
C ILE A 31 -28.10 -3.42 7.40
N LEU A 32 -29.15 -2.80 6.89
CA LEU A 32 -29.60 -1.53 7.42
C LEU A 32 -30.82 -1.75 8.30
N SER A 33 -31.01 -0.87 9.28
CA SER A 33 -32.16 -0.98 10.17
C SER A 33 -33.46 -0.75 9.38
N GLY A 34 -34.50 -1.49 9.78
CA GLY A 34 -35.82 -1.39 9.17
C GLY A 34 -36.68 -0.28 9.75
N SER A 35 -36.35 0.17 10.96
CA SER A 35 -37.08 1.27 11.58
C SER A 35 -36.16 2.06 12.50
N GLY A 36 -36.62 3.24 12.91
CA GLY A 36 -35.89 4.05 13.87
C GLY A 36 -34.63 4.64 13.27
N SER A 37 -33.70 5.05 14.12
CA SER A 37 -32.42 5.59 13.66
C SER A 37 -31.74 4.66 12.65
N ILE A 38 -30.99 5.24 11.73
CA ILE A 38 -30.26 4.45 10.75
C ILE A 38 -29.02 3.81 11.36
N THR A 39 -29.01 2.48 11.37
CA THR A 39 -27.89 1.71 11.88
C THR A 39 -27.58 0.62 10.88
N ALA A 40 -26.40 0.04 10.98
CA ALA A 40 -25.95 -0.96 10.02
C ALA A 40 -25.03 -1.95 10.70
N TYR A 41 -25.01 -3.17 10.23
CA TYR A 41 -23.96 -4.11 10.59
C TYR A 41 -23.57 -4.87 9.34
N SER A 42 -22.44 -5.55 9.38
CA SER A 42 -21.98 -6.23 8.18
C SER A 42 -22.01 -7.75 8.31
N GLN A 43 -22.40 -8.43 7.23
CA GLN A 43 -22.26 -9.87 7.17
C GLN A 43 -21.23 -10.18 6.14
N GLN A 44 -20.34 -11.11 6.46
CA GLN A 44 -19.34 -11.56 5.52
C GLN A 44 -19.69 -12.98 5.06
N THR A 45 -19.92 -13.15 3.76
CA THR A 45 -20.46 -14.41 3.24
C THR A 45 -19.38 -15.25 2.57
N ARG A 46 -18.24 -14.65 2.30
CA ARG A 46 -17.23 -15.38 1.54
C ARG A 46 -15.81 -15.03 1.99
N GLY A 47 -15.01 -16.07 2.18
CA GLY A 47 -13.60 -15.91 2.46
C GLY A 47 -12.87 -15.63 1.16
N LEU A 48 -11.55 -15.53 1.25
CA LEU A 48 -10.72 -15.20 0.10
C LEU A 48 -10.69 -16.30 -0.98
N LEU A 49 -10.64 -17.56 -0.56
CA LEU A 49 -10.62 -18.68 -1.50
C LEU A 49 -11.91 -18.74 -2.33
N GLY A 50 -13.06 -18.59 -1.66
CA GLY A 50 -14.32 -18.55 -2.36
C GLY A 50 -14.31 -17.37 -3.33
N CYS A 51 -13.64 -16.31 -2.90
CA CYS A 51 -13.59 -15.10 -3.69
C CYS A 51 -12.92 -15.33 -5.04
N ILE A 52 -11.68 -15.80 -5.03
CA ILE A 52 -10.97 -15.98 -6.28
C ILE A 52 -11.62 -17.04 -7.18
N ILE A 53 -11.92 -18.20 -6.61
CA ILE A 53 -12.58 -19.26 -7.36
C ILE A 53 -13.85 -18.76 -8.04
N THR A 54 -14.69 -18.04 -7.28
CA THR A 54 -15.90 -17.48 -7.84
C THR A 54 -15.58 -16.43 -8.89
N SER A 55 -14.45 -15.74 -8.70
CA SER A 55 -14.05 -14.65 -9.57
C SER A 55 -13.66 -15.14 -10.97
N LEU A 56 -13.33 -16.42 -11.07
CA LEU A 56 -12.82 -16.98 -12.31
C LEU A 56 -13.85 -17.85 -13.01
N THR A 57 -14.69 -18.53 -12.24
CA THR A 57 -15.81 -19.25 -12.87
C THR A 57 -16.91 -18.25 -13.20
N GLY A 58 -16.89 -17.12 -12.50
CA GLY A 58 -17.94 -16.13 -12.61
C GLY A 58 -19.24 -16.78 -12.20
N ARG A 59 -19.13 -17.80 -11.35
CA ARG A 59 -20.28 -18.58 -10.91
C ARG A 59 -20.49 -18.47 -9.40
N ASP A 60 -21.53 -17.74 -9.01
CA ASP A 60 -21.81 -17.53 -7.59
C ASP A 60 -23.18 -18.06 -7.27
N LYS A 61 -23.23 -19.11 -6.46
CA LYS A 61 -24.50 -19.73 -6.12
C LYS A 61 -25.14 -19.13 -4.86
N ASN A 62 -24.35 -18.36 -4.10
CA ASN A 62 -24.86 -17.83 -2.83
C ASN A 62 -26.11 -17.00 -3.00
N GLN A 63 -27.06 -17.19 -2.09
CA GLN A 63 -28.25 -16.35 -2.08
C GLN A 63 -27.80 -14.91 -1.85
N VAL A 64 -28.37 -13.98 -2.62
CA VAL A 64 -28.09 -12.58 -2.44
C VAL A 64 -29.24 -11.93 -1.68
N GLU A 65 -28.91 -11.32 -0.56
CA GLU A 65 -29.89 -10.64 0.24
C GLU A 65 -29.49 -9.17 0.34
N GLY A 66 -30.39 -8.33 0.81
CA GLY A 66 -30.01 -6.97 1.15
C GLY A 66 -29.97 -5.99 -0.01
N GLU A 67 -29.83 -4.72 0.33
CA GLU A 67 -29.77 -3.66 -0.64
C GLU A 67 -28.35 -3.13 -0.80
N VAL A 68 -27.44 -3.55 0.07
CA VAL A 68 -26.04 -3.12 -0.01
C VAL A 68 -25.07 -4.28 0.05
N GLN A 69 -24.41 -4.54 -1.08
CA GLN A 69 -23.42 -5.60 -1.18
C GLN A 69 -22.02 -5.09 -0.92
N VAL A 70 -21.21 -5.93 -0.28
CA VAL A 70 -19.79 -5.70 -0.19
C VAL A 70 -19.25 -6.54 -1.31
N VAL A 71 -18.43 -5.96 -2.19
CA VAL A 71 -17.92 -6.68 -3.36
C VAL A 71 -16.39 -6.57 -3.44
N SER A 72 -15.79 -7.46 -4.21
CA SER A 72 -14.35 -7.50 -4.26
C SER A 72 -13.87 -8.02 -5.61
N THR A 73 -12.74 -7.51 -6.06
CA THR A 73 -12.05 -8.05 -7.20
C THR A 73 -10.86 -8.80 -6.64
N ALA A 74 -9.80 -8.94 -7.44
CA ALA A 74 -8.59 -9.60 -6.95
C ALA A 74 -7.64 -8.61 -6.28
N THR A 75 -7.98 -7.33 -6.36
CA THR A 75 -7.12 -6.30 -5.80
C THR A 75 -7.86 -5.55 -4.69
N GLN A 76 -8.86 -4.76 -5.09
CA GLN A 76 -9.61 -3.93 -4.15
C GLN A 76 -10.92 -4.54 -3.66
N SER A 77 -11.54 -3.84 -2.72
CA SER A 77 -12.84 -4.22 -2.23
C SER A 77 -13.62 -2.94 -2.00
N PHE A 78 -14.91 -2.99 -2.27
CA PHE A 78 -15.74 -1.80 -2.16
C PHE A 78 -17.21 -2.21 -2.10
N LEU A 79 -18.10 -1.25 -2.25
CA LEU A 79 -19.52 -1.52 -2.06
C LEU A 79 -20.34 -1.32 -3.34
N ALA A 80 -21.53 -1.91 -3.35
CA ALA A 80 -22.48 -1.72 -4.43
C ALA A 80 -23.86 -1.67 -3.83
N THR A 81 -24.65 -0.69 -4.25
CA THR A 81 -25.98 -0.43 -3.73
C THR A 81 -27.09 -0.68 -4.79
N CYS A 82 -28.10 -1.45 -4.43
CA CYS A 82 -29.22 -1.70 -5.34
C CYS A 82 -30.28 -0.61 -5.28
N VAL A 83 -30.58 -0.06 -6.45
CA VAL A 83 -31.62 0.93 -6.58
C VAL A 83 -32.45 0.69 -7.85
N ASN A 84 -33.77 0.84 -7.72
CA ASN A 84 -34.69 0.69 -8.83
C ASN A 84 -34.34 -0.58 -9.63
N GLY A 85 -34.10 -1.68 -8.91
CA GLY A 85 -33.85 -2.96 -9.57
C GLY A 85 -32.46 -3.18 -10.13
N VAL A 86 -31.57 -2.19 -9.97
CA VAL A 86 -30.21 -2.32 -10.48
C VAL A 86 -29.14 -2.25 -9.37
N CYS A 87 -28.17 -3.16 -9.42
CA CYS A 87 -27.06 -3.16 -8.49
C CYS A 87 -25.91 -2.27 -9.00
N TRP A 88 -25.70 -1.13 -8.33
CA TRP A 88 -24.83 -0.07 -8.82
C TRP A 88 -23.52 0.06 -8.05
N THR A 89 -22.46 0.41 -8.76
CA THR A 89 -21.19 0.72 -8.11
C THR A 89 -20.39 1.70 -8.96
N VAL A 90 -19.13 1.94 -8.60
CA VAL A 90 -18.36 2.96 -9.30
C VAL A 90 -17.51 2.35 -10.40
N TYR A 91 -17.35 3.09 -11.49
CA TYR A 91 -16.52 2.59 -12.59
C TYR A 91 -15.06 2.44 -12.15
N HIS A 92 -14.59 3.37 -11.31
CA HIS A 92 -13.17 3.33 -10.88
C HIS A 92 -12.87 2.08 -10.05
N GLY A 93 -13.89 1.45 -9.47
CA GLY A 93 -13.69 0.19 -8.76
C GLY A 93 -13.94 -1.02 -9.64
N ALA A 94 -15.11 -1.07 -10.27
CA ALA A 94 -15.53 -2.25 -11.02
C ALA A 94 -15.03 -2.31 -12.48
N GLY A 95 -14.65 -1.19 -13.06
CA GLY A 95 -14.35 -1.15 -14.48
C GLY A 95 -15.59 -1.63 -15.24
N SER A 96 -15.39 -2.41 -16.28
CA SER A 96 -16.48 -2.98 -17.05
C SER A 96 -16.62 -4.48 -16.78
N LYS A 97 -16.19 -4.93 -15.59
CA LYS A 97 -16.17 -6.35 -15.23
C LYS A 97 -17.56 -6.94 -15.07
N THR A 98 -17.68 -8.22 -15.39
CA THR A 98 -18.92 -8.95 -15.11
C THR A 98 -19.01 -9.18 -13.61
N LEU A 99 -20.21 -9.52 -13.15
CA LEU A 99 -20.50 -9.82 -11.76
C LEU A 99 -20.79 -11.32 -11.64
N ALA A 100 -20.09 -12.00 -10.75
CA ALA A 100 -20.28 -13.43 -10.63
C ALA A 100 -21.73 -13.70 -10.26
N GLY A 101 -22.37 -14.60 -10.99
CA GLY A 101 -23.76 -14.94 -10.73
C GLY A 101 -24.09 -16.45 -10.74
N PRO A 102 -25.37 -16.76 -10.51
CA PRO A 102 -25.93 -18.12 -10.44
C PRO A 102 -25.55 -18.97 -11.65
N LYS A 103 -25.91 -18.50 -12.85
CA LYS A 103 -25.63 -19.23 -14.08
C LYS A 103 -24.24 -18.96 -14.63
N GLY A 104 -23.66 -17.84 -14.24
CA GLY A 104 -22.33 -17.48 -14.74
C GLY A 104 -22.26 -15.98 -14.75
N PRO A 105 -21.15 -15.41 -15.29
CA PRO A 105 -20.86 -13.99 -15.17
C PRO A 105 -21.99 -13.16 -15.74
N ILE A 106 -22.39 -12.12 -15.02
CA ILE A 106 -23.42 -11.22 -15.52
C ILE A 106 -22.71 -10.00 -16.10
N THR A 107 -22.98 -9.70 -17.36
CA THR A 107 -22.39 -8.53 -18.01
C THR A 107 -23.09 -7.25 -17.53
N GLN A 108 -22.34 -6.17 -17.44
CA GLN A 108 -22.92 -4.91 -16.98
C GLN A 108 -24.01 -4.48 -17.92
N MET A 109 -25.08 -3.91 -17.36
CA MET A 109 -26.16 -3.35 -18.16
C MET A 109 -25.94 -1.87 -18.44
N TYR A 110 -25.30 -1.18 -17.50
CA TYR A 110 -24.94 0.22 -17.70
C TYR A 110 -23.47 0.44 -17.36
N THR A 111 -22.77 1.18 -18.22
CA THR A 111 -21.38 1.56 -18.02
C THR A 111 -21.27 3.03 -18.42
N ASN A 112 -21.29 3.90 -17.41
CA ASN A 112 -21.34 5.35 -17.64
C ASN A 112 -20.06 5.94 -17.06
N VAL A 113 -19.01 5.92 -17.85
CA VAL A 113 -17.70 6.34 -17.33
C VAL A 113 -17.78 7.80 -16.89
N ASP A 114 -18.52 8.61 -17.65
CA ASP A 114 -18.65 10.04 -17.37
C ASP A 114 -19.12 10.32 -15.95
N GLN A 115 -20.08 9.52 -15.48
CA GLN A 115 -20.61 9.68 -14.13
C GLN A 115 -19.93 8.74 -13.15
N ASP A 116 -18.88 8.04 -13.57
CA ASP A 116 -18.21 7.06 -12.73
C ASP A 116 -19.18 5.97 -12.21
N LEU A 117 -20.16 5.60 -13.03
CA LEU A 117 -21.28 4.77 -12.58
C LEU A 117 -21.50 3.55 -13.48
N VAL A 118 -21.62 2.37 -12.85
CA VAL A 118 -21.95 1.14 -13.57
C VAL A 118 -23.04 0.40 -12.82
N GLY A 119 -23.70 -0.54 -13.50
CA GLY A 119 -24.85 -1.23 -12.93
C GLY A 119 -25.08 -2.57 -13.59
N TRP A 120 -25.36 -3.59 -12.77
CA TRP A 120 -25.81 -4.90 -13.26
C TRP A 120 -27.25 -5.08 -12.81
N GLN A 121 -28.05 -5.78 -13.62
CA GLN A 121 -29.39 -6.15 -13.19
C GLN A 121 -29.28 -6.91 -11.89
N ALA A 122 -29.99 -6.47 -10.86
CA ALA A 122 -29.85 -7.07 -9.55
C ALA A 122 -30.16 -8.56 -9.62
N PRO A 123 -29.27 -9.40 -9.06
CA PRO A 123 -29.58 -10.82 -8.94
C PRO A 123 -30.87 -11.01 -8.15
N PRO A 124 -31.58 -12.12 -8.39
CA PRO A 124 -32.79 -12.39 -7.60
C PRO A 124 -32.49 -12.46 -6.09
N GLY A 125 -33.39 -11.89 -5.30
CA GLY A 125 -33.23 -11.88 -3.86
C GLY A 125 -32.80 -10.52 -3.34
N ALA A 126 -31.93 -9.85 -4.10
CA ALA A 126 -31.48 -8.52 -3.71
C ALA A 126 -32.68 -7.59 -3.78
N ARG A 127 -32.72 -6.62 -2.87
CA ARG A 127 -33.79 -5.62 -2.87
C ARG A 127 -33.22 -4.22 -3.05
N SER A 128 -34.06 -3.30 -3.50
CA SER A 128 -33.62 -1.97 -3.86
C SER A 128 -33.92 -1.00 -2.75
N LEU A 129 -33.12 0.04 -2.64
CA LEU A 129 -33.48 1.17 -1.79
C LEU A 129 -34.47 2.04 -2.54
N THR A 130 -35.32 2.73 -1.80
CA THR A 130 -36.24 3.67 -2.42
C THR A 130 -35.58 5.05 -2.49
N PRO A 131 -35.67 5.72 -3.66
CA PRO A 131 -35.05 7.05 -3.82
C PRO A 131 -35.62 8.06 -2.84
N CYS A 132 -34.80 9.02 -2.44
CA CYS A 132 -35.25 10.08 -1.56
C CYS A 132 -35.99 11.18 -2.31
N THR A 133 -37.20 11.50 -1.85
CA THR A 133 -38.00 12.53 -2.50
C THR A 133 -38.44 13.62 -1.51
N CYS A 134 -37.95 13.52 -0.28
CA CYS A 134 -38.21 14.57 0.72
C CYS A 134 -37.22 15.72 0.56
N GLY A 135 -36.21 15.52 -0.29
CA GLY A 135 -35.20 16.53 -0.52
C GLY A 135 -34.52 16.99 0.75
N SER A 136 -34.45 16.10 1.75
CA SER A 136 -33.77 16.40 3.00
C SER A 136 -32.29 16.70 2.74
N SER A 137 -31.72 17.58 3.56
CA SER A 137 -30.32 17.91 3.40
C SER A 137 -29.50 17.35 4.57
N ASP A 138 -30.14 16.49 5.36
CA ASP A 138 -29.46 15.77 6.42
C ASP A 138 -29.31 14.31 5.98
N LEU A 139 -28.08 13.92 5.67
CA LEU A 139 -27.82 12.63 5.02
C LEU A 139 -26.95 11.73 5.86
N TYR A 140 -26.94 10.45 5.52
CA TYR A 140 -26.15 9.48 6.27
C TYR A 140 -25.44 8.57 5.29
N LEU A 141 -24.11 8.67 5.29
CA LEU A 141 -23.27 7.80 4.50
C LEU A 141 -23.02 6.46 5.21
N VAL A 142 -23.25 5.36 4.51
CA VAL A 142 -22.91 4.04 5.05
C VAL A 142 -21.58 3.57 4.51
N THR A 143 -20.64 3.28 5.41
CA THR A 143 -19.29 2.90 4.99
C THR A 143 -19.19 1.40 4.94
N ARG A 144 -18.06 0.89 4.49
CA ARG A 144 -17.90 -0.53 4.32
C ARG A 144 -17.77 -1.27 5.64
N HIS A 145 -17.53 -0.53 6.71
CA HIS A 145 -17.42 -1.19 8.01
C HIS A 145 -18.69 -0.93 8.78
N ALA A 146 -19.72 -0.52 8.07
CA ALA A 146 -21.05 -0.37 8.66
C ALA A 146 -21.17 0.81 9.62
N ASP A 147 -20.25 1.77 9.55
CA ASP A 147 -20.44 3.02 10.28
C ASP A 147 -21.44 3.90 9.54
N VAL A 148 -22.18 4.71 10.28
CA VAL A 148 -23.16 5.58 9.68
C VAL A 148 -22.79 7.03 9.97
N ILE A 149 -22.28 7.71 8.94
CA ILE A 149 -21.66 9.01 9.07
C ILE A 149 -22.56 10.13 8.59
N PRO A 150 -22.98 10.99 9.51
CA PRO A 150 -23.84 12.13 9.17
C PRO A 150 -23.15 13.08 8.18
N VAL A 151 -23.93 13.55 7.21
CA VAL A 151 -23.42 14.39 6.13
C VAL A 151 -24.48 15.42 5.79
N ARG A 152 -24.05 16.65 5.59
CA ARG A 152 -24.97 17.73 5.25
C ARG A 152 -24.92 17.98 3.74
N ARG A 153 -26.04 17.77 3.06
CA ARG A 153 -26.11 18.03 1.62
C ARG A 153 -25.74 19.49 1.34
N ARG A 154 -24.81 19.73 0.42
CA ARG A 154 -24.39 21.08 0.09
C ARG A 154 -24.67 21.44 -1.36
N GLY A 155 -24.67 20.44 -2.22
CA GLY A 155 -24.91 20.63 -3.63
C GLY A 155 -25.63 19.41 -4.12
N ASP A 156 -25.79 19.27 -5.44
CA ASP A 156 -26.48 18.11 -5.98
C ASP A 156 -25.73 16.80 -5.76
N SER A 157 -24.42 16.88 -5.60
CA SER A 157 -23.60 15.69 -5.61
C SER A 157 -22.50 15.84 -4.59
N ARG A 158 -22.67 16.83 -3.73
CA ARG A 158 -21.69 17.08 -2.67
C ARG A 158 -22.37 17.11 -1.32
N GLY A 159 -21.60 16.74 -0.30
CA GLY A 159 -22.03 16.90 1.08
C GLY A 159 -20.81 17.10 1.96
N SER A 160 -20.95 17.92 2.99
CA SER A 160 -19.89 18.07 3.97
C SER A 160 -20.07 17.11 5.14
N LEU A 161 -18.94 16.57 5.60
CA LEU A 161 -18.92 15.75 6.79
C LEU A 161 -18.98 16.66 8.01
N LEU A 162 -19.78 16.27 9.00
CA LEU A 162 -19.84 17.02 10.24
C LEU A 162 -18.53 16.86 11.00
N SER A 163 -17.97 15.65 10.98
CA SER A 163 -16.69 15.39 11.61
C SER A 163 -15.64 14.93 10.61
N PRO A 164 -14.81 15.85 10.13
CA PRO A 164 -13.78 15.47 9.13
C PRO A 164 -12.94 14.30 9.62
N ARG A 165 -12.50 13.45 8.70
CA ARG A 165 -11.74 12.24 9.02
C ARG A 165 -10.64 12.04 8.00
N PRO A 166 -9.55 11.35 8.39
CA PRO A 166 -8.51 11.00 7.41
C PRO A 166 -9.10 10.24 6.22
N VAL A 167 -8.53 10.39 5.03
CA VAL A 167 -9.07 9.75 3.83
C VAL A 167 -9.11 8.26 3.98
N SER A 168 -8.06 7.71 4.55
CA SER A 168 -7.90 6.27 4.67
C SER A 168 -9.09 5.60 5.35
N TYR A 169 -9.89 6.41 6.05
CA TYR A 169 -11.06 5.90 6.75
C TYR A 169 -12.22 5.61 5.80
N LEU A 170 -12.22 6.31 4.66
CA LEU A 170 -13.31 6.17 3.68
C LEU A 170 -12.91 5.20 2.59
N LYS A 171 -11.71 4.65 2.70
CA LYS A 171 -11.20 3.72 1.70
C LYS A 171 -12.04 2.47 1.67
N GLY A 172 -12.39 2.03 0.46
CA GLY A 172 -13.17 0.83 0.25
C GLY A 172 -14.66 1.08 0.43
N SER A 173 -15.06 2.34 0.66
CA SER A 173 -16.48 2.67 0.86
C SER A 173 -17.18 3.15 -0.42
N SER A 174 -16.44 3.20 -1.52
CA SER A 174 -16.99 3.61 -2.81
C SER A 174 -18.17 2.73 -3.22
N GLY A 175 -19.25 3.35 -3.66
CA GLY A 175 -20.44 2.64 -4.10
C GLY A 175 -21.46 2.53 -2.97
N GLY A 176 -21.07 2.94 -1.77
CA GLY A 176 -21.94 2.88 -0.61
C GLY A 176 -22.99 3.96 -0.69
N PRO A 177 -24.14 3.74 -0.05
CA PRO A 177 -25.22 4.69 -0.29
C PRO A 177 -25.13 5.88 0.64
N LEU A 178 -25.68 7.01 0.21
CA LEU A 178 -25.96 8.11 1.11
C LEU A 178 -27.47 8.16 1.30
N LEU A 179 -27.92 8.10 2.55
CA LEU A 179 -29.35 7.98 2.84
C LEU A 179 -29.90 9.21 3.57
N CYS A 180 -31.14 9.56 3.26
CA CYS A 180 -31.86 10.59 4.00
C CYS A 180 -32.35 10.00 5.33
N PRO A 181 -32.89 10.83 6.24
CA PRO A 181 -33.32 10.32 7.55
C PRO A 181 -34.38 9.24 7.42
N SER A 182 -35.21 9.31 6.38
CA SER A 182 -36.27 8.33 6.22
C SER A 182 -35.80 7.09 5.47
N GLY A 183 -34.48 6.87 5.47
CA GLY A 183 -33.89 5.66 4.92
C GLY A 183 -33.85 5.51 3.41
N HIS A 184 -34.18 6.56 2.65
CA HIS A 184 -34.12 6.49 1.19
C HIS A 184 -32.69 6.57 0.68
N ALA A 185 -32.50 6.32 -0.61
CA ALA A 185 -31.21 6.51 -1.28
C ALA A 185 -31.17 7.88 -1.95
N VAL A 186 -30.13 8.64 -1.64
CA VAL A 186 -29.92 9.96 -2.26
C VAL A 186 -28.78 9.90 -3.30
N GLY A 187 -27.87 8.95 -3.12
CA GLY A 187 -26.80 8.77 -4.06
C GLY A 187 -25.84 7.67 -3.64
N ILE A 188 -24.76 7.53 -4.40
CA ILE A 188 -23.70 6.65 -3.95
C ILE A 188 -22.35 7.34 -3.91
N PHE A 189 -21.62 7.04 -2.85
CA PHE A 189 -20.33 7.62 -2.60
C PHE A 189 -19.33 7.24 -3.71
N ARG A 190 -18.57 8.23 -4.19
CA ARG A 190 -17.53 7.97 -5.20
C ARG A 190 -16.15 8.56 -4.87
N ALA A 191 -16.11 9.69 -4.14
CA ALA A 191 -14.83 10.35 -3.85
C ALA A 191 -14.87 11.18 -2.58
N ALA A 192 -13.70 11.35 -1.97
CA ALA A 192 -13.51 12.27 -0.84
C ALA A 192 -12.86 13.58 -1.30
N VAL A 193 -13.40 14.69 -0.81
CA VAL A 193 -12.87 16.02 -1.07
C VAL A 193 -11.99 16.44 0.11
N CYS A 194 -10.68 16.52 -0.14
CA CYS A 194 -9.70 16.65 0.94
C CYS A 194 -8.95 17.98 1.06
N THR A 195 -8.54 18.23 2.30
CA THR A 195 -7.63 19.30 2.67
C THR A 195 -6.46 18.61 3.34
N ARG A 196 -5.32 18.53 2.65
CA ARG A 196 -4.12 18.00 3.26
C ARG A 196 -4.37 16.61 3.87
N GLY A 197 -5.10 15.77 3.13
CA GLY A 197 -5.30 14.40 3.54
C GLY A 197 -6.50 14.17 4.45
N VAL A 198 -7.21 15.24 4.83
CA VAL A 198 -8.35 15.09 5.72
C VAL A 198 -9.63 15.35 4.93
N ALA A 199 -10.52 14.37 4.91
CA ALA A 199 -11.74 14.50 4.15
C ALA A 199 -12.71 15.36 4.91
N LYS A 200 -13.13 16.45 4.31
CA LYS A 200 -14.08 17.36 4.93
C LYS A 200 -15.42 17.27 4.23
N ALA A 201 -15.43 16.64 3.06
CA ALA A 201 -16.64 16.55 2.25
C ALA A 201 -16.60 15.26 1.41
N VAL A 202 -17.74 14.89 0.87
CA VAL A 202 -17.81 13.71 0.01
C VAL A 202 -18.49 14.08 -1.29
N ASP A 203 -18.02 13.47 -2.37
CA ASP A 203 -18.66 13.56 -3.68
C ASP A 203 -19.43 12.24 -3.88
N PHE A 204 -20.67 12.33 -4.33
CA PHE A 204 -21.43 11.13 -4.61
C PHE A 204 -22.14 11.26 -5.94
N VAL A 205 -22.54 10.12 -6.49
CA VAL A 205 -23.33 10.11 -7.70
C VAL A 205 -24.80 10.14 -7.32
N PRO A 206 -25.49 11.24 -7.61
CA PRO A 206 -26.88 11.40 -7.16
C PRO A 206 -27.82 10.38 -7.83
N VAL A 207 -28.84 9.96 -7.10
CA VAL A 207 -29.78 8.97 -7.59
C VAL A 207 -30.41 9.40 -8.92
N GLU A 208 -30.50 10.71 -9.16
CA GLU A 208 -31.09 11.14 -10.43
C GLU A 208 -30.21 10.83 -11.65
N SER A 209 -28.91 10.63 -11.44
CA SER A 209 -28.02 10.21 -12.52
C SER A 209 -28.24 8.73 -12.86
N MET A 210 -28.68 7.96 -11.88
CA MET A 210 -29.08 6.58 -12.16
C MET A 210 -30.33 6.54 -13.03
N GLU A 211 -31.27 7.45 -12.76
CA GLU A 211 -32.52 7.54 -13.52
C GLU A 211 -32.18 7.97 -14.95
N THR A 212 -31.49 9.10 -15.07
CA THR A 212 -31.01 9.60 -16.35
C THR A 212 -30.27 8.52 -17.12
N THR A 213 -29.41 7.76 -16.44
CA THR A 213 -28.71 6.65 -17.06
C THR A 213 -29.69 5.57 -17.54
N MET A 214 -30.68 5.25 -16.70
CA MET A 214 -31.65 4.20 -17.05
C MET A 214 -32.57 4.65 -18.19
N ARG A 215 -32.79 5.95 -18.31
CA ARG A 215 -33.63 6.51 -19.37
C ARG A 215 -32.84 6.88 -20.64
N SER A 216 -31.67 6.28 -20.83
CA SER A 216 -31.03 6.24 -22.15
C SER A 216 -30.70 4.77 -22.49
N PRO A 217 -30.68 4.39 -23.80
CA PRO A 217 -30.62 2.98 -24.25
C PRO A 217 -29.42 2.17 -23.76
N VAL A 218 -29.57 0.85 -23.73
CA VAL A 218 -28.52 -0.07 -23.30
C VAL A 218 -27.41 -0.35 -24.34
N PHE A 219 -27.79 -0.30 -25.61
CA PHE A 219 -26.85 -0.54 -26.72
C PHE A 219 -26.74 0.75 -27.53
N THR A 220 -25.54 1.09 -27.98
CA THR A 220 -25.39 2.21 -28.92
C THR A 220 -24.28 1.95 -29.95
N ASP A 221 -24.40 2.59 -31.12
CA ASP A 221 -23.43 2.35 -32.17
C ASP A 221 -22.97 3.63 -32.85
N ASN A 222 -21.69 3.95 -32.68
CA ASN A 222 -21.09 5.06 -33.35
C ASN A 222 -20.12 4.53 -34.41
N SER A 223 -20.47 3.41 -35.04
CA SER A 223 -19.58 2.70 -35.95
C SER A 223 -19.57 3.26 -37.35
N SER A 224 -20.58 4.06 -37.67
CA SER A 224 -20.59 4.76 -38.95
C SER A 224 -20.07 6.18 -38.78
N PRO A 225 -19.43 6.72 -39.84
CA PRO A 225 -18.95 8.11 -39.90
C PRO A 225 -20.09 9.09 -39.72
N PRO A 226 -19.99 9.97 -38.73
CA PRO A 226 -21.05 10.93 -38.43
C PRO A 226 -21.49 11.74 -39.64
N ALA A 227 -22.79 11.99 -39.77
CA ALA A 227 -23.30 12.94 -40.75
C ALA A 227 -22.80 14.33 -40.41
N VAL A 228 -22.38 15.10 -41.42
CA VAL A 228 -22.11 16.51 -41.16
C VAL A 228 -23.43 17.20 -40.80
N PRO A 229 -23.50 17.80 -39.62
CA PRO A 229 -24.76 18.39 -39.14
C PRO A 229 -24.97 19.80 -39.69
N GLN A 230 -26.19 20.32 -39.64
CA GLN A 230 -26.46 21.66 -40.15
C GLN A 230 -25.79 22.69 -39.26
N SER A 231 -25.87 22.49 -37.95
CA SER A 231 -25.18 23.35 -36.99
C SER A 231 -24.08 22.56 -36.29
N PHE A 232 -23.16 23.29 -35.65
CA PHE A 232 -21.97 22.71 -35.05
C PHE A 232 -22.26 21.56 -34.09
N GLN A 233 -21.56 20.46 -34.27
CA GLN A 233 -21.71 19.31 -33.38
C GLN A 233 -20.38 18.60 -33.09
N VAL A 234 -20.28 18.01 -31.90
CA VAL A 234 -19.22 17.08 -31.56
C VAL A 234 -19.80 15.67 -31.59
N ALA A 235 -19.21 14.80 -32.38
CA ALA A 235 -19.66 13.42 -32.52
C ALA A 235 -18.51 12.42 -32.30
N HIS A 236 -18.87 11.15 -32.19
CA HIS A 236 -17.92 10.09 -31.88
C HIS A 236 -17.92 9.04 -32.96
N LEU A 237 -16.75 8.47 -33.21
CA LEU A 237 -16.60 7.42 -34.19
C LEU A 237 -15.86 6.28 -33.51
N HIS A 238 -16.55 5.16 -33.33
CA HIS A 238 -15.95 3.97 -32.72
C HIS A 238 -16.01 2.81 -33.71
N ALA A 239 -14.86 2.21 -34.00
CA ALA A 239 -14.77 1.14 -34.97
C ALA A 239 -13.44 0.42 -34.79
N PRO A 240 -13.40 -0.89 -35.07
CA PRO A 240 -12.24 -1.74 -34.72
C PRO A 240 -10.93 -1.27 -35.33
N THR A 241 -9.83 -1.67 -34.70
CA THR A 241 -8.50 -1.36 -35.23
C THR A 241 -8.34 -1.83 -36.68
N GLY A 242 -7.80 -0.96 -37.51
CA GLY A 242 -7.54 -1.30 -38.91
C GLY A 242 -8.77 -1.33 -39.79
N SER A 243 -9.76 -0.49 -39.46
CA SER A 243 -11.03 -0.50 -40.18
C SER A 243 -11.20 0.66 -41.16
N GLY A 244 -10.32 1.65 -41.11
CA GLY A 244 -10.44 2.77 -42.04
C GLY A 244 -10.74 4.13 -41.46
N LYS A 245 -10.80 4.22 -40.12
CA LYS A 245 -11.06 5.48 -39.42
C LYS A 245 -10.14 6.62 -39.86
N SER A 246 -8.83 6.36 -39.84
CA SER A 246 -7.84 7.40 -40.15
C SER A 246 -7.65 7.67 -41.66
N THR A 247 -8.17 6.81 -42.54
CA THR A 247 -7.87 6.91 -43.97
C THR A 247 -9.12 7.04 -44.87
N LYS A 248 -9.83 5.93 -45.06
CA LYS A 248 -11.12 5.93 -45.73
C LYS A 248 -12.06 7.05 -45.27
N VAL A 249 -12.22 7.21 -43.95
CA VAL A 249 -13.17 8.22 -43.43
C VAL A 249 -12.84 9.65 -43.85
N PRO A 250 -11.60 10.10 -43.61
CA PRO A 250 -11.31 11.46 -44.10
C PRO A 250 -11.36 11.52 -45.64
N ALA A 251 -11.01 10.42 -46.32
CA ALA A 251 -11.11 10.37 -47.78
C ALA A 251 -12.54 10.55 -48.26
N ALA A 252 -13.48 9.88 -47.57
CA ALA A 252 -14.90 9.97 -47.94
C ALA A 252 -15.46 11.36 -47.73
N TYR A 253 -15.14 11.98 -46.60
CA TYR A 253 -15.61 13.33 -46.30
C TYR A 253 -15.07 14.32 -47.34
N ALA A 254 -13.83 14.10 -47.78
CA ALA A 254 -13.21 14.96 -48.78
C ALA A 254 -13.88 14.73 -50.12
N ALA A 255 -14.09 13.46 -50.44
CA ALA A 255 -14.73 13.09 -51.70
C ALA A 255 -16.08 13.78 -51.84
N GLN A 256 -16.62 14.25 -50.72
CA GLN A 256 -17.92 14.92 -50.66
C GLN A 256 -17.85 16.44 -50.64
N GLY A 257 -16.67 17.01 -50.86
CA GLY A 257 -16.57 18.47 -50.90
C GLY A 257 -16.20 19.14 -49.59
N TYR A 258 -15.80 18.37 -48.59
CA TYR A 258 -15.47 18.96 -47.29
C TYR A 258 -13.97 19.08 -47.07
N LYS A 259 -13.57 20.10 -46.31
CA LYS A 259 -12.18 20.27 -45.89
C LYS A 259 -11.92 19.59 -44.52
N VAL A 260 -11.03 18.61 -44.51
CA VAL A 260 -10.82 17.77 -43.33
C VAL A 260 -9.43 17.94 -42.64
N LEU A 261 -9.44 18.32 -41.36
CA LEU A 261 -8.21 18.29 -40.54
C LEU A 261 -8.17 17.02 -39.71
N VAL A 262 -7.14 16.21 -39.87
CA VAL A 262 -7.02 14.98 -39.13
C VAL A 262 -5.84 15.08 -38.16
N LEU A 263 -6.16 15.04 -36.87
CA LEU A 263 -5.16 15.18 -35.82
C LEU A 263 -4.86 13.81 -35.24
N ASN A 264 -3.58 13.48 -35.19
CA ASN A 264 -3.13 12.20 -34.70
C ASN A 264 -2.01 12.42 -33.67
N PRO A 265 -1.93 11.57 -32.63
CA PRO A 265 -0.87 11.67 -31.63
C PRO A 265 0.52 11.24 -32.16
N SER A 266 0.57 10.28 -33.10
CA SER A 266 1.84 9.69 -33.58
C SER A 266 2.45 10.37 -34.80
N VAL A 267 3.74 10.68 -34.71
CA VAL A 267 4.45 11.22 -35.86
C VAL A 267 4.67 10.15 -36.95
N ALA A 268 4.94 8.92 -36.54
CA ALA A 268 5.17 7.85 -37.50
C ALA A 268 3.91 7.54 -38.30
N ALA A 269 2.75 7.59 -37.64
CA ALA A 269 1.52 7.34 -38.37
C ALA A 269 1.22 8.53 -39.27
N THR A 270 1.42 9.74 -38.77
CA THR A 270 1.07 10.92 -39.56
C THR A 270 1.95 10.99 -40.82
N LEU A 271 3.15 10.43 -40.74
CA LEU A 271 4.04 10.40 -41.90
C LEU A 271 3.61 9.24 -42.80
N GLY A 272 3.26 8.11 -42.20
CA GLY A 272 2.74 6.98 -42.96
C GLY A 272 1.65 7.42 -43.92
N PHE A 273 0.67 8.17 -43.40
CA PHE A 273 -0.47 8.63 -44.18
C PHE A 273 -0.07 9.37 -45.46
N GLY A 274 1.04 10.08 -45.43
CA GLY A 274 1.48 10.83 -46.61
C GLY A 274 1.50 10.01 -47.89
N ALA A 275 2.35 8.98 -47.90
CA ALA A 275 2.57 8.15 -49.10
C ALA A 275 1.49 7.09 -49.31
N TYR A 276 0.86 6.65 -48.23
CA TYR A 276 -0.17 5.63 -48.33
C TYR A 276 -1.46 6.18 -48.94
N MET A 277 -1.79 7.44 -48.68
CA MET A 277 -3.06 8.00 -49.13
C MET A 277 -3.18 8.20 -50.64
N SER A 278 -2.06 8.49 -51.31
CA SER A 278 -2.09 8.71 -52.77
C SER A 278 -2.44 7.42 -53.52
N LYS A 279 -1.68 6.35 -53.31
CA LYS A 279 -2.01 5.08 -53.95
C LYS A 279 -3.32 4.45 -53.44
N ALA A 280 -3.67 4.69 -52.18
CA ALA A 280 -4.84 4.01 -51.57
C ALA A 280 -6.19 4.72 -51.77
N HIS A 281 -6.17 6.06 -51.81
CA HIS A 281 -7.39 6.84 -51.94
C HIS A 281 -7.18 8.03 -52.85
N GLY A 282 -6.12 7.96 -53.65
CA GLY A 282 -5.85 8.99 -54.63
C GLY A 282 -5.98 10.37 -54.03
N ILE A 283 -5.43 10.51 -52.84
CA ILE A 283 -5.32 11.79 -52.15
C ILE A 283 -3.89 11.93 -51.63
N ASP A 284 -3.26 13.05 -51.95
CA ASP A 284 -1.96 13.36 -51.36
C ASP A 284 -2.10 14.55 -50.41
N PRO A 285 -2.17 14.24 -49.11
CA PRO A 285 -2.68 15.21 -48.14
C PRO A 285 -1.57 16.15 -47.71
N ASN A 286 -1.91 17.38 -47.36
CA ASN A 286 -0.96 18.20 -46.61
C ASN A 286 -0.43 17.41 -45.42
N ILE A 287 0.77 17.75 -44.98
CA ILE A 287 1.30 17.11 -43.80
C ILE A 287 2.03 18.10 -42.93
N ARG A 288 1.79 18.03 -41.63
CA ARG A 288 2.44 18.91 -40.68
C ARG A 288 2.94 18.10 -39.51
N THR A 289 4.22 18.26 -39.22
CA THR A 289 4.88 17.69 -38.06
C THR A 289 6.04 18.63 -37.81
N GLY A 290 6.82 18.38 -36.76
CA GLY A 290 8.01 19.18 -36.53
C GLY A 290 9.00 19.01 -37.68
N VAL A 291 9.30 17.75 -38.01
CA VAL A 291 10.26 17.42 -39.06
C VAL A 291 9.78 17.79 -40.48
N ARG A 292 8.58 17.37 -40.84
CA ARG A 292 8.07 17.55 -42.20
C ARG A 292 6.79 18.39 -42.24
N THR A 293 6.82 19.48 -42.99
CA THR A 293 5.63 20.29 -43.21
C THR A 293 5.29 20.34 -44.70
N ILE A 294 5.09 19.15 -45.27
CA ILE A 294 4.71 18.96 -46.67
C ILE A 294 3.37 19.62 -46.95
N THR A 295 3.37 20.64 -47.81
CA THR A 295 2.12 21.29 -48.18
C THR A 295 1.74 20.95 -49.63
N THR A 296 0.46 20.62 -49.86
CA THR A 296 -0.02 20.29 -51.21
C THR A 296 -1.22 21.10 -51.65
N GLY A 297 -1.94 21.66 -50.68
CA GLY A 297 -3.19 22.33 -50.99
C GLY A 297 -4.37 21.36 -51.08
N ALA A 298 -4.10 20.06 -50.90
CA ALA A 298 -5.17 19.06 -50.87
C ALA A 298 -6.20 19.41 -49.79
N PRO A 299 -7.40 18.81 -49.86
CA PRO A 299 -8.45 19.20 -48.91
C PRO A 299 -8.38 18.42 -47.58
N VAL A 300 -7.48 17.43 -47.52
CA VAL A 300 -7.23 16.68 -46.29
C VAL A 300 -5.84 17.04 -45.75
N THR A 301 -5.80 17.60 -44.54
CA THR A 301 -4.55 17.86 -43.82
C THR A 301 -4.41 16.85 -42.69
N TYR A 302 -3.24 16.26 -42.57
CA TYR A 302 -2.93 15.45 -41.41
C TYR A 302 -1.98 16.28 -40.54
N SER A 303 -2.08 16.12 -39.22
CA SER A 303 -1.20 16.83 -38.30
C SER A 303 -1.11 16.12 -36.97
N THR A 304 0.04 16.26 -36.31
CA THR A 304 0.14 15.78 -34.95
C THR A 304 -0.56 16.80 -34.07
N TYR A 305 -1.01 16.36 -32.91
CA TYR A 305 -1.57 17.29 -31.94
C TYR A 305 -0.51 18.33 -31.56
N GLY A 306 0.74 17.88 -31.44
CA GLY A 306 1.85 18.75 -31.11
C GLY A 306 2.08 19.90 -32.08
N LYS A 307 2.20 19.60 -33.38
CA LYS A 307 2.34 20.65 -34.38
C LYS A 307 1.09 21.54 -34.41
N PHE A 308 -0.09 20.93 -34.25
CA PHE A 308 -1.32 21.72 -34.19
C PHE A 308 -1.27 22.75 -33.05
N LEU A 309 -0.85 22.30 -31.86
CA LEU A 309 -0.67 23.22 -30.74
C LEU A 309 0.42 24.26 -31.05
N ALA A 310 1.52 23.84 -31.64
CA ALA A 310 2.57 24.80 -32.03
C ALA A 310 2.03 25.88 -32.99
N ASP A 311 1.25 25.45 -33.98
CA ASP A 311 0.65 26.39 -34.93
C ASP A 311 -0.33 27.35 -34.23
N GLY A 312 -0.68 27.08 -32.98
CA GLY A 312 -1.61 27.93 -32.26
C GLY A 312 -3.06 27.47 -32.32
N GLY A 313 -3.28 26.21 -32.66
CA GLY A 313 -4.62 25.68 -32.65
C GLY A 313 -5.43 25.97 -33.91
N CYS A 314 -6.64 26.47 -33.71
CA CYS A 314 -7.58 26.66 -34.82
C CYS A 314 -7.44 28.01 -35.52
N SER A 315 -7.37 27.94 -36.85
CA SER A 315 -7.31 29.12 -37.71
C SER A 315 -8.65 29.29 -38.39
N GLY A 316 -9.31 30.42 -38.13
CA GLY A 316 -10.56 30.77 -38.79
C GLY A 316 -10.80 30.19 -40.19
N GLY A 317 -11.99 29.65 -40.37
CA GLY A 317 -12.51 29.29 -41.68
C GLY A 317 -11.78 28.18 -42.41
N ALA A 318 -10.83 27.52 -41.75
CA ALA A 318 -9.95 26.64 -42.50
C ALA A 318 -10.53 25.25 -42.72
N TYR A 319 -11.42 24.82 -41.84
CA TYR A 319 -11.88 23.44 -41.90
C TYR A 319 -13.37 23.25 -41.59
N ASP A 320 -13.97 22.29 -42.28
CA ASP A 320 -15.36 21.97 -42.02
C ASP A 320 -15.44 20.89 -40.95
N ILE A 321 -14.45 20.01 -40.96
CA ILE A 321 -14.46 18.83 -40.14
C ILE A 321 -13.07 18.65 -39.52
N ILE A 322 -13.03 18.62 -38.18
CA ILE A 322 -11.80 18.31 -37.48
C ILE A 322 -11.90 16.92 -36.86
N ILE A 323 -11.04 16.02 -37.29
CA ILE A 323 -11.05 14.70 -36.71
C ILE A 323 -9.95 14.59 -35.66
N CYS A 324 -10.35 14.52 -34.39
CA CYS A 324 -9.43 14.19 -33.33
C CYS A 324 -9.27 12.68 -33.29
N ASP A 325 -8.24 12.21 -33.98
CA ASP A 325 -8.03 10.78 -34.18
C ASP A 325 -7.34 10.16 -32.96
N GLU A 326 -7.46 8.85 -32.80
CA GLU A 326 -6.96 8.18 -31.60
C GLU A 326 -7.23 9.02 -30.35
N CYS A 327 -8.49 9.36 -30.10
CA CYS A 327 -8.82 10.21 -28.96
C CYS A 327 -8.87 9.41 -27.64
N HIS A 328 -8.43 8.16 -27.68
CA HIS A 328 -8.31 7.35 -26.49
C HIS A 328 -6.93 7.64 -25.89
N SER A 329 -6.08 8.29 -26.67
CA SER A 329 -4.74 8.61 -26.21
C SER A 329 -4.81 9.61 -25.07
N THR A 330 -4.06 9.38 -23.98
CA THR A 330 -4.10 10.29 -22.83
C THR A 330 -2.74 10.84 -22.47
N ASP A 331 -1.87 10.95 -23.47
CA ASP A 331 -0.65 11.70 -23.28
C ASP A 331 -1.06 13.16 -23.22
N SER A 332 -0.25 14.00 -22.58
CA SER A 332 -0.62 15.38 -22.31
C SER A 332 -0.83 16.20 -23.60
N THR A 333 -0.08 15.89 -24.65
CA THR A 333 -0.21 16.62 -25.91
C THR A 333 -1.59 16.39 -26.52
N THR A 334 -2.05 15.13 -26.45
CA THR A 334 -3.36 14.80 -26.96
C THR A 334 -4.44 15.48 -26.13
N ILE A 335 -4.34 15.42 -24.81
CA ILE A 335 -5.37 16.03 -23.97
C ILE A 335 -5.46 17.53 -24.27
N LEU A 336 -4.30 18.15 -24.40
CA LEU A 336 -4.25 19.59 -24.55
C LEU A 336 -4.68 19.97 -25.98
N GLY A 337 -4.31 19.13 -26.96
CA GLY A 337 -4.72 19.35 -28.33
C GLY A 337 -6.22 19.13 -28.54
N ILE A 338 -6.75 18.04 -27.99
CA ILE A 338 -8.19 17.84 -28.06
C ILE A 338 -8.94 18.96 -27.34
N GLY A 339 -8.44 19.35 -26.17
CA GLY A 339 -9.07 20.42 -25.40
C GLY A 339 -9.10 21.72 -26.17
N THR A 340 -8.07 21.93 -27.00
CA THR A 340 -7.94 23.12 -27.83
C THR A 340 -8.95 23.10 -28.99
N VAL A 341 -9.07 21.98 -29.69
CA VAL A 341 -10.11 21.82 -30.72
C VAL A 341 -11.49 22.11 -30.14
N LEU A 342 -11.81 21.48 -29.03
CA LEU A 342 -13.12 21.64 -28.38
C LEU A 342 -13.44 23.06 -27.94
N ASP A 343 -12.42 23.82 -27.53
CA ASP A 343 -12.66 25.19 -27.10
C ASP A 343 -12.74 26.16 -28.28
N GLN A 344 -12.16 25.76 -29.40
CA GLN A 344 -11.90 26.67 -30.50
C GLN A 344 -12.68 26.37 -31.78
N ALA A 345 -12.98 25.09 -32.03
CA ALA A 345 -13.48 24.66 -33.33
C ALA A 345 -14.73 25.41 -33.83
N GLU A 346 -15.73 25.57 -32.98
CA GLU A 346 -16.98 26.22 -33.41
C GLU A 346 -16.75 27.66 -33.89
N THR A 347 -16.04 28.46 -33.10
CA THR A 347 -15.66 29.81 -33.48
C THR A 347 -14.82 29.87 -34.77
N ALA A 348 -14.06 28.81 -35.05
CA ALA A 348 -13.25 28.76 -36.25
C ALA A 348 -14.01 28.26 -37.48
N GLY A 349 -15.33 28.10 -37.34
CA GLY A 349 -16.19 27.78 -38.48
C GLY A 349 -16.32 26.31 -38.82
N ALA A 350 -15.95 25.44 -37.87
CA ALA A 350 -16.08 24.02 -38.12
C ALA A 350 -17.54 23.63 -38.05
N ARG A 351 -17.87 22.61 -38.81
CA ARG A 351 -19.22 22.07 -38.77
C ARG A 351 -19.30 20.91 -37.81
N LEU A 352 -18.18 20.20 -37.69
CA LEU A 352 -18.21 18.90 -37.06
C LEU A 352 -16.84 18.59 -36.49
N VAL A 353 -16.83 18.27 -35.20
CA VAL A 353 -15.66 17.64 -34.57
C VAL A 353 -15.96 16.17 -34.33
N VAL A 354 -15.09 15.30 -34.83
CA VAL A 354 -15.27 13.87 -34.70
C VAL A 354 -14.22 13.33 -33.74
N LEU A 355 -14.64 12.71 -32.64
CA LEU A 355 -13.68 12.05 -31.76
C LEU A 355 -13.60 10.56 -32.09
N ALA A 356 -12.48 10.13 -32.66
CA ALA A 356 -12.45 8.83 -33.31
C ALA A 356 -11.51 7.84 -32.65
N THR A 357 -11.99 6.63 -32.39
CA THR A 357 -11.12 5.62 -31.76
C THR A 357 -11.72 4.23 -31.83
N ALA A 358 -10.84 3.22 -31.80
CA ALA A 358 -11.29 1.83 -31.73
C ALA A 358 -11.50 1.40 -30.30
N THR A 359 -11.11 2.25 -29.35
CA THR A 359 -11.11 1.86 -27.94
C THR A 359 -11.54 3.00 -27.01
N PRO A 360 -12.84 3.35 -27.02
CA PRO A 360 -13.40 4.41 -26.18
C PRO A 360 -13.48 4.01 -24.69
N PRO A 361 -13.68 5.00 -23.80
CA PRO A 361 -13.68 4.66 -22.37
C PRO A 361 -14.75 3.62 -22.05
N GLY A 362 -14.42 2.64 -21.20
CA GLY A 362 -15.41 1.63 -20.86
C GLY A 362 -15.32 0.41 -21.77
N SER A 363 -14.58 0.52 -22.87
CA SER A 363 -14.48 -0.64 -23.74
C SER A 363 -13.52 -1.66 -23.16
N VAL A 364 -13.67 -2.91 -23.62
CA VAL A 364 -12.80 -4.01 -23.25
C VAL A 364 -12.34 -4.68 -24.53
N THR A 365 -11.29 -5.48 -24.41
CA THR A 365 -10.74 -6.18 -25.55
C THR A 365 -11.64 -7.32 -25.93
N VAL A 366 -12.28 -7.21 -27.09
CA VAL A 366 -13.06 -8.32 -27.62
C VAL A 366 -12.28 -8.88 -28.80
N PRO A 367 -12.50 -10.16 -29.12
CA PRO A 367 -11.85 -10.85 -30.25
C PRO A 367 -11.92 -10.07 -31.56
N HIS A 368 -10.77 -9.99 -32.24
CA HIS A 368 -10.67 -9.31 -33.52
C HIS A 368 -10.65 -10.37 -34.62
N PRO A 369 -11.52 -10.21 -35.62
CA PRO A 369 -11.67 -11.25 -36.66
C PRO A 369 -10.36 -11.52 -37.42
N ASN A 370 -9.43 -10.57 -37.43
CA ASN A 370 -8.17 -10.74 -38.15
C ASN A 370 -7.05 -11.30 -37.30
N ILE A 371 -7.33 -11.53 -36.01
CA ILE A 371 -6.26 -11.85 -35.07
C ILE A 371 -6.48 -13.12 -34.29
N GLU A 372 -5.51 -14.03 -34.37
CA GLU A 372 -5.47 -15.19 -33.50
C GLU A 372 -4.58 -14.82 -32.34
N GLU A 373 -4.95 -15.24 -31.15
CA GLU A 373 -4.25 -14.82 -29.94
C GLU A 373 -3.68 -16.05 -29.25
N VAL A 374 -2.39 -16.03 -28.95
CA VAL A 374 -1.74 -17.17 -28.33
C VAL A 374 -0.85 -16.80 -27.15
N ALA A 375 -1.17 -17.35 -25.98
CA ALA A 375 -0.37 -17.14 -24.79
C ALA A 375 1.04 -17.67 -24.94
N LEU A 376 2.03 -16.83 -24.69
CA LEU A 376 3.40 -17.30 -24.57
C LEU A 376 3.48 -18.29 -23.41
N SER A 377 4.56 -19.07 -23.37
CA SER A 377 4.77 -20.05 -22.33
C SER A 377 6.20 -19.96 -21.81
N ASN A 378 6.46 -20.72 -20.75
CA ASN A 378 7.79 -20.79 -20.15
C ASN A 378 8.82 -21.46 -21.05
N THR A 379 8.37 -21.99 -22.18
CA THR A 379 9.25 -22.74 -23.08
C THR A 379 9.60 -21.94 -24.35
N GLY A 380 10.90 -21.71 -24.53
CA GLY A 380 11.35 -20.95 -25.67
C GLY A 380 12.75 -20.43 -25.42
N GLU A 381 13.38 -19.90 -26.45
CA GLU A 381 14.78 -19.49 -26.35
C GLU A 381 15.00 -18.12 -25.69
N ILE A 382 14.10 -17.17 -25.95
CA ILE A 382 14.25 -15.79 -25.49
C ILE A 382 13.38 -15.47 -24.28
N PRO A 383 13.99 -15.37 -23.08
CA PRO A 383 13.17 -15.01 -21.91
C PRO A 383 12.50 -13.67 -22.13
N PHE A 384 11.20 -13.63 -21.88
CA PHE A 384 10.43 -12.42 -22.12
C PHE A 384 9.48 -12.26 -20.96
N TYR A 385 9.82 -11.33 -20.07
CA TYR A 385 8.97 -10.96 -18.94
C TYR A 385 8.38 -12.13 -18.16
N GLY A 386 9.24 -13.04 -17.73
CA GLY A 386 8.82 -14.14 -16.89
C GLY A 386 8.33 -15.33 -17.69
N LYS A 387 8.12 -15.12 -18.99
CA LYS A 387 7.83 -16.22 -19.90
C LYS A 387 8.96 -16.35 -20.92
N ALA A 388 8.64 -16.84 -22.13
CA ALA A 388 9.67 -17.10 -23.15
C ALA A 388 9.17 -16.99 -24.60
N ILE A 389 10.06 -16.59 -25.48
CA ILE A 389 9.76 -16.52 -26.91
C ILE A 389 10.52 -17.57 -27.75
N PRO A 390 9.79 -18.43 -28.45
CA PRO A 390 10.39 -19.37 -29.40
C PRO A 390 10.90 -18.63 -30.64
N ILE A 391 12.20 -18.76 -30.94
CA ILE A 391 12.80 -18.03 -32.05
C ILE A 391 12.13 -18.35 -33.41
N GLU A 392 11.45 -19.49 -33.46
CA GLU A 392 10.71 -19.90 -34.65
C GLU A 392 9.43 -19.08 -34.89
N ALA A 393 9.03 -18.26 -33.93
CA ALA A 393 7.80 -17.48 -34.07
C ALA A 393 8.09 -16.09 -34.65
N ILE A 394 9.38 -15.74 -34.72
CA ILE A 394 9.81 -14.45 -35.27
C ILE A 394 10.93 -14.55 -36.31
N ARG A 395 11.47 -15.76 -36.48
CA ARG A 395 12.58 -16.00 -37.39
C ARG A 395 12.27 -15.52 -38.80
N GLY A 396 11.07 -15.82 -39.29
CA GLY A 396 10.65 -15.35 -40.59
C GLY A 396 9.42 -14.45 -40.48
N GLY A 397 9.40 -13.39 -41.29
CA GLY A 397 8.25 -12.53 -41.42
C GLY A 397 8.46 -11.13 -40.88
N ARG A 398 7.36 -10.43 -40.64
CA ARG A 398 7.42 -9.10 -40.01
C ARG A 398 6.74 -9.06 -38.64
N HIS A 399 7.51 -8.70 -37.60
CA HIS A 399 7.04 -8.83 -36.23
C HIS A 399 7.38 -7.62 -35.38
N LEU A 400 6.43 -7.27 -34.52
CA LEU A 400 6.54 -6.12 -33.63
C LEU A 400 6.40 -6.62 -32.21
N ILE A 401 7.41 -6.32 -31.40
CA ILE A 401 7.49 -6.76 -30.01
C ILE A 401 7.49 -5.55 -29.10
N PHE A 402 6.51 -5.47 -28.21
CA PHE A 402 6.45 -4.34 -27.30
C PHE A 402 7.17 -4.67 -25.99
N CYS A 403 8.08 -3.78 -25.60
CA CYS A 403 8.69 -3.80 -24.27
C CYS A 403 8.34 -2.51 -23.52
N HIS A 404 8.30 -2.59 -22.20
CA HIS A 404 7.85 -1.45 -21.42
C HIS A 404 8.84 -0.28 -21.41
N SER A 405 10.13 -0.59 -21.44
CA SER A 405 11.17 0.43 -21.39
C SER A 405 11.97 0.44 -22.67
N LYS A 406 12.51 1.60 -23.04
CA LYS A 406 13.31 1.71 -24.25
C LYS A 406 14.67 1.02 -24.04
N LYS A 407 15.04 0.84 -22.78
CA LYS A 407 16.23 0.08 -22.42
C LYS A 407 16.00 -1.42 -22.69
N LYS A 408 14.91 -1.95 -22.17
CA LYS A 408 14.54 -3.32 -22.47
C LYS A 408 14.46 -3.52 -23.98
N CYS A 409 14.09 -2.47 -24.70
CA CYS A 409 14.07 -2.51 -26.15
C CYS A 409 15.49 -2.72 -26.68
N ASP A 410 16.43 -1.93 -26.17
CA ASP A 410 17.84 -2.04 -26.58
C ASP A 410 18.37 -3.44 -26.30
N GLU A 411 18.13 -3.90 -25.07
CA GLU A 411 18.62 -5.21 -24.64
C GLU A 411 18.07 -6.33 -25.50
N LEU A 412 16.76 -6.37 -25.66
CA LEU A 412 16.12 -7.42 -26.44
C LEU A 412 16.60 -7.41 -27.89
N ALA A 413 16.56 -6.24 -28.52
CA ALA A 413 16.92 -6.12 -29.92
C ALA A 413 18.37 -6.55 -30.15
N ALA A 414 19.22 -6.27 -29.16
CA ALA A 414 20.61 -6.73 -29.22
C ALA A 414 20.69 -8.25 -29.01
N LYS A 415 19.90 -8.76 -28.07
CA LYS A 415 19.80 -10.21 -27.88
C LYS A 415 19.41 -10.89 -29.19
N LEU A 416 18.36 -10.37 -29.82
CA LEU A 416 17.86 -10.94 -31.09
C LEU A 416 18.87 -10.84 -32.24
N SER A 417 19.56 -9.69 -32.33
CA SER A 417 20.52 -9.46 -33.39
C SER A 417 21.73 -10.36 -33.22
N GLY A 418 21.86 -10.96 -32.04
CA GLY A 418 22.92 -11.92 -31.77
C GLY A 418 22.44 -13.35 -31.97
N LEU A 419 21.28 -13.50 -32.60
CA LEU A 419 20.74 -14.81 -32.91
C LEU A 419 20.42 -14.95 -34.40
N GLY A 420 20.95 -14.04 -35.20
CA GLY A 420 20.71 -14.06 -36.63
C GLY A 420 19.44 -13.36 -37.07
N ILE A 421 18.79 -12.68 -36.14
CA ILE A 421 17.57 -11.94 -36.45
C ILE A 421 17.86 -10.50 -36.88
N ASN A 422 17.06 -9.98 -37.80
CA ASN A 422 17.16 -8.58 -38.21
C ASN A 422 16.24 -7.70 -37.36
N ALA A 423 16.69 -7.39 -36.14
CA ALA A 423 15.86 -6.67 -35.18
C ALA A 423 16.27 -5.20 -35.01
N VAL A 424 15.28 -4.33 -34.94
CA VAL A 424 15.51 -2.90 -34.73
C VAL A 424 14.67 -2.41 -33.55
N ALA A 425 15.28 -1.61 -32.68
CA ALA A 425 14.60 -1.06 -31.52
C ALA A 425 14.16 0.38 -31.76
N TYR A 426 12.86 0.64 -31.66
CA TYR A 426 12.35 1.99 -31.86
C TYR A 426 11.70 2.57 -30.62
N TYR A 427 11.91 3.87 -30.44
CA TYR A 427 11.20 4.65 -29.44
C TYR A 427 11.41 6.11 -29.83
N ARG A 428 10.84 7.05 -29.07
CA ARG A 428 11.03 8.43 -29.43
C ARG A 428 12.45 8.88 -29.13
N GLY A 429 12.98 9.73 -30.00
CA GLY A 429 14.38 10.10 -29.97
C GLY A 429 15.03 9.58 -31.22
N LEU A 430 14.71 8.33 -31.58
CA LEU A 430 15.19 7.75 -32.81
C LEU A 430 14.31 8.21 -33.96
N ASP A 431 14.87 8.22 -35.17
CA ASP A 431 14.12 8.62 -36.35
C ASP A 431 13.26 7.48 -36.84
N VAL A 432 12.19 7.82 -37.56
CA VAL A 432 11.25 6.83 -38.08
C VAL A 432 11.86 5.97 -39.18
N SER A 433 12.99 6.40 -39.72
CA SER A 433 13.65 5.70 -40.82
C SER A 433 14.28 4.37 -40.41
N VAL A 434 14.63 4.26 -39.13
CA VAL A 434 15.28 3.06 -38.63
C VAL A 434 14.48 1.79 -38.96
N ILE A 435 13.16 1.95 -39.11
CA ILE A 435 12.25 0.83 -39.37
C ILE A 435 12.14 0.51 -40.85
N PRO A 436 12.64 -0.66 -41.26
CA PRO A 436 12.50 -1.06 -42.66
C PRO A 436 11.02 -1.21 -43.05
N THR A 437 10.64 -0.65 -44.19
CA THR A 437 9.26 -0.72 -44.66
C THR A 437 8.98 -2.03 -45.36
N ILE A 438 10.02 -2.65 -45.93
CA ILE A 438 9.84 -3.89 -46.65
C ILE A 438 10.71 -5.01 -46.09
N GLY A 439 10.20 -6.25 -46.16
CA GLY A 439 10.97 -7.43 -45.85
C GLY A 439 11.12 -7.80 -44.38
N ASP A 440 11.42 -9.08 -44.15
CA ASP A 440 11.58 -9.63 -42.81
C ASP A 440 12.25 -8.68 -41.80
N VAL A 441 11.64 -8.59 -40.62
CA VAL A 441 12.14 -7.72 -39.56
C VAL A 441 11.49 -8.02 -38.20
N VAL A 442 12.21 -7.74 -37.12
CA VAL A 442 11.61 -7.76 -35.79
C VAL A 442 11.80 -6.41 -35.12
N VAL A 443 10.76 -5.57 -35.18
CA VAL A 443 10.85 -4.26 -34.54
C VAL A 443 10.53 -4.37 -33.05
N VAL A 444 11.46 -3.91 -32.22
CA VAL A 444 11.28 -3.95 -30.77
C VAL A 444 11.04 -2.53 -30.28
N ALA A 445 9.80 -2.27 -29.87
CA ALA A 445 9.35 -0.90 -29.70
C ALA A 445 8.77 -0.59 -28.34
N THR A 446 8.79 0.69 -28.00
CA THR A 446 8.01 1.16 -26.89
C THR A 446 6.63 1.47 -27.45
N ASP A 447 5.80 2.10 -26.63
CA ASP A 447 4.49 2.50 -27.07
C ASP A 447 4.51 3.69 -28.03
N ALA A 448 5.69 4.04 -28.55
CA ALA A 448 5.77 5.01 -29.63
C ALA A 448 5.07 4.43 -30.86
N LEU A 449 4.83 3.13 -30.83
CA LEU A 449 4.29 2.42 -31.97
C LEU A 449 2.97 1.73 -31.63
N MET A 450 2.43 2.07 -30.46
CA MET A 450 1.20 1.48 -29.96
C MET A 450 -0.01 1.94 -30.76
N THR A 451 -0.04 3.23 -31.10
CA THR A 451 -1.24 3.91 -31.60
C THR A 451 -1.12 4.37 -33.06
N GLY A 452 -2.12 4.05 -33.88
CA GLY A 452 -2.23 4.64 -35.21
C GLY A 452 -1.45 3.97 -36.33
N TYR A 453 -0.25 3.49 -35.98
CA TYR A 453 0.73 2.98 -36.94
C TYR A 453 0.34 1.67 -37.64
N THR A 454 0.58 1.62 -38.95
CA THR A 454 0.48 0.39 -39.75
C THR A 454 1.87 0.12 -40.33
N GLY A 455 2.49 -0.97 -39.86
CA GLY A 455 3.83 -1.31 -40.28
C GLY A 455 3.85 -2.70 -40.86
N ASP A 456 2.70 -3.14 -41.37
CA ASP A 456 2.59 -4.42 -42.04
C ASP A 456 3.23 -5.53 -41.20
N PHE A 457 2.67 -5.80 -40.02
CA PHE A 457 3.26 -6.78 -39.12
C PHE A 457 2.52 -8.11 -39.11
N ASP A 458 3.25 -9.20 -39.29
CA ASP A 458 2.64 -10.53 -39.24
C ASP A 458 2.16 -10.85 -37.83
N SER A 459 2.97 -10.52 -36.83
CA SER A 459 2.58 -10.78 -35.45
C SER A 459 2.94 -9.63 -34.51
N VAL A 460 2.17 -9.50 -33.42
CA VAL A 460 2.56 -8.66 -32.30
C VAL A 460 2.82 -9.53 -31.07
N ILE A 461 3.94 -9.26 -30.38
CA ILE A 461 4.24 -9.88 -29.10
C ILE A 461 4.27 -8.83 -28.00
N ASP A 462 3.59 -9.09 -26.89
CA ASP A 462 3.23 -8.04 -25.92
C ASP A 462 3.60 -8.41 -24.48
N CYS A 463 4.42 -7.58 -23.83
CA CYS A 463 4.82 -7.80 -22.42
C CYS A 463 3.65 -7.61 -21.48
N ASN A 464 2.61 -6.93 -21.97
CA ASN A 464 1.40 -6.66 -21.20
C ASN A 464 1.60 -5.69 -20.03
N THR A 465 2.73 -5.00 -20.00
CA THR A 465 2.94 -3.97 -18.98
C THR A 465 3.42 -2.67 -19.62
N CYS A 466 3.28 -1.59 -18.86
CA CYS A 466 3.80 -0.30 -19.32
C CYS A 466 4.22 0.60 -18.17
N VAL A 467 4.67 1.79 -18.53
CA VAL A 467 5.15 2.76 -17.59
C VAL A 467 4.16 3.93 -17.46
N THR A 468 3.78 4.25 -16.24
CA THR A 468 2.89 5.38 -16.00
C THR A 468 3.41 6.27 -14.88
N GLN A 469 2.91 7.50 -14.83
CA GLN A 469 3.23 8.39 -13.72
C GLN A 469 2.00 8.64 -12.90
N THR A 470 2.17 8.68 -11.59
CA THR A 470 1.07 9.10 -10.75
C THR A 470 1.56 10.14 -9.79
N VAL A 471 0.64 11.03 -9.43
CA VAL A 471 0.95 12.04 -8.46
C VAL A 471 0.42 11.58 -7.12
N ASP A 472 1.26 11.77 -6.11
CA ASP A 472 0.92 11.51 -4.73
C ASP A 472 1.06 12.84 -3.99
N PHE A 473 0.00 13.26 -3.29
CA PHE A 473 0.04 14.51 -2.57
C PHE A 473 0.65 14.30 -1.19
N SER A 474 1.95 14.08 -1.18
CA SER A 474 2.66 13.55 -0.04
C SER A 474 3.07 14.59 1.02
N LEU A 475 2.92 15.87 0.70
CA LEU A 475 3.21 16.90 1.68
C LEU A 475 4.59 16.73 2.30
N ASP A 476 5.57 16.25 1.53
CA ASP A 476 6.95 16.06 2.01
C ASP A 476 7.97 16.69 1.08
N PRO A 477 7.87 18.00 0.80
CA PRO A 477 6.91 18.92 1.43
C PRO A 477 5.63 19.18 0.66
N THR A 478 5.54 18.76 -0.61
CA THR A 478 4.40 19.20 -1.43
C THR A 478 3.71 18.03 -2.15
N PHE A 479 4.17 17.72 -3.35
CA PHE A 479 3.69 16.57 -4.11
C PHE A 479 4.84 15.75 -4.67
N THR A 480 4.51 14.54 -5.12
CA THR A 480 5.46 13.59 -5.65
C THR A 480 4.91 13.09 -6.98
N ILE A 481 5.75 13.05 -8.00
CA ILE A 481 5.39 12.41 -9.24
C ILE A 481 6.18 11.14 -9.31
N GLU A 482 5.51 10.02 -9.44
CA GLU A 482 6.21 8.74 -9.44
C GLU A 482 6.04 7.97 -10.73
N THR A 483 7.09 7.28 -11.09
CA THR A 483 7.06 6.43 -12.25
C THR A 483 7.01 5.00 -11.78
N THR A 484 6.09 4.23 -12.33
CA THR A 484 5.99 2.82 -11.99
C THR A 484 5.63 2.06 -13.24
N THR A 485 5.89 0.76 -13.23
CA THR A 485 5.46 -0.06 -14.31
C THR A 485 4.30 -0.89 -13.78
N VAL A 486 3.20 -0.91 -14.52
CA VAL A 486 1.96 -1.53 -14.08
C VAL A 486 1.41 -2.44 -15.16
N PRO A 487 0.42 -3.28 -14.81
CA PRO A 487 -0.25 -4.07 -15.85
C PRO A 487 -0.96 -3.15 -16.86
N GLN A 488 -1.01 -3.55 -18.12
CA GLN A 488 -1.61 -2.71 -19.16
C GLN A 488 -3.13 -2.59 -19.02
N ASP A 489 -3.70 -1.50 -19.52
CA ASP A 489 -5.14 -1.41 -19.56
C ASP A 489 -5.71 -1.88 -20.92
N ALA A 490 -7.03 -1.80 -21.05
CA ALA A 490 -7.76 -2.35 -22.19
C ALA A 490 -7.46 -1.62 -23.49
N VAL A 491 -7.25 -0.33 -23.40
CA VAL A 491 -6.81 0.45 -24.55
C VAL A 491 -5.48 -0.13 -25.04
N SER A 492 -4.53 -0.25 -24.12
CA SER A 492 -3.19 -0.74 -24.45
C SER A 492 -3.19 -2.13 -25.11
N ARG A 493 -3.82 -3.09 -24.46
CA ARG A 493 -3.94 -4.43 -25.01
C ARG A 493 -4.55 -4.39 -26.42
N SER A 494 -5.68 -3.70 -26.59
CA SER A 494 -6.33 -3.66 -27.91
C SER A 494 -5.53 -2.86 -28.95
N GLN A 495 -4.87 -1.79 -28.50
CA GLN A 495 -4.12 -0.97 -29.46
C GLN A 495 -2.83 -1.67 -29.88
N ARG A 496 -2.09 -2.22 -28.93
CA ARG A 496 -0.86 -2.95 -29.25
C ARG A 496 -1.20 -4.12 -30.16
N ARG A 497 -2.16 -4.93 -29.72
CA ARG A 497 -2.61 -6.07 -30.51
C ARG A 497 -2.99 -5.62 -31.92
N GLY A 498 -3.66 -4.47 -32.00
CA GLY A 498 -4.17 -3.97 -33.26
C GLY A 498 -3.08 -3.48 -34.21
N ARG A 499 -1.82 -3.58 -33.82
CA ARG A 499 -0.73 -3.24 -34.74
C ARG A 499 -0.54 -4.34 -35.78
N THR A 500 -1.11 -5.51 -35.50
CA THR A 500 -1.12 -6.60 -36.47
C THR A 500 -2.54 -6.85 -36.98
N GLY A 501 -2.67 -7.68 -38.02
CA GLY A 501 -3.97 -8.01 -38.58
C GLY A 501 -4.72 -6.78 -39.07
N ARG A 502 -3.99 -5.87 -39.72
CA ARG A 502 -4.58 -4.64 -40.18
C ARG A 502 -5.50 -4.86 -41.39
N GLY A 503 -4.97 -5.42 -42.47
CA GLY A 503 -5.81 -5.76 -43.61
C GLY A 503 -5.79 -7.24 -43.93
N ARG A 504 -5.22 -8.02 -43.01
CA ARG A 504 -5.08 -9.45 -43.21
C ARG A 504 -5.11 -10.15 -41.87
N ARG A 505 -4.81 -11.45 -41.90
CA ARG A 505 -4.68 -12.26 -40.70
C ARG A 505 -3.42 -11.86 -39.93
N GLY A 506 -3.47 -11.96 -38.60
CA GLY A 506 -2.29 -11.71 -37.77
C GLY A 506 -2.24 -12.56 -36.50
N ILE A 507 -1.05 -12.66 -35.91
CA ILE A 507 -0.88 -13.34 -34.61
C ILE A 507 -0.55 -12.40 -33.44
N TYR A 508 -1.27 -12.55 -32.32
CA TYR A 508 -0.96 -11.81 -31.07
C TYR A 508 -0.44 -12.75 -29.97
N ARG A 509 0.80 -12.54 -29.55
CA ARG A 509 1.37 -13.31 -28.45
C ARG A 509 1.54 -12.44 -27.19
N PHE A 510 1.07 -12.96 -26.05
CA PHE A 510 1.07 -12.20 -24.81
C PHE A 510 1.64 -12.98 -23.65
N VAL A 511 2.00 -12.25 -22.59
CA VAL A 511 2.52 -12.83 -21.35
C VAL A 511 1.40 -13.08 -20.33
N THR A 512 0.41 -12.20 -20.28
CA THR A 512 -0.64 -12.27 -19.29
C THR A 512 -1.99 -11.98 -19.93
N PRO A 513 -3.04 -12.67 -19.49
CA PRO A 513 -4.39 -12.58 -20.07
C PRO A 513 -5.27 -11.40 -19.69
N GLY A 514 -5.02 -10.74 -18.56
CA GLY A 514 -5.96 -9.71 -18.14
C GLY A 514 -5.79 -8.31 -18.75
N GLU A 515 -6.48 -7.35 -18.16
CA GLU A 515 -6.30 -5.95 -18.52
C GLU A 515 -7.05 -5.11 -17.51
N ARG A 516 -6.51 -3.95 -17.17
CA ARG A 516 -7.20 -3.01 -16.30
C ARG A 516 -8.23 -2.25 -17.14
N PRO A 517 -9.19 -1.62 -16.49
CA PRO A 517 -10.19 -0.86 -17.24
C PRO A 517 -9.55 0.30 -18.01
N SER A 518 -10.22 0.71 -19.10
CA SER A 518 -9.76 1.79 -19.97
C SER A 518 -10.45 3.10 -19.61
N GLY A 519 -9.98 4.22 -20.18
CA GLY A 519 -10.69 5.47 -20.08
C GLY A 519 -10.49 6.34 -18.85
N MET A 520 -9.49 6.03 -18.04
CA MET A 520 -9.15 6.89 -16.90
C MET A 520 -7.71 7.35 -16.99
N PHE A 521 -7.42 8.58 -16.62
CA PHE A 521 -6.02 8.99 -16.55
C PHE A 521 -5.73 9.70 -15.23
N ASP A 522 -4.45 9.76 -14.85
CA ASP A 522 -4.05 10.34 -13.59
C ASP A 522 -3.94 11.87 -13.63
N SER A 523 -4.03 12.49 -12.46
CA SER A 523 -3.86 13.94 -12.28
C SER A 523 -2.47 14.46 -12.70
N SER A 524 -1.45 13.63 -12.61
CA SER A 524 -0.14 14.00 -13.08
C SER A 524 -0.17 14.39 -14.56
N VAL A 525 -1.12 13.84 -15.32
CA VAL A 525 -1.23 14.22 -16.74
C VAL A 525 -1.68 15.69 -16.88
N LEU A 526 -2.57 16.12 -16.00
CA LEU A 526 -3.00 17.51 -16.03
C LEU A 526 -1.80 18.41 -15.69
N CYS A 527 -0.99 17.98 -14.73
CA CYS A 527 0.25 18.67 -14.40
C CYS A 527 1.16 18.78 -15.63
N GLU A 528 1.26 17.70 -16.39
CA GLU A 528 2.08 17.72 -17.61
C GLU A 528 1.55 18.69 -18.65
N CYS A 529 0.23 18.81 -18.76
CA CYS A 529 -0.38 19.76 -19.70
C CYS A 529 0.02 21.20 -19.38
N TYR A 530 -0.05 21.59 -18.11
CA TYR A 530 0.36 22.93 -17.71
C TYR A 530 1.85 23.11 -18.00
N ASP A 531 2.62 22.07 -17.70
CA ASP A 531 4.07 22.09 -17.91
C ASP A 531 4.31 22.32 -19.38
N ALA A 532 3.61 21.56 -20.22
CA ALA A 532 3.77 21.69 -21.67
C ALA A 532 3.32 23.05 -22.14
N GLY A 533 2.18 23.51 -21.62
CA GLY A 533 1.68 24.84 -21.89
C GLY A 533 2.77 25.90 -21.66
N CYS A 534 3.43 25.87 -20.50
CA CYS A 534 4.47 26.85 -20.18
C CYS A 534 5.76 26.63 -20.98
N ALA A 535 6.14 25.37 -21.18
CA ALA A 535 7.38 25.04 -21.83
C ALA A 535 7.35 25.24 -23.36
N TRP A 536 6.30 24.74 -24.01
CA TRP A 536 6.32 24.65 -25.46
C TRP A 536 5.39 25.61 -26.21
N TYR A 537 4.20 25.85 -25.66
CA TYR A 537 3.14 26.46 -26.44
C TYR A 537 2.77 27.87 -26.02
N GLU A 538 3.62 28.49 -25.21
CA GLU A 538 3.40 29.86 -24.77
C GLU A 538 2.04 30.12 -24.12
N LEU A 539 1.49 29.13 -23.43
CA LEU A 539 0.20 29.31 -22.74
C LEU A 539 0.37 29.69 -21.28
N THR A 540 -0.32 30.72 -20.85
CA THR A 540 -0.41 31.01 -19.42
C THR A 540 -1.20 29.86 -18.78
N PRO A 541 -0.97 29.61 -17.48
CA PRO A 541 -1.73 28.54 -16.84
C PRO A 541 -3.24 28.79 -16.95
N ALA A 542 -3.67 30.05 -17.09
CA ALA A 542 -5.10 30.34 -17.21
C ALA A 542 -5.65 29.90 -18.58
N GLU A 543 -4.88 30.16 -19.62
CA GLU A 543 -5.27 29.73 -20.95
C GLU A 543 -5.34 28.22 -20.97
N THR A 544 -4.33 27.58 -20.42
CA THR A 544 -4.31 26.12 -20.34
C THR A 544 -5.58 25.60 -19.67
N SER A 545 -6.03 26.23 -18.59
CA SER A 545 -7.28 25.82 -17.93
C SER A 545 -8.50 25.86 -18.85
N VAL A 546 -8.65 26.93 -19.63
CA VAL A 546 -9.75 27.05 -20.56
C VAL A 546 -9.79 25.76 -21.42
N ARG A 547 -8.67 25.43 -22.03
CA ARG A 547 -8.60 24.25 -22.92
C ARG A 547 -8.83 22.94 -22.19
N LEU A 548 -8.26 22.78 -21.00
CA LEU A 548 -8.45 21.55 -20.27
C LEU A 548 -9.91 21.44 -19.84
N ARG A 549 -10.53 22.58 -19.53
CA ARG A 549 -11.93 22.57 -19.11
C ARG A 549 -12.87 22.16 -20.25
N ALA A 550 -12.58 22.61 -21.47
CA ALA A 550 -13.37 22.16 -22.61
C ALA A 550 -13.30 20.64 -22.73
N TYR A 551 -12.12 20.09 -22.42
CA TYR A 551 -11.92 18.66 -22.52
C TYR A 551 -12.70 17.93 -21.42
N LEU A 552 -12.57 18.39 -20.18
CA LEU A 552 -13.23 17.75 -19.05
C LEU A 552 -14.77 17.86 -19.13
N ASN A 553 -15.28 18.92 -19.75
CA ASN A 553 -16.72 19.07 -19.95
C ASN A 553 -17.33 18.33 -21.13
N THR A 554 -16.54 17.50 -21.82
CA THR A 554 -17.03 16.82 -23.01
C THR A 554 -17.21 15.34 -22.72
N PRO A 555 -18.44 14.84 -22.90
CA PRO A 555 -18.87 13.46 -22.62
C PRO A 555 -18.18 12.51 -23.57
N GLY A 556 -17.88 11.28 -23.15
CA GLY A 556 -17.35 10.28 -24.06
C GLY A 556 -15.83 10.27 -24.20
N LEU A 557 -15.16 11.18 -23.51
CA LEU A 557 -13.70 11.20 -23.53
C LEU A 557 -13.17 10.54 -22.25
N PRO A 558 -11.90 10.15 -22.23
CA PRO A 558 -11.27 9.66 -21.00
C PRO A 558 -11.44 10.65 -19.83
N VAL A 559 -11.49 10.14 -18.60
CA VAL A 559 -11.78 10.99 -17.45
C VAL A 559 -10.64 11.03 -16.43
N CYS A 560 -10.66 12.07 -15.62
CA CYS A 560 -9.60 12.33 -14.67
C CYS A 560 -10.25 13.11 -13.55
N GLN A 561 -9.63 13.09 -12.36
CA GLN A 561 -10.06 13.97 -11.30
C GLN A 561 -9.87 15.42 -11.74
N ASP A 562 -10.82 16.26 -11.35
CA ASP A 562 -10.79 17.67 -11.69
C ASP A 562 -9.88 18.45 -10.70
N HIS A 563 -8.58 18.49 -10.98
CA HIS A 563 -7.59 19.21 -10.19
C HIS A 563 -7.09 20.43 -10.98
N LEU A 564 -7.98 21.01 -11.79
CA LEU A 564 -7.63 22.10 -12.68
C LEU A 564 -7.23 23.36 -11.92
N GLU A 565 -8.06 23.78 -10.97
CA GLU A 565 -7.73 24.94 -10.11
C GLU A 565 -6.42 24.74 -9.38
N PHE A 566 -6.26 23.56 -8.78
CA PHE A 566 -5.02 23.29 -8.06
C PHE A 566 -3.77 23.41 -8.94
N TRP A 567 -3.77 22.78 -10.12
CA TRP A 567 -2.53 22.77 -10.88
C TRP A 567 -2.22 24.18 -11.36
N GLU A 568 -3.26 24.89 -11.77
CA GLU A 568 -3.09 26.24 -12.27
C GLU A 568 -2.44 27.13 -11.21
N SER A 569 -2.90 27.00 -9.97
CA SER A 569 -2.34 27.75 -8.86
C SER A 569 -0.83 27.48 -8.73
N VAL A 570 -0.44 26.21 -8.83
CA VAL A 570 0.96 25.84 -8.77
C VAL A 570 1.79 26.51 -9.89
N PHE A 571 1.39 26.33 -11.15
CA PHE A 571 2.20 26.90 -12.22
C PHE A 571 2.16 28.43 -12.26
N THR A 572 1.07 29.03 -11.82
CA THR A 572 1.00 30.48 -11.76
C THR A 572 2.10 31.06 -10.86
N GLY A 573 2.59 30.29 -9.91
CA GLY A 573 3.60 30.78 -8.98
C GLY A 573 5.03 30.51 -9.42
N LEU A 574 5.21 29.76 -10.50
CA LEU A 574 6.56 29.41 -10.94
C LEU A 574 7.08 30.41 -11.98
N THR A 575 7.58 31.54 -11.49
CA THR A 575 7.88 32.70 -12.35
C THR A 575 9.38 32.94 -12.48
N HIS A 576 9.77 33.56 -13.59
CA HIS A 576 11.16 33.93 -13.86
C HIS A 576 12.06 32.72 -13.98
N ILE A 577 11.59 31.72 -14.70
CA ILE A 577 12.39 30.52 -14.90
C ILE A 577 13.68 30.94 -15.62
N ASP A 578 14.72 30.14 -15.47
CA ASP A 578 15.94 30.38 -16.25
C ASP A 578 15.76 29.84 -17.68
N ALA A 579 15.76 30.73 -18.66
CA ALA A 579 15.43 30.38 -20.04
C ALA A 579 16.46 29.44 -20.63
N HIS A 580 17.66 29.49 -20.07
CA HIS A 580 18.70 28.61 -20.55
C HIS A 580 18.39 27.19 -20.08
N PHE A 581 18.09 27.02 -18.79
CA PHE A 581 17.81 25.68 -18.31
C PHE A 581 16.57 25.11 -19.01
N LEU A 582 15.55 25.93 -19.20
CA LEU A 582 14.31 25.45 -19.81
C LEU A 582 14.61 25.02 -21.24
N SER A 583 15.53 25.71 -21.91
CA SER A 583 15.88 25.40 -23.28
C SER A 583 16.58 24.05 -23.36
N GLN A 584 17.38 23.75 -22.35
CA GLN A 584 18.03 22.47 -22.27
C GLN A 584 17.10 21.31 -21.85
N THR A 585 16.22 21.52 -20.89
CA THR A 585 15.30 20.43 -20.54
C THR A 585 14.31 20.16 -21.68
N LYS A 586 13.90 21.19 -22.41
CA LYS A 586 13.01 20.99 -23.55
C LYS A 586 13.72 20.14 -24.60
N GLN A 587 14.95 20.52 -24.93
CA GLN A 587 15.68 19.83 -25.98
C GLN A 587 15.99 18.38 -25.60
N ALA A 588 16.27 18.15 -24.33
CA ALA A 588 16.65 16.81 -23.90
C ALA A 588 15.47 15.84 -24.00
N GLY A 589 14.25 16.37 -24.03
CA GLY A 589 13.10 15.54 -24.36
C GLY A 589 12.52 14.71 -23.24
N ASP A 590 13.09 14.81 -22.04
CA ASP A 590 12.53 14.09 -20.89
C ASP A 590 11.28 14.77 -20.30
N ASN A 591 10.57 14.06 -19.42
CA ASN A 591 9.33 14.59 -18.85
C ASN A 591 9.43 15.84 -17.97
N PHE A 592 8.33 16.56 -17.81
CA PHE A 592 8.28 17.74 -16.99
C PHE A 592 9.48 18.68 -17.23
N PRO A 593 9.79 19.01 -18.50
CA PRO A 593 10.88 19.96 -18.72
C PRO A 593 10.67 21.29 -17.95
N TYR A 594 9.43 21.77 -17.81
CA TYR A 594 9.23 23.01 -17.05
C TYR A 594 9.56 22.86 -15.55
N LEU A 595 8.99 21.82 -14.93
CA LEU A 595 9.23 21.57 -13.51
C LEU A 595 10.68 21.29 -13.22
N VAL A 596 11.33 20.54 -14.12
CA VAL A 596 12.74 20.22 -13.90
C VAL A 596 13.55 21.51 -13.98
N ALA A 597 13.41 22.26 -15.08
CA ALA A 597 14.19 23.47 -15.26
C ALA A 597 13.90 24.47 -14.15
N TYR A 598 12.68 24.45 -13.62
CA TYR A 598 12.33 25.40 -12.58
C TYR A 598 13.04 25.11 -11.26
N GLN A 599 13.20 23.82 -10.97
CA GLN A 599 13.87 23.39 -9.76
C GLN A 599 15.36 23.66 -9.93
N ALA A 600 15.83 23.49 -11.17
CA ALA A 600 17.22 23.77 -11.50
C ALA A 600 17.48 25.27 -11.35
N THR A 601 16.49 26.08 -11.70
CA THR A 601 16.61 27.54 -11.59
C THR A 601 16.77 27.94 -10.12
N VAL A 602 15.84 27.47 -9.29
CA VAL A 602 15.90 27.75 -7.87
C VAL A 602 17.21 27.28 -7.21
N CYS A 603 17.75 26.12 -7.64
CA CYS A 603 19.01 25.62 -7.12
C CYS A 603 20.20 26.49 -7.53
N ALA A 604 20.28 26.81 -8.82
CA ALA A 604 21.36 27.65 -9.33
C ALA A 604 21.40 29.01 -8.61
N ARG A 605 20.24 29.62 -8.40
CA ARG A 605 20.19 30.95 -7.79
C ARG A 605 20.54 30.92 -6.30
N ALA A 606 20.52 29.73 -5.72
CA ALA A 606 20.86 29.57 -4.30
C ALA A 606 22.24 28.98 -4.20
N GLN A 607 22.91 28.81 -5.34
CA GLN A 607 24.13 28.00 -5.40
C GLN A 607 24.04 26.69 -4.61
N ALA A 608 22.88 26.04 -4.69
CA ALA A 608 22.64 24.74 -4.06
C ALA A 608 22.57 23.65 -5.13
N PRO A 609 22.91 22.41 -4.76
CA PRO A 609 22.90 21.28 -5.70
C PRO A 609 21.48 20.82 -6.01
N PRO A 610 21.27 20.08 -7.11
CA PRO A 610 19.93 19.53 -7.38
C PRO A 610 19.62 18.40 -6.36
N PRO A 611 18.36 17.97 -6.28
CA PRO A 611 17.95 16.90 -5.37
C PRO A 611 18.89 15.68 -5.43
N SER A 612 19.42 15.40 -6.61
CA SER A 612 20.44 14.37 -6.79
C SER A 612 21.28 14.68 -8.02
N TRP A 613 22.18 13.78 -8.38
CA TRP A 613 22.94 13.94 -9.61
C TRP A 613 22.55 12.94 -10.71
N ASP A 614 21.33 12.44 -10.64
CA ASP A 614 20.77 11.63 -11.72
C ASP A 614 20.76 12.43 -13.02
N GLN A 615 20.60 11.74 -14.13
CA GLN A 615 20.53 12.39 -15.44
C GLN A 615 19.37 13.40 -15.56
N MET A 616 18.34 13.24 -14.75
CA MET A 616 17.27 14.22 -14.70
C MET A 616 17.82 15.63 -14.53
N TRP A 617 18.89 15.73 -13.77
CA TRP A 617 19.45 17.02 -13.38
C TRP A 617 20.71 17.37 -14.15
N LYS A 618 20.87 16.79 -15.35
CA LYS A 618 22.12 16.97 -16.10
C LYS A 618 22.36 18.42 -16.54
N CYS A 619 21.30 19.20 -16.72
CA CYS A 619 21.50 20.61 -17.01
C CYS A 619 22.39 21.33 -15.97
N LEU A 620 22.54 20.75 -14.77
CA LEU A 620 23.32 21.42 -13.73
C LEU A 620 24.72 20.83 -13.58
N ILE A 621 25.05 19.82 -14.38
CA ILE A 621 26.30 19.09 -14.17
C ILE A 621 27.55 19.96 -14.26
N ARG A 622 27.60 20.86 -15.22
CA ARG A 622 28.77 21.71 -15.38
C ARG A 622 28.96 22.64 -14.17
N LEU A 623 27.93 22.81 -13.35
CA LEU A 623 27.99 23.75 -12.22
C LEU A 623 28.35 23.07 -10.91
N LYS A 624 28.43 21.75 -10.93
CA LYS A 624 28.65 20.94 -9.73
C LYS A 624 29.72 21.51 -8.79
N PRO A 625 30.87 21.92 -9.33
CA PRO A 625 31.91 22.31 -8.38
C PRO A 625 31.56 23.53 -7.56
N THR A 626 30.62 24.36 -7.99
CA THR A 626 30.27 25.56 -7.24
C THR A 626 28.94 25.45 -6.50
N LEU A 627 28.36 24.26 -6.44
CA LEU A 627 27.07 24.11 -5.74
C LEU A 627 27.25 23.35 -4.43
N HIS A 628 26.72 23.89 -3.35
CA HIS A 628 27.02 23.33 -2.06
C HIS A 628 25.81 23.56 -1.19
N GLY A 629 25.66 22.73 -0.16
CA GLY A 629 24.57 22.89 0.77
C GLY A 629 23.32 22.11 0.41
N PRO A 630 22.23 22.33 1.15
CA PRO A 630 20.99 21.59 0.95
C PRO A 630 20.17 22.11 -0.22
N THR A 631 19.42 21.21 -0.85
CA THR A 631 18.55 21.57 -1.95
C THR A 631 17.30 22.27 -1.42
N PRO A 632 16.99 23.48 -1.91
CA PRO A 632 15.68 24.09 -1.65
C PRO A 632 14.62 23.34 -2.47
N LEU A 633 14.11 22.25 -1.88
CA LEU A 633 13.25 21.29 -2.59
C LEU A 633 11.85 21.87 -2.83
N LEU A 634 11.39 21.85 -4.08
CA LEU A 634 10.07 22.40 -4.43
C LEU A 634 8.98 21.32 -4.49
N TYR A 635 9.39 20.11 -4.86
CA TYR A 635 8.49 18.98 -5.09
C TYR A 635 9.38 17.77 -5.36
N ARG A 636 8.80 16.58 -5.45
CA ARG A 636 9.63 15.38 -5.71
C ARG A 636 9.35 14.75 -7.04
N LEU A 637 10.38 14.70 -7.88
CA LEU A 637 10.24 14.20 -9.25
C LEU A 637 11.10 12.98 -9.47
N GLY A 638 11.80 12.58 -8.42
CA GLY A 638 12.57 11.35 -8.39
C GLY A 638 13.17 11.22 -7.01
N ALA A 639 14.13 10.32 -6.85
CA ALA A 639 14.80 10.13 -5.57
C ALA A 639 15.53 11.41 -5.17
N VAL A 640 15.46 11.76 -3.89
CA VAL A 640 16.19 12.90 -3.39
C VAL A 640 17.32 12.35 -2.55
N GLN A 641 18.54 12.63 -2.95
CA GLN A 641 19.69 12.09 -2.27
C GLN A 641 20.32 13.13 -1.37
N ASN A 642 20.28 14.39 -1.81
CA ASN A 642 20.87 15.49 -1.06
C ASN A 642 20.02 15.94 0.14
N GLU A 643 20.67 16.41 1.19
CA GLU A 643 19.96 17.12 2.27
C GLU A 643 19.07 18.17 1.64
N VAL A 644 17.96 18.51 2.31
CA VAL A 644 17.05 19.51 1.75
C VAL A 644 16.66 20.56 2.78
N THR A 645 16.28 21.74 2.30
CA THR A 645 15.73 22.75 3.17
C THR A 645 14.39 23.12 2.58
N LEU A 646 13.44 23.47 3.45
CA LEU A 646 12.07 23.75 3.04
C LEU A 646 11.72 25.21 3.19
N THR A 647 12.72 26.07 3.23
CA THR A 647 12.45 27.47 3.58
C THR A 647 12.27 28.37 2.36
N HIS A 648 12.59 27.87 1.18
CA HIS A 648 12.52 28.72 -0.01
C HIS A 648 11.08 29.23 -0.22
N PRO A 649 10.94 30.51 -0.60
CA PRO A 649 9.60 31.09 -0.77
C PRO A 649 8.72 30.31 -1.77
N ILE A 650 9.32 29.73 -2.81
CA ILE A 650 8.51 29.01 -3.79
C ILE A 650 7.94 27.73 -3.16
N THR A 651 8.78 27.02 -2.39
CA THR A 651 8.33 25.88 -1.59
C THR A 651 7.13 26.22 -0.75
N LYS A 652 7.19 27.34 -0.03
CA LYS A 652 6.04 27.77 0.77
C LYS A 652 4.85 28.16 -0.08
N TYR A 653 5.11 28.77 -1.23
CA TYR A 653 4.01 29.09 -2.11
C TYR A 653 3.23 27.83 -2.49
N ILE A 654 3.95 26.75 -2.79
CA ILE A 654 3.33 25.49 -3.23
C ILE A 654 2.67 24.79 -2.06
N MET A 655 3.33 24.79 -0.90
CA MET A 655 2.72 24.27 0.33
C MET A 655 1.36 24.92 0.54
N ALA A 656 1.28 26.25 0.37
CA ALA A 656 -0.01 26.92 0.53
C ALA A 656 -1.00 26.50 -0.55
N CYS A 657 -0.47 26.15 -1.73
CA CYS A 657 -1.31 25.54 -2.78
C CYS A 657 -1.90 24.18 -2.35
N MET A 658 -1.16 23.38 -1.57
CA MET A 658 -1.68 22.08 -1.12
C MET A 658 -2.94 22.21 -0.25
N SER A 659 -3.26 23.42 0.21
CA SER A 659 -4.42 23.57 1.08
C SER A 659 -5.76 23.66 0.35
N ALA A 660 -5.75 23.64 -0.97
CA ALA A 660 -7.02 23.75 -1.67
C ALA A 660 -7.74 22.40 -1.64
N ASP A 661 -9.06 22.41 -1.90
CA ASP A 661 -9.86 21.17 -2.00
C ASP A 661 -9.39 20.24 -3.12
N LEU A 662 -8.90 19.08 -2.75
CA LEU A 662 -8.54 18.07 -3.73
C LEU A 662 -9.50 16.89 -3.67
N GLU A 663 -10.37 16.74 -4.66
CA GLU A 663 -11.20 15.54 -4.76
C GLU A 663 -10.30 14.36 -5.07
N VAL A 664 -10.34 13.32 -4.25
CA VAL A 664 -9.59 12.10 -4.57
C VAL A 664 -10.48 10.87 -4.41
N VAL A 665 -10.34 9.90 -5.31
CA VAL A 665 -11.13 8.68 -5.15
C VAL A 665 -10.47 7.83 -4.10
N THR A 666 -11.30 7.32 -3.21
CA THR A 666 -10.87 6.53 -2.07
C THR A 666 -10.60 5.09 -2.46
P 5BU B 2 11.58 4.96 -21.21
OP1 5BU B 2 11.97 6.14 -21.99
OP2 5BU B 2 12.31 3.71 -21.42
O5' 5BU B 2 10.00 4.72 -21.36
C5' 5BU B 2 9.50 3.71 -22.23
C4' 5BU B 2 8.17 4.10 -22.84
O4' 5BU B 2 7.20 4.36 -21.80
C3' 5BU B 2 8.17 5.38 -23.67
O3' 5BU B 2 8.64 5.16 -24.98
C2' 5BU B 2 6.71 5.85 -23.60
O2' 5BU B 2 5.94 5.32 -24.67
C1' 5BU B 2 6.21 5.24 -22.28
N1 5BU B 2 5.99 6.26 -21.27
C2 5BU B 2 4.75 6.87 -21.04
O2 5BU B 2 3.80 6.58 -21.71
N3 5BU B 2 4.63 7.84 -20.05
C4 5BU B 2 5.70 8.23 -19.26
O4 5BU B 2 5.56 9.05 -18.42
C5 5BU B 2 7.03 7.59 -19.47
C6 5BU B 2 7.18 6.63 -20.46
BR 5BU B 2 8.58 8.04 -18.45
N GLY C 22 -2.59 -20.11 5.23
CA GLY C 22 -1.78 -19.27 4.36
C GLY C 22 -0.35 -19.78 4.14
N SER C 23 -0.23 -20.87 3.39
CA SER C 23 1.08 -21.49 3.10
C SER C 23 1.92 -20.68 2.10
N VAL C 24 3.25 -20.81 2.18
CA VAL C 24 4.16 -20.14 1.24
C VAL C 24 4.27 -20.93 -0.07
N VAL C 25 4.21 -20.24 -1.20
CA VAL C 25 4.13 -20.89 -2.51
C VAL C 25 5.15 -20.38 -3.54
N ILE C 26 5.98 -21.28 -4.06
CA ILE C 26 6.91 -20.93 -5.11
C ILE C 26 6.15 -20.55 -6.36
N VAL C 27 6.30 -19.31 -6.81
CA VAL C 27 5.50 -18.83 -7.93
C VAL C 27 6.36 -18.50 -9.12
N GLY C 28 7.66 -18.81 -9.02
CA GLY C 28 8.61 -18.50 -10.06
C GLY C 28 10.02 -18.70 -9.59
N ARG C 29 10.98 -18.32 -10.43
CA ARG C 29 12.38 -18.55 -10.11
C ARG C 29 13.31 -17.53 -10.79
N ILE C 30 14.51 -17.39 -10.24
CA ILE C 30 15.52 -16.51 -10.83
C ILE C 30 16.64 -17.39 -11.37
N ILE C 31 16.82 -17.38 -12.68
CA ILE C 31 17.90 -18.13 -13.34
C ILE C 31 19.23 -17.39 -13.24
N LEU C 32 20.22 -18.01 -12.61
CA LEU C 32 21.57 -17.47 -12.51
C LEU C 32 22.53 -18.10 -13.54
N SER C 33 23.52 -17.33 -13.99
CA SER C 33 24.56 -17.88 -14.86
C SER C 33 25.37 -18.90 -14.08
N GLY C 34 26.02 -19.81 -14.80
CA GLY C 34 26.89 -20.80 -14.15
C GLY C 34 28.36 -20.50 -14.37
N SER C 35 28.64 -19.55 -15.27
CA SER C 35 30.01 -19.21 -15.61
C SER C 35 30.13 -17.77 -16.12
N GLY C 36 31.27 -17.14 -15.85
CA GLY C 36 31.52 -15.79 -16.29
C GLY C 36 30.86 -14.76 -15.40
N SER C 37 30.59 -13.57 -15.95
CA SER C 37 29.94 -12.53 -15.16
C SER C 37 28.51 -12.96 -14.84
N ILE C 38 28.08 -12.63 -13.63
CA ILE C 38 26.77 -13.07 -13.15
C ILE C 38 25.65 -12.34 -13.87
N THR C 39 24.74 -13.10 -14.47
CA THR C 39 23.53 -12.52 -15.03
C THR C 39 22.34 -13.30 -14.50
N ALA C 40 21.17 -12.67 -14.47
CA ALA C 40 19.98 -13.39 -14.04
C ALA C 40 18.76 -13.01 -14.87
N TYR C 41 17.79 -13.90 -14.91
CA TYR C 41 16.52 -13.57 -15.51
C TYR C 41 15.42 -14.33 -14.78
N SER C 42 14.20 -13.83 -14.86
CA SER C 42 13.11 -14.45 -14.12
C SER C 42 12.26 -15.33 -15.01
N GLN C 43 11.72 -16.38 -14.40
CA GLN C 43 10.70 -17.20 -15.04
C GLN C 43 9.58 -17.25 -14.04
N GLN C 44 8.37 -16.95 -14.48
CA GLN C 44 7.22 -17.00 -13.59
C GLN C 44 6.40 -18.24 -13.90
N THR C 45 6.13 -19.04 -12.88
CA THR C 45 5.49 -20.33 -13.08
C THR C 45 4.00 -20.32 -12.69
N ARG C 46 3.62 -19.37 -11.86
CA ARG C 46 2.22 -19.20 -11.45
C ARG C 46 1.76 -17.76 -11.62
N GLY C 47 0.49 -17.60 -11.98
CA GLY C 47 -0.07 -16.27 -12.08
C GLY C 47 -1.26 -16.13 -11.17
N LEU C 48 -1.01 -16.18 -9.86
CA LEU C 48 -2.09 -16.03 -8.91
C LEU C 48 -3.04 -17.22 -9.00
N LEU C 49 -2.92 -17.96 -10.10
CA LEU C 49 -3.73 -19.15 -10.34
C LEU C 49 -3.59 -20.08 -9.15
N GLY C 50 -2.78 -21.10 -9.31
CA GLY C 50 -2.45 -21.98 -8.21
C GLY C 50 -1.80 -21.24 -7.05
N CYS C 51 -1.64 -19.92 -7.17
CA CYS C 51 -0.99 -19.18 -6.10
C CYS C 51 -1.88 -19.07 -4.86
N ILE C 52 -2.82 -18.12 -4.88
CA ILE C 52 -3.71 -17.95 -3.74
C ILE C 52 -4.45 -19.27 -3.45
N ILE C 53 -4.66 -20.06 -4.50
CA ILE C 53 -5.23 -21.40 -4.31
C ILE C 53 -4.29 -22.32 -3.52
N THR C 54 -3.09 -22.60 -4.07
CA THR C 54 -2.10 -23.41 -3.36
C THR C 54 -1.70 -22.76 -2.04
N SER C 55 -1.87 -21.44 -1.97
CA SER C 55 -1.65 -20.70 -0.75
C SER C 55 -2.40 -21.39 0.37
N LEU C 56 -3.54 -21.99 0.02
CA LEU C 56 -4.35 -22.73 0.98
C LEU C 56 -4.10 -24.25 0.98
N THR C 57 -4.35 -24.90 -0.16
CA THR C 57 -4.20 -26.34 -0.24
C THR C 57 -2.85 -26.76 0.34
N GLY C 58 -1.82 -25.97 0.03
CA GLY C 58 -0.48 -26.28 0.46
C GLY C 58 0.12 -27.42 -0.35
N ARG C 59 -0.55 -27.84 -1.41
CA ARG C 59 0.02 -28.84 -2.33
C ARG C 59 0.43 -28.22 -3.67
N ASP C 60 1.73 -28.28 -3.95
CA ASP C 60 2.33 -27.65 -5.11
C ASP C 60 2.72 -28.72 -6.13
N LYS C 61 1.95 -28.80 -7.21
CA LYS C 61 2.17 -29.81 -8.24
C LYS C 61 3.23 -29.42 -9.26
N ASN C 62 3.78 -28.22 -9.15
CA ASN C 62 4.87 -27.79 -10.02
C ASN C 62 6.24 -28.23 -9.48
N GLN C 63 7.11 -28.64 -10.40
CA GLN C 63 8.44 -29.16 -10.07
C GLN C 63 9.42 -28.03 -9.78
N VAL C 64 10.29 -28.26 -8.79
CA VAL C 64 11.22 -27.23 -8.33
C VAL C 64 12.58 -27.26 -9.03
N GLU C 65 12.85 -26.24 -9.84
CA GLU C 65 14.15 -26.10 -10.49
C GLU C 65 14.82 -24.81 -10.03
N GLY C 66 16.13 -24.75 -10.21
CA GLY C 66 16.88 -23.55 -9.85
C GLY C 66 17.27 -23.53 -8.38
N GLU C 67 18.01 -22.50 -7.99
CA GLU C 67 18.46 -22.36 -6.61
C GLU C 67 17.88 -21.11 -5.93
N VAL C 68 17.41 -20.17 -6.74
CA VAL C 68 16.70 -19.00 -6.19
C VAL C 68 15.20 -19.03 -6.53
N GLN C 69 14.37 -19.19 -5.51
CA GLN C 69 12.92 -19.25 -5.71
C GLN C 69 12.22 -17.90 -5.49
N VAL C 70 11.32 -17.54 -6.40
CA VAL C 70 10.41 -16.43 -6.16
C VAL C 70 9.21 -16.99 -5.43
N VAL C 71 9.01 -16.56 -4.19
CA VAL C 71 7.89 -17.05 -3.39
C VAL C 71 6.90 -15.95 -3.02
N SER C 72 5.71 -16.37 -2.62
CA SER C 72 4.61 -15.44 -2.44
C SER C 72 3.58 -16.06 -1.52
N THR C 73 2.95 -15.24 -0.68
CA THR C 73 1.78 -15.66 0.08
C THR C 73 0.57 -14.98 -0.55
N ALA C 74 -0.54 -14.96 0.16
CA ALA C 74 -1.71 -14.22 -0.33
C ALA C 74 -1.39 -12.73 -0.43
N THR C 75 -0.69 -12.23 0.59
CA THR C 75 -0.40 -10.82 0.74
C THR C 75 0.98 -10.39 0.24
N GLN C 76 1.99 -11.22 0.47
CA GLN C 76 3.36 -10.77 0.28
C GLN C 76 4.16 -11.63 -0.70
N SER C 77 5.05 -11.00 -1.46
CA SER C 77 5.97 -11.76 -2.29
C SER C 77 7.41 -11.38 -1.97
N PHE C 78 8.29 -12.37 -1.97
CA PHE C 78 9.71 -12.16 -1.74
C PHE C 78 10.52 -13.36 -2.24
N LEU C 79 11.71 -13.56 -1.69
CA LEU C 79 12.60 -14.61 -2.21
C LEU C 79 13.11 -15.61 -1.19
N ALA C 80 13.62 -16.71 -1.71
CA ALA C 80 14.16 -17.79 -0.88
C ALA C 80 15.33 -18.43 -1.61
N THR C 81 16.38 -18.77 -0.85
CA THR C 81 17.66 -19.18 -1.40
C THR C 81 18.14 -20.56 -0.91
N CYS C 82 18.35 -21.49 -1.83
CA CYS C 82 18.84 -22.82 -1.45
C CYS C 82 20.34 -22.89 -1.20
N VAL C 83 20.71 -23.30 0.02
CA VAL C 83 22.10 -23.50 0.39
C VAL C 83 22.25 -24.72 1.31
N ASN C 84 23.23 -25.56 1.00
CA ASN C 84 23.40 -26.84 1.70
C ASN C 84 22.11 -27.63 1.71
N GLY C 85 21.43 -27.67 0.57
CA GLY C 85 20.20 -28.43 0.43
C GLY C 85 19.08 -28.00 1.36
N VAL C 86 19.10 -26.73 1.77
CA VAL C 86 18.02 -26.15 2.56
C VAL C 86 17.56 -24.83 1.97
N CYS C 87 16.27 -24.75 1.66
CA CYS C 87 15.68 -23.51 1.16
C CYS C 87 15.52 -22.49 2.29
N TRP C 88 16.26 -21.37 2.18
CA TRP C 88 16.30 -20.35 3.23
C TRP C 88 15.60 -19.05 2.85
N THR C 89 14.96 -18.44 3.85
CA THR C 89 14.39 -17.11 3.70
C THR C 89 14.32 -16.41 5.05
N VAL C 90 13.63 -15.27 5.09
CA VAL C 90 13.54 -14.48 6.33
C VAL C 90 12.29 -14.79 7.14
N TYR C 91 12.44 -14.78 8.46
CA TYR C 91 11.29 -14.90 9.34
C TYR C 91 10.30 -13.74 9.16
N HIS C 92 10.81 -12.51 9.08
CA HIS C 92 9.92 -11.38 8.96
C HIS C 92 8.97 -11.55 7.76
N GLY C 93 9.36 -12.39 6.80
CA GLY C 93 8.56 -12.55 5.61
C GLY C 93 7.72 -13.82 5.56
N ALA C 94 8.25 -14.91 6.12
CA ALA C 94 7.58 -16.20 5.96
C ALA C 94 6.97 -16.65 7.27
N GLY C 95 7.36 -16.01 8.34
CA GLY C 95 6.91 -16.39 9.65
C GLY C 95 7.24 -17.84 9.88
N SER C 96 6.26 -18.63 10.33
CA SER C 96 6.43 -20.07 10.57
C SER C 96 5.66 -20.86 9.52
N LYS C 97 5.10 -20.13 8.56
CA LYS C 97 4.31 -20.71 7.49
C LYS C 97 4.99 -21.89 6.78
N THR C 98 4.24 -22.95 6.55
CA THR C 98 4.70 -24.08 5.78
C THR C 98 4.97 -23.70 4.32
N LEU C 99 5.73 -24.56 3.65
CA LEU C 99 6.04 -24.43 2.23
C LEU C 99 5.16 -25.40 1.46
N ALA C 100 4.53 -24.93 0.40
CA ALA C 100 3.71 -25.80 -0.43
C ALA C 100 4.59 -26.62 -1.35
N GLY C 101 4.19 -27.88 -1.56
CA GLY C 101 4.93 -28.80 -2.40
C GLY C 101 4.12 -30.03 -2.80
N PRO C 102 4.81 -31.15 -3.12
CA PRO C 102 4.26 -32.42 -3.60
C PRO C 102 3.31 -33.11 -2.62
N LYS C 103 3.85 -33.64 -1.52
CA LYS C 103 3.05 -34.20 -0.43
C LYS C 103 2.43 -33.09 0.43
N GLY C 104 1.64 -32.22 -0.21
CA GLY C 104 1.01 -31.09 0.47
C GLY C 104 1.98 -30.15 1.17
N PRO C 105 1.47 -29.41 2.17
CA PRO C 105 2.28 -28.48 2.96
C PRO C 105 3.57 -29.12 3.52
N ILE C 106 4.63 -28.32 3.64
CA ILE C 106 5.90 -28.78 4.20
C ILE C 106 6.28 -27.92 5.39
N THR C 107 6.49 -28.56 6.52
CA THR C 107 6.85 -27.85 7.75
C THR C 107 8.28 -27.34 7.66
N GLN C 108 8.51 -26.16 8.23
CA GLN C 108 9.87 -25.60 8.37
C GLN C 108 10.73 -26.49 9.24
N MET C 109 11.98 -26.66 8.84
CA MET C 109 12.96 -27.48 9.56
C MET C 109 13.80 -26.59 10.45
N TYR C 110 13.94 -25.33 10.05
CA TYR C 110 14.70 -24.36 10.82
C TYR C 110 13.94 -23.04 10.97
N THR C 111 13.98 -22.50 12.18
CA THR C 111 13.22 -21.30 12.51
C THR C 111 14.01 -20.52 13.56
N ASN C 112 14.67 -19.45 13.13
CA ASN C 112 15.58 -18.72 14.01
C ASN C 112 15.32 -17.21 14.00
N VAL C 113 14.29 -16.81 14.76
CA VAL C 113 13.89 -15.41 14.96
C VAL C 113 15.04 -14.45 15.28
N ASP C 114 15.92 -14.82 16.20
CA ASP C 114 17.04 -13.98 16.56
C ASP C 114 17.86 -13.53 15.34
N GLN C 115 17.98 -14.40 14.35
CA GLN C 115 18.76 -14.14 13.13
C GLN C 115 17.85 -13.78 11.95
N ASP C 116 16.55 -13.73 12.17
CA ASP C 116 15.59 -13.44 11.10
C ASP C 116 15.66 -14.45 9.97
N LEU C 117 15.87 -15.72 10.31
CA LEU C 117 16.10 -16.77 9.32
C LEU C 117 15.25 -18.03 9.52
N VAL C 118 14.62 -18.50 8.44
CA VAL C 118 13.92 -19.78 8.45
C VAL C 118 14.35 -20.63 7.26
N GLY C 119 14.15 -21.95 7.34
CA GLY C 119 14.45 -22.81 6.21
C GLY C 119 13.63 -24.09 6.15
N TRP C 120 13.09 -24.39 4.98
CA TRP C 120 12.53 -25.71 4.66
C TRP C 120 13.55 -26.59 3.91
N GLN C 121 13.34 -27.90 3.98
CA GLN C 121 14.18 -28.86 3.27
C GLN C 121 13.94 -28.74 1.77
N ALA C 122 15.04 -28.74 1.00
CA ALA C 122 14.94 -28.44 -0.41
C ALA C 122 14.08 -29.44 -1.20
N PRO C 123 12.99 -28.95 -1.80
CA PRO C 123 12.01 -29.76 -2.53
C PRO C 123 12.63 -30.49 -3.72
N PRO C 124 11.93 -31.52 -4.25
CA PRO C 124 12.41 -32.30 -5.39
C PRO C 124 13.04 -31.40 -6.46
N GLY C 125 14.25 -31.74 -6.90
CA GLY C 125 14.85 -31.07 -8.04
C GLY C 125 15.44 -29.70 -7.77
N ALA C 126 15.50 -29.32 -6.51
CA ALA C 126 16.07 -28.04 -6.12
C ALA C 126 17.57 -28.14 -5.86
N ARG C 127 18.35 -27.42 -6.65
CA ARG C 127 19.80 -27.37 -6.43
C ARG C 127 20.19 -26.20 -5.51
N SER C 128 21.27 -26.38 -4.77
CA SER C 128 21.75 -25.40 -3.82
C SER C 128 22.99 -24.67 -4.33
N LEU C 129 23.30 -23.52 -3.74
CA LEU C 129 24.53 -22.80 -4.02
C LEU C 129 25.54 -23.28 -2.99
N THR C 130 26.83 -23.16 -3.30
CA THR C 130 27.83 -23.54 -2.30
C THR C 130 28.29 -22.31 -1.54
N PRO C 131 28.43 -22.44 -0.23
CA PRO C 131 28.89 -21.36 0.66
C PRO C 131 30.22 -20.76 0.25
N CYS C 132 30.31 -19.43 0.20
CA CYS C 132 31.53 -18.77 -0.25
C CYS C 132 32.73 -19.01 0.66
N THR C 133 33.79 -19.53 0.06
CA THR C 133 35.04 -19.82 0.77
C THR C 133 36.10 -18.80 0.38
N CYS C 134 35.86 -18.12 -0.73
CA CYS C 134 36.86 -17.25 -1.34
C CYS C 134 37.15 -15.98 -0.53
N GLY C 135 36.30 -15.69 0.45
CA GLY C 135 36.50 -14.52 1.30
C GLY C 135 36.47 -13.15 0.60
N SER C 136 35.81 -13.06 -0.55
CA SER C 136 35.77 -11.83 -1.33
C SER C 136 34.97 -10.70 -0.68
N SER C 137 35.28 -9.45 -1.07
CA SER C 137 34.56 -8.28 -0.59
C SER C 137 33.73 -7.61 -1.69
N ASP C 138 33.89 -8.07 -2.92
CA ASP C 138 33.04 -7.62 -4.02
C ASP C 138 31.87 -8.60 -4.15
N LEU C 139 30.69 -8.14 -3.76
CA LEU C 139 29.52 -9.01 -3.74
C LEU C 139 28.47 -8.55 -4.74
N TYR C 140 27.43 -9.36 -4.89
CA TYR C 140 26.37 -9.01 -5.80
C TYR C 140 25.03 -9.48 -5.25
N LEU C 141 24.03 -8.59 -5.33
CA LEU C 141 22.72 -8.87 -4.81
C LEU C 141 21.78 -9.15 -5.97
N VAL C 142 21.14 -10.31 -5.92
CA VAL C 142 20.12 -10.63 -6.91
C VAL C 142 18.76 -10.20 -6.35
N THR C 143 18.01 -9.41 -7.11
CA THR C 143 16.69 -8.98 -6.66
C THR C 143 15.61 -9.75 -7.41
N ARG C 144 14.36 -9.61 -6.98
CA ARG C 144 13.25 -10.34 -7.60
C ARG C 144 12.96 -9.89 -9.04
N HIS C 145 13.73 -8.93 -9.53
CA HIS C 145 13.62 -8.48 -10.90
C HIS C 145 14.81 -8.99 -11.70
N ALA C 146 15.60 -9.87 -11.07
CA ALA C 146 16.75 -10.47 -11.73
C ALA C 146 17.81 -9.42 -12.00
N ASP C 147 17.74 -8.32 -11.28
CA ASP C 147 18.84 -7.36 -11.28
C ASP C 147 19.98 -7.93 -10.48
N VAL C 148 21.19 -7.65 -10.90
CA VAL C 148 22.38 -8.05 -10.18
C VAL C 148 23.14 -6.82 -9.72
N ILE C 149 23.03 -6.52 -8.44
CA ILE C 149 23.46 -5.25 -7.89
C ILE C 149 24.80 -5.36 -7.19
N PRO C 150 25.79 -4.62 -7.69
CA PRO C 150 27.08 -4.68 -7.01
C PRO C 150 26.99 -4.19 -5.57
N VAL C 151 27.49 -4.99 -4.64
CA VAL C 151 27.58 -4.56 -3.25
C VAL C 151 29.02 -4.67 -2.74
N ARG C 152 29.48 -3.65 -2.03
CA ARG C 152 30.80 -3.70 -1.44
C ARG C 152 30.69 -4.09 0.03
N ARG C 153 31.15 -5.29 0.37
CA ARG C 153 31.12 -5.76 1.75
C ARG C 153 31.79 -4.76 2.68
N ARG C 154 31.14 -4.47 3.82
CA ARG C 154 31.68 -3.56 4.81
C ARG C 154 31.77 -4.24 6.17
N GLY C 155 30.87 -5.20 6.40
CA GLY C 155 30.86 -5.93 7.64
C GLY C 155 30.74 -7.44 7.46
N ASP C 156 30.29 -8.11 8.52
CA ASP C 156 29.99 -9.53 8.43
C ASP C 156 28.58 -9.69 7.91
N SER C 157 27.77 -8.67 8.15
CA SER C 157 26.36 -8.69 7.80
C SER C 157 25.91 -7.41 7.09
N ARG C 158 26.90 -6.62 6.64
CA ARG C 158 26.63 -5.32 6.01
C ARG C 158 27.44 -5.14 4.72
N GLY C 159 26.81 -4.49 3.73
CA GLY C 159 27.47 -4.16 2.48
C GLY C 159 26.91 -2.87 1.94
N SER C 160 27.80 -1.97 1.53
CA SER C 160 27.39 -0.70 0.97
C SER C 160 26.97 -0.88 -0.48
N LEU C 161 25.96 -0.12 -0.92
CA LEU C 161 25.58 -0.13 -2.32
C LEU C 161 26.41 0.89 -3.08
N LEU C 162 26.83 0.54 -4.29
CA LEU C 162 27.59 1.46 -5.14
C LEU C 162 26.68 2.56 -5.75
N SER C 163 25.48 2.17 -6.15
CA SER C 163 24.46 3.13 -6.57
C SER C 163 23.28 3.09 -5.61
N PRO C 164 23.18 4.07 -4.72
CA PRO C 164 22.06 4.14 -3.79
C PRO C 164 20.73 4.11 -4.55
N ARG C 165 19.73 3.43 -3.99
CA ARG C 165 18.45 3.30 -4.63
C ARG C 165 17.33 3.56 -3.64
N PRO C 166 16.20 4.05 -4.14
CA PRO C 166 15.01 4.18 -3.29
C PRO C 166 14.70 2.81 -2.67
N VAL C 167 14.33 2.80 -1.39
CA VAL C 167 14.11 1.54 -0.72
C VAL C 167 13.09 0.69 -1.50
N SER C 168 12.13 1.37 -2.14
CA SER C 168 11.06 0.71 -2.89
C SER C 168 11.58 -0.27 -3.96
N TYR C 169 12.72 0.04 -4.54
CA TYR C 169 13.34 -0.83 -5.53
C TYR C 169 13.75 -2.18 -4.92
N LEU C 170 14.09 -2.18 -3.63
CA LEU C 170 14.63 -3.37 -2.97
C LEU C 170 13.55 -4.24 -2.34
N LYS C 171 12.32 -3.75 -2.34
CA LYS C 171 11.23 -4.47 -1.70
C LYS C 171 10.78 -5.72 -2.46
N GLY C 172 10.48 -6.76 -1.69
CA GLY C 172 10.14 -8.05 -2.26
C GLY C 172 11.39 -8.85 -2.54
N SER C 173 12.55 -8.29 -2.22
CA SER C 173 13.83 -8.97 -2.44
C SER C 173 14.44 -9.60 -1.19
N SER C 174 13.80 -9.41 -0.03
CA SER C 174 14.25 -10.14 1.15
C SER C 174 14.29 -11.65 0.85
N GLY C 175 15.34 -12.31 1.33
CA GLY C 175 15.52 -13.73 1.04
C GLY C 175 16.46 -14.03 -0.12
N GLY C 176 16.77 -13.03 -0.93
CA GLY C 176 17.66 -13.21 -2.07
C GLY C 176 19.12 -13.29 -1.67
N PRO C 177 19.94 -13.95 -2.50
CA PRO C 177 21.35 -14.21 -2.20
C PRO C 177 22.28 -13.04 -2.49
N LEU C 178 23.22 -12.82 -1.57
CA LEU C 178 24.44 -12.05 -1.85
C LEU C 178 25.52 -13.00 -2.35
N LEU C 179 25.81 -12.97 -3.65
CA LEU C 179 26.83 -13.82 -4.24
C LEU C 179 28.21 -13.15 -4.35
N CYS C 180 29.27 -13.94 -4.20
CA CYS C 180 30.62 -13.47 -4.49
C CYS C 180 30.82 -13.51 -6.01
N PRO C 181 31.99 -13.05 -6.49
CA PRO C 181 32.32 -13.04 -7.94
C PRO C 181 32.32 -14.44 -8.58
N SER C 182 32.68 -15.47 -7.80
CA SER C 182 32.67 -16.83 -8.28
C SER C 182 31.27 -17.43 -8.27
N GLY C 183 30.33 -16.70 -7.67
CA GLY C 183 28.93 -17.11 -7.64
C GLY C 183 28.55 -17.96 -6.44
N HIS C 184 29.32 -17.87 -5.37
CA HIS C 184 29.04 -18.60 -4.15
C HIS C 184 28.19 -17.79 -3.20
N ALA C 185 27.30 -18.47 -2.49
CA ALA C 185 26.41 -17.81 -1.54
C ALA C 185 27.23 -17.21 -0.42
N VAL C 186 26.99 -15.94 -0.13
CA VAL C 186 27.64 -15.26 0.99
C VAL C 186 26.62 -15.00 2.14
N GLY C 187 25.36 -14.82 1.77
CA GLY C 187 24.29 -14.50 2.70
C GLY C 187 22.96 -14.27 1.99
N ILE C 188 21.91 -13.99 2.76
CA ILE C 188 20.65 -13.59 2.13
C ILE C 188 20.26 -12.20 2.58
N PHE C 189 19.68 -11.45 1.66
CA PHE C 189 19.27 -10.06 1.91
C PHE C 189 18.09 -9.99 2.92
N ARG C 190 18.22 -9.17 3.96
CA ARG C 190 17.12 -9.01 4.92
C ARG C 190 16.60 -7.58 5.16
N ALA C 191 17.45 -6.57 4.97
CA ALA C 191 17.08 -5.21 5.31
C ALA C 191 17.97 -4.19 4.59
N ALA C 192 17.45 -2.99 4.41
CA ALA C 192 18.23 -1.89 3.83
C ALA C 192 18.51 -0.82 4.88
N VAL C 193 19.73 -0.30 4.87
CA VAL C 193 20.04 0.87 5.68
C VAL C 193 19.75 2.11 4.84
N CYS C 194 18.79 2.91 5.28
CA CYS C 194 18.32 4.04 4.51
C CYS C 194 18.65 5.41 5.09
N THR C 195 18.75 6.37 4.18
CA THR C 195 18.87 7.77 4.54
C THR C 195 17.70 8.46 3.88
N ARG C 196 16.74 8.89 4.69
CA ARG C 196 15.54 9.54 4.18
C ARG C 196 14.94 8.69 3.06
N GLY C 197 14.78 7.38 3.31
CA GLY C 197 14.14 6.50 2.36
C GLY C 197 14.99 6.07 1.17
N VAL C 198 16.23 6.53 1.14
CA VAL C 198 17.14 6.13 0.07
C VAL C 198 18.10 5.08 0.59
N ALA C 199 18.00 3.88 0.02
CA ALA C 199 18.81 2.76 0.47
C ALA C 199 20.25 2.96 0.05
N LYS C 200 21.16 2.94 1.01
CA LYS C 200 22.59 3.16 0.70
C LYS C 200 23.47 1.99 1.11
N ALA C 201 22.93 1.11 1.94
CA ALA C 201 23.63 -0.10 2.36
C ALA C 201 22.59 -1.20 2.55
N VAL C 202 23.04 -2.45 2.65
CA VAL C 202 22.14 -3.56 2.88
C VAL C 202 22.62 -4.41 4.03
N ASP C 203 21.66 -4.91 4.79
CA ASP C 203 21.95 -5.82 5.88
C ASP C 203 21.57 -7.23 5.44
N PHE C 204 22.41 -8.21 5.77
CA PHE C 204 22.14 -9.57 5.33
C PHE C 204 22.50 -10.64 6.34
N VAL C 205 21.89 -11.81 6.18
CA VAL C 205 22.19 -12.96 7.03
C VAL C 205 23.31 -13.78 6.39
N PRO C 206 24.49 -13.80 7.03
CA PRO C 206 25.62 -14.59 6.51
C PRO C 206 25.32 -16.08 6.47
N VAL C 207 25.98 -16.78 5.56
CA VAL C 207 25.85 -18.23 5.45
C VAL C 207 26.37 -18.95 6.70
N GLU C 208 27.26 -18.31 7.45
CA GLU C 208 27.73 -18.91 8.70
C GLU C 208 26.60 -19.01 9.71
N SER C 209 25.69 -18.05 9.68
CA SER C 209 24.49 -18.12 10.50
C SER C 209 23.64 -19.29 10.07
N MET C 210 23.54 -19.51 8.76
CA MET C 210 22.79 -20.66 8.27
C MET C 210 23.44 -21.96 8.75
N GLU C 211 24.76 -21.96 8.83
CA GLU C 211 25.49 -23.15 9.28
C GLU C 211 25.25 -23.36 10.78
N THR C 212 25.48 -22.30 11.55
CA THR C 212 25.21 -22.34 12.99
C THR C 212 23.78 -22.84 13.28
N THR C 213 22.87 -22.55 12.37
CA THR C 213 21.46 -22.90 12.57
C THR C 213 21.18 -24.39 12.30
N MET C 214 21.93 -24.99 11.38
CA MET C 214 21.76 -26.41 11.08
C MET C 214 22.38 -27.24 12.18
N ARG C 215 23.31 -26.63 12.91
CA ARG C 215 24.15 -27.31 13.89
C ARG C 215 23.64 -27.13 15.31
N SER C 216 22.51 -26.45 15.46
CA SER C 216 21.96 -26.21 16.78
C SER C 216 21.11 -27.39 17.16
N PRO C 217 21.11 -27.73 18.46
CA PRO C 217 20.29 -28.85 18.92
C PRO C 217 18.83 -28.64 18.55
N VAL C 218 18.31 -29.54 17.71
CA VAL C 218 16.91 -29.51 17.30
C VAL C 218 15.97 -29.04 18.41
N PHE C 219 16.09 -29.69 19.57
CA PHE C 219 15.31 -29.30 20.73
C PHE C 219 16.23 -28.83 21.85
N THR C 220 15.85 -27.71 22.47
CA THR C 220 16.56 -27.22 23.65
C THR C 220 15.57 -27.10 24.80
N ASP C 221 15.65 -28.03 25.73
CA ASP C 221 14.79 -28.02 26.90
C ASP C 221 15.21 -26.92 27.89
N ASN C 222 14.22 -26.22 28.41
CA ASN C 222 14.42 -25.34 29.57
C ASN C 222 13.13 -25.24 30.38
N SER C 223 12.44 -26.37 30.52
CA SER C 223 11.17 -26.45 31.25
C SER C 223 11.43 -26.51 32.75
N SER C 224 12.67 -26.20 33.12
CA SER C 224 13.19 -26.44 34.47
C SER C 224 13.85 -25.21 35.09
N PRO C 225 13.46 -24.88 36.33
CA PRO C 225 14.04 -23.78 37.09
C PRO C 225 15.55 -23.91 37.18
N PRO C 226 16.27 -23.00 36.52
CA PRO C 226 17.73 -23.09 36.42
C PRO C 226 18.41 -23.08 37.79
N ALA C 227 19.47 -23.86 37.93
CA ALA C 227 20.25 -23.84 39.14
C ALA C 227 20.85 -22.45 39.29
N VAL C 228 21.05 -22.02 40.53
CA VAL C 228 21.67 -20.73 40.78
C VAL C 228 23.16 -20.82 40.46
N PRO C 229 23.57 -20.13 39.38
CA PRO C 229 24.94 -20.26 38.89
C PRO C 229 25.95 -19.77 39.91
N GLN C 230 27.19 -20.23 39.78
CA GLN C 230 28.27 -19.77 40.64
C GLN C 230 28.47 -18.27 40.44
N SER C 231 28.65 -17.88 39.17
CA SER C 231 28.72 -16.48 38.80
C SER C 231 27.41 -16.05 38.15
N PHE C 232 27.25 -14.74 37.97
CA PHE C 232 26.03 -14.16 37.38
C PHE C 232 25.64 -14.80 36.04
N GLN C 233 24.40 -15.26 35.92
CA GLN C 233 23.91 -15.74 34.64
C GLN C 233 22.59 -15.09 34.25
N VAL C 234 22.36 -14.99 32.95
CA VAL C 234 21.02 -14.72 32.43
C VAL C 234 20.52 -16.04 31.89
N ALA C 235 19.33 -16.46 32.30
CA ALA C 235 18.84 -17.76 31.89
C ALA C 235 17.40 -17.73 31.43
N HIS C 236 17.00 -18.74 30.67
CA HIS C 236 15.64 -18.81 30.12
C HIS C 236 14.84 -19.90 30.77
N LEU C 237 13.52 -19.78 30.71
CA LEU C 237 12.62 -20.69 31.40
C LEU C 237 11.30 -20.83 30.64
N HIS C 238 11.25 -21.81 29.75
CA HIS C 238 10.08 -21.95 28.91
C HIS C 238 9.23 -23.12 29.39
N ALA C 239 8.07 -22.78 29.94
CA ALA C 239 7.14 -23.74 30.56
C ALA C 239 5.71 -23.21 30.47
N PRO C 240 4.73 -24.10 30.25
CA PRO C 240 3.36 -23.65 29.96
C PRO C 240 2.69 -23.01 31.18
N THR C 241 1.66 -22.20 30.94
CA THR C 241 0.97 -21.51 32.02
C THR C 241 0.50 -22.47 33.10
N GLY C 242 0.65 -22.04 34.36
CA GLY C 242 0.09 -22.77 35.49
C GLY C 242 1.01 -23.89 35.91
N SER C 243 2.31 -23.61 35.91
CA SER C 243 3.32 -24.60 36.25
C SER C 243 4.18 -24.19 37.44
N GLY C 244 3.78 -23.12 38.14
CA GLY C 244 4.54 -22.65 39.28
C GLY C 244 5.68 -21.73 38.89
N LYS C 245 5.74 -21.36 37.60
CA LYS C 245 6.74 -20.41 37.09
C LYS C 245 6.89 -19.15 37.96
N SER C 246 5.77 -18.59 38.39
CA SER C 246 5.80 -17.37 39.21
C SER C 246 5.38 -17.65 40.64
N THR C 247 4.99 -18.89 40.91
CA THR C 247 4.59 -19.27 42.26
C THR C 247 5.54 -20.28 42.87
N LYS C 248 5.48 -21.52 42.40
CA LYS C 248 6.34 -22.55 42.93
C LYS C 248 7.82 -22.19 42.78
N VAL C 249 8.22 -21.81 41.57
CA VAL C 249 9.64 -21.60 41.28
C VAL C 249 10.33 -20.64 42.25
N PRO C 250 9.68 -19.51 42.57
CA PRO C 250 10.22 -18.65 43.63
C PRO C 250 10.16 -19.32 45.01
N ALA C 251 9.15 -20.15 45.25
CA ALA C 251 8.99 -20.86 46.52
C ALA C 251 10.05 -21.94 46.75
N ALA C 252 10.71 -22.35 45.67
CA ALA C 252 11.85 -23.26 45.78
C ALA C 252 13.13 -22.47 46.05
N TYR C 253 13.40 -21.47 45.21
CA TYR C 253 14.56 -20.60 45.38
C TYR C 253 14.62 -20.01 46.77
N ALA C 254 13.51 -19.40 47.18
CA ALA C 254 13.42 -18.81 48.51
C ALA C 254 13.61 -19.87 49.59
N ALA C 255 13.09 -21.07 49.33
CA ALA C 255 13.27 -22.21 50.23
C ALA C 255 14.76 -22.48 50.46
N GLN C 256 15.56 -22.28 49.42
CA GLN C 256 17.00 -22.46 49.50
C GLN C 256 17.66 -21.17 49.99
N GLY C 257 16.91 -20.41 50.78
CA GLY C 257 17.40 -19.18 51.37
C GLY C 257 17.89 -18.13 50.39
N TYR C 258 17.19 -17.99 49.26
CA TYR C 258 17.54 -16.99 48.25
C TYR C 258 16.58 -15.79 48.27
N LYS C 259 17.08 -14.62 47.91
CA LYS C 259 16.24 -13.43 47.79
C LYS C 259 15.67 -13.29 46.37
N VAL C 260 14.34 -13.34 46.28
CA VAL C 260 13.65 -13.35 45.01
C VAL C 260 12.89 -12.04 44.73
N LEU C 261 13.32 -11.31 43.71
CA LEU C 261 12.48 -10.30 43.11
C LEU C 261 11.69 -10.92 41.94
N VAL C 262 10.41 -10.61 41.83
CA VAL C 262 9.61 -11.10 40.72
C VAL C 262 8.82 -9.96 40.07
N LEU C 263 9.01 -9.78 38.77
CA LEU C 263 8.39 -8.68 38.01
C LEU C 263 7.37 -9.21 37.00
N ASN C 264 6.11 -8.78 37.17
CA ASN C 264 5.02 -9.17 36.29
C ASN C 264 4.43 -7.92 35.64
N PRO C 265 3.78 -8.09 34.48
CA PRO C 265 3.26 -6.94 33.73
C PRO C 265 1.98 -6.36 34.32
N SER C 266 1.21 -7.22 34.97
CA SER C 266 -0.14 -6.85 35.42
C SER C 266 -0.24 -6.61 36.92
N VAL C 267 -0.72 -5.43 37.32
CA VAL C 267 -0.96 -5.16 38.74
C VAL C 267 -1.85 -6.25 39.36
N ALA C 268 -2.96 -6.56 38.70
CA ALA C 268 -3.93 -7.53 39.19
C ALA C 268 -3.24 -8.84 39.56
N ALA C 269 -2.38 -9.29 38.66
CA ALA C 269 -1.63 -10.52 38.88
C ALA C 269 -0.66 -10.39 40.05
N THR C 270 0.05 -9.27 40.14
CA THR C 270 1.04 -9.09 41.21
C THR C 270 0.38 -9.17 42.59
N LEU C 271 -0.60 -8.30 42.82
CA LEU C 271 -1.43 -8.33 44.03
C LEU C 271 -1.89 -9.73 44.43
N GLY C 272 -2.56 -10.42 43.52
CA GLY C 272 -3.13 -11.73 43.80
C GLY C 272 -2.15 -12.83 44.19
N PHE C 273 -0.86 -12.47 44.28
CA PHE C 273 0.23 -13.40 44.62
C PHE C 273 0.47 -13.59 46.12
N GLY C 274 0.52 -12.50 46.89
CA GLY C 274 0.68 -12.61 48.32
C GLY C 274 -0.35 -13.55 48.93
N ALA C 275 -1.60 -13.37 48.51
CA ALA C 275 -2.73 -14.16 49.01
C ALA C 275 -2.62 -15.65 48.68
N TYR C 276 -2.04 -15.96 47.52
CA TYR C 276 -1.84 -17.34 47.10
C TYR C 276 -0.54 -17.92 47.67
N MET C 277 0.51 -17.10 47.70
CA MET C 277 1.78 -17.51 48.27
C MET C 277 1.63 -17.78 49.74
N SER C 278 0.81 -16.98 50.40
CA SER C 278 0.50 -17.21 51.81
C SER C 278 -0.22 -18.55 51.94
N LYS C 279 -1.15 -18.81 51.02
CA LYS C 279 -1.78 -20.12 50.94
C LYS C 279 -0.75 -21.19 50.60
N ALA C 280 -0.87 -21.74 49.39
CA ALA C 280 -0.13 -22.91 48.94
C ALA C 280 1.40 -22.89 49.13
N HIS C 281 1.94 -21.85 49.76
CA HIS C 281 3.38 -21.79 49.97
C HIS C 281 3.86 -21.17 51.29
N GLY C 282 2.92 -20.77 52.15
CA GLY C 282 3.25 -20.24 53.46
C GLY C 282 4.33 -19.18 53.54
N ILE C 283 4.27 -18.19 52.65
CA ILE C 283 5.09 -16.97 52.78
C ILE C 283 4.25 -15.72 52.57
N ASP C 284 4.58 -14.67 53.31
CA ASP C 284 3.98 -13.36 53.09
C ASP C 284 5.00 -12.44 52.42
N PRO C 285 4.97 -12.43 51.07
CA PRO C 285 5.92 -11.68 50.23
C PRO C 285 5.59 -10.21 50.15
N ASN C 286 6.60 -9.42 49.81
CA ASN C 286 6.33 -8.02 49.52
C ASN C 286 5.56 -7.94 48.22
N ILE C 287 4.58 -7.05 48.17
CA ILE C 287 3.86 -6.75 46.95
C ILE C 287 4.04 -5.26 46.70
N ARG C 288 4.50 -4.91 45.49
CA ARG C 288 4.67 -3.52 45.12
C ARG C 288 3.86 -3.18 43.88
N THR C 289 3.12 -2.09 43.98
CA THR C 289 2.32 -1.55 42.88
C THR C 289 2.20 -0.04 43.11
N GLY C 290 1.85 0.71 42.08
CA GLY C 290 1.46 2.10 42.26
C GLY C 290 0.14 2.25 43.00
N VAL C 291 -0.62 1.16 43.15
CA VAL C 291 -1.89 1.15 43.86
C VAL C 291 -1.70 0.71 45.32
N ARG C 292 -0.79 -0.23 45.55
CA ARG C 292 -0.61 -0.82 46.86
C ARG C 292 0.80 -1.36 47.09
N THR C 293 1.54 -0.70 47.98
CA THR C 293 2.81 -1.20 48.49
C THR C 293 2.56 -1.88 49.83
N ILE C 294 3.09 -3.08 50.01
CA ILE C 294 3.02 -3.79 51.29
C ILE C 294 4.36 -4.44 51.63
N THR C 295 5.07 -3.87 52.61
CA THR C 295 6.36 -4.40 53.04
C THR C 295 6.19 -5.29 54.28
N THR C 296 6.29 -6.61 54.06
CA THR C 296 6.18 -7.62 55.13
C THR C 296 7.56 -8.07 55.62
N GLY C 297 8.61 -7.58 54.96
CA GLY C 297 9.96 -8.01 55.25
C GLY C 297 10.16 -9.50 55.01
N ALA C 298 9.90 -9.94 53.78
CA ALA C 298 10.13 -11.33 53.40
C ALA C 298 11.23 -11.41 52.34
N PRO C 299 11.71 -12.62 52.04
CA PRO C 299 12.74 -12.78 51.00
C PRO C 299 12.18 -12.56 49.59
N VAL C 300 10.97 -13.07 49.35
CA VAL C 300 10.30 -12.92 48.05
C VAL C 300 9.45 -11.64 47.92
N THR C 301 9.66 -10.92 46.83
CA THR C 301 8.88 -9.74 46.53
C THR C 301 8.16 -9.88 45.20
N TYR C 302 7.00 -9.23 45.09
CA TYR C 302 6.26 -9.19 43.84
C TYR C 302 6.00 -7.75 43.44
N SER C 303 6.49 -7.39 42.25
CA SER C 303 6.37 -6.02 41.75
C SER C 303 6.01 -6.02 40.27
N THR C 304 5.22 -5.05 39.83
CA THR C 304 5.07 -4.85 38.38
C THR C 304 6.33 -4.25 37.77
N TYR C 305 6.35 -4.24 36.44
CA TYR C 305 7.40 -3.55 35.71
C TYR C 305 7.31 -2.04 35.99
N GLY C 306 6.13 -1.47 35.82
CA GLY C 306 5.89 -0.09 36.20
C GLY C 306 6.45 0.25 37.57
N LYS C 307 6.05 -0.52 38.58
CA LYS C 307 6.45 -0.19 39.93
C LYS C 307 7.96 -0.34 40.11
N PHE C 308 8.51 -1.40 39.50
CA PHE C 308 9.95 -1.63 39.56
C PHE C 308 10.69 -0.46 38.92
N LEU C 309 10.13 0.05 37.83
CA LEU C 309 10.70 1.21 37.14
C LEU C 309 10.58 2.45 38.01
N ALA C 310 9.41 2.62 38.64
CA ALA C 310 9.18 3.77 39.53
C ALA C 310 10.18 3.80 40.69
N ASP C 311 10.57 2.62 41.16
CA ASP C 311 11.47 2.50 42.30
C ASP C 311 12.94 2.63 41.90
N GLY C 312 13.18 2.99 40.65
CA GLY C 312 14.53 3.28 40.20
C GLY C 312 15.26 2.05 39.70
N GLY C 313 14.57 0.90 39.69
CA GLY C 313 15.18 -0.32 39.21
C GLY C 313 15.80 -1.12 40.33
N CYS C 314 17.05 -1.55 40.12
CA CYS C 314 17.73 -2.40 41.09
C CYS C 314 18.50 -1.57 42.14
N SER C 315 18.67 -2.16 43.32
CA SER C 315 19.40 -1.50 44.40
C SER C 315 20.29 -2.49 45.16
N GLY C 316 21.39 -1.96 45.71
CA GLY C 316 22.36 -2.73 46.46
C GLY C 316 21.95 -4.12 46.94
N GLY C 317 22.49 -5.14 46.25
CA GLY C 317 22.36 -6.53 46.65
C GLY C 317 21.13 -6.97 47.43
N ALA C 318 19.97 -6.51 47.00
CA ALA C 318 18.73 -6.87 47.69
C ALA C 318 18.22 -8.22 47.21
N TYR C 319 18.76 -8.70 46.08
CA TYR C 319 18.27 -9.93 45.47
C TYR C 319 19.36 -10.71 44.73
N ASP C 320 19.24 -12.04 44.78
CA ASP C 320 20.15 -12.95 44.09
C ASP C 320 19.50 -13.45 42.80
N ILE C 321 18.17 -13.55 42.83
CA ILE C 321 17.41 -13.98 41.67
C ILE C 321 16.34 -12.95 41.31
N ILE C 322 16.33 -12.56 40.04
CA ILE C 322 15.26 -11.71 39.51
C ILE C 322 14.55 -12.41 38.35
N ILE C 323 13.34 -12.88 38.59
CA ILE C 323 12.56 -13.48 37.51
C ILE C 323 11.82 -12.39 36.77
N CYS C 324 11.97 -12.35 35.44
CA CYS C 324 11.13 -11.50 34.61
C CYS C 324 9.99 -12.32 34.07
N ASP C 325 8.94 -12.48 34.87
CA ASP C 325 7.74 -13.18 34.41
C ASP C 325 7.18 -12.51 33.17
N GLU C 326 6.52 -13.29 32.33
CA GLU C 326 5.89 -12.77 31.12
C GLU C 326 6.85 -11.96 30.24
N CYS C 327 8.07 -12.45 30.08
CA CYS C 327 9.12 -11.72 29.37
C CYS C 327 8.86 -11.55 27.87
N HIS C 328 7.77 -12.15 27.38
CA HIS C 328 7.45 -12.16 25.96
C HIS C 328 6.57 -10.98 25.52
N SER C 329 5.85 -10.38 26.45
CA SER C 329 4.94 -9.28 26.12
C SER C 329 5.70 -8.09 25.53
N THR C 330 5.16 -7.51 24.46
CA THR C 330 5.88 -6.47 23.71
C THR C 330 5.36 -5.06 23.99
N ASP C 331 4.86 -4.84 25.22
CA ASP C 331 4.41 -3.53 25.63
C ASP C 331 5.60 -2.74 26.14
N SER C 332 5.59 -1.43 25.90
CA SER C 332 6.74 -0.61 26.23
C SER C 332 7.17 -0.80 27.68
N THR C 333 6.19 -1.00 28.56
CA THR C 333 6.50 -1.09 29.99
C THR C 333 7.35 -2.33 30.32
N THR C 334 6.89 -3.50 29.92
CA THR C 334 7.68 -4.72 30.14
C THR C 334 9.05 -4.69 29.46
N ILE C 335 9.09 -4.25 28.19
CA ILE C 335 10.34 -4.16 27.46
C ILE C 335 11.32 -3.31 28.22
N LEU C 336 10.88 -2.13 28.64
CA LEU C 336 11.76 -1.24 29.36
C LEU C 336 12.16 -1.84 30.72
N GLY C 337 11.25 -2.58 31.35
CA GLY C 337 11.52 -3.14 32.67
C GLY C 337 12.63 -4.17 32.62
N ILE C 338 12.42 -5.16 31.76
CA ILE C 338 13.44 -6.16 31.47
C ILE C 338 14.80 -5.56 31.10
N GLY C 339 14.79 -4.48 30.33
CA GLY C 339 16.05 -3.93 29.89
C GLY C 339 16.82 -3.34 31.07
N THR C 340 16.06 -2.90 32.06
CA THR C 340 16.63 -2.29 33.24
C THR C 340 17.24 -3.38 34.13
N VAL C 341 16.51 -4.48 34.26
CA VAL C 341 17.05 -5.66 34.92
C VAL C 341 18.38 -6.04 34.29
N LEU C 342 18.32 -6.47 33.03
CA LEU C 342 19.48 -7.05 32.35
C LEU C 342 20.71 -6.14 32.37
N ASP C 343 20.51 -4.85 32.59
CA ASP C 343 21.61 -3.91 32.61
C ASP C 343 22.17 -3.70 34.02
N GLN C 344 21.33 -3.94 35.01
CA GLN C 344 21.66 -3.61 36.41
C GLN C 344 21.89 -4.82 37.31
N ALA C 345 21.01 -5.82 37.21
CA ALA C 345 21.05 -6.99 38.07
C ALA C 345 22.46 -7.40 38.51
N GLU C 346 23.37 -7.52 37.54
CA GLU C 346 24.75 -7.96 37.81
C GLU C 346 25.50 -7.04 38.76
N THR C 347 25.25 -5.74 38.63
CA THR C 347 25.91 -4.74 39.48
C THR C 347 25.19 -4.59 40.82
N ALA C 348 23.89 -4.95 40.84
CA ALA C 348 23.09 -4.93 42.06
C ALA C 348 23.32 -6.19 42.89
N GLY C 349 24.34 -6.96 42.53
CA GLY C 349 24.74 -8.12 43.31
C GLY C 349 23.83 -9.33 43.21
N ALA C 350 23.12 -9.43 42.09
CA ALA C 350 22.31 -10.62 41.82
C ALA C 350 23.17 -11.68 41.14
N ARG C 351 22.87 -12.94 41.37
CA ARG C 351 23.64 -14.04 40.77
C ARG C 351 22.93 -14.65 39.56
N LEU C 352 21.60 -14.52 39.51
CA LEU C 352 20.82 -15.12 38.44
C LEU C 352 19.69 -14.19 37.97
N VAL C 353 19.55 -14.06 36.66
CA VAL C 353 18.36 -13.46 36.07
C VAL C 353 17.64 -14.52 35.24
N VAL C 354 16.32 -14.61 35.40
CA VAL C 354 15.53 -15.63 34.73
C VAL C 354 14.48 -14.98 33.84
N LEU C 355 14.54 -15.26 32.54
CA LEU C 355 13.52 -14.78 31.61
C LEU C 355 12.44 -15.85 31.40
N ALA C 356 11.33 -15.69 32.11
CA ALA C 356 10.27 -16.68 32.10
C ALA C 356 9.10 -16.34 31.15
N THR C 357 8.67 -17.34 30.39
CA THR C 357 7.51 -17.21 29.52
C THR C 357 6.99 -18.58 29.12
N ALA C 358 5.73 -18.63 28.71
CA ALA C 358 5.15 -19.85 28.21
C ALA C 358 4.85 -19.71 26.73
N THR C 359 5.59 -18.81 26.07
CA THR C 359 5.31 -18.51 24.67
C THR C 359 6.42 -17.66 24.05
N PRO C 360 7.60 -18.27 23.86
CA PRO C 360 8.75 -17.54 23.30
C PRO C 360 8.49 -17.18 21.82
N PRO C 361 9.34 -16.33 21.23
CA PRO C 361 9.22 -15.87 19.84
C PRO C 361 9.18 -17.02 18.82
N GLY C 362 8.29 -16.92 17.83
CA GLY C 362 8.18 -17.98 16.86
C GLY C 362 7.13 -18.98 17.28
N SER C 363 6.84 -19.02 18.58
CA SER C 363 5.77 -19.87 19.13
C SER C 363 4.62 -19.96 18.15
N VAL C 364 3.91 -21.08 18.18
CA VAL C 364 2.85 -21.33 17.20
C VAL C 364 1.63 -21.93 17.91
N THR C 365 0.45 -21.75 17.32
CA THR C 365 -0.80 -22.17 17.98
C THR C 365 -1.10 -23.65 17.83
N VAL C 366 -0.98 -24.37 18.94
CA VAL C 366 -1.26 -25.81 19.00
C VAL C 366 -2.65 -26.11 19.60
N PRO C 367 -3.24 -27.27 19.26
CA PRO C 367 -4.49 -27.63 19.94
C PRO C 367 -4.26 -27.80 21.44
N HIS C 368 -5.30 -27.53 22.21
CA HIS C 368 -5.21 -27.62 23.65
C HIS C 368 -6.33 -28.56 24.11
N PRO C 369 -5.99 -29.51 24.98
CA PRO C 369 -6.84 -30.62 25.44
C PRO C 369 -8.14 -30.19 26.14
N ASN C 370 -8.09 -29.17 26.98
CA ASN C 370 -9.28 -28.69 27.66
C ASN C 370 -10.15 -27.81 26.78
N ILE C 371 -9.69 -27.52 25.57
CA ILE C 371 -10.36 -26.49 24.75
C ILE C 371 -10.79 -26.95 23.38
N GLU C 372 -12.10 -27.09 23.22
CA GLU C 372 -12.70 -27.37 21.94
C GLU C 372 -12.81 -26.04 21.18
N GLU C 373 -12.45 -26.03 19.90
CA GLU C 373 -12.46 -24.80 19.12
C GLU C 373 -13.48 -24.91 18.02
N VAL C 374 -14.34 -23.91 17.91
CA VAL C 374 -15.46 -23.95 16.98
C VAL C 374 -15.59 -22.61 16.29
N ALA C 375 -15.49 -22.63 14.96
CA ALA C 375 -15.55 -21.41 14.19
C ALA C 375 -16.94 -20.82 14.28
N LEU C 376 -17.03 -19.49 14.31
CA LEU C 376 -18.34 -18.88 14.20
C LEU C 376 -18.82 -19.07 12.78
N SER C 377 -20.12 -18.93 12.59
CA SER C 377 -20.72 -19.00 11.26
C SER C 377 -21.52 -17.72 11.10
N ASN C 378 -22.33 -17.66 10.04
CA ASN C 378 -23.22 -16.51 9.84
C ASN C 378 -24.59 -16.69 10.47
N THR C 379 -24.81 -17.88 11.02
CA THR C 379 -26.05 -18.11 11.73
C THR C 379 -25.89 -17.77 13.20
N GLY C 380 -26.69 -16.81 13.66
CA GLY C 380 -26.73 -16.40 15.04
C GLY C 380 -27.57 -15.15 15.14
N GLU C 381 -28.01 -14.82 16.35
CA GLU C 381 -28.87 -13.66 16.55
C GLU C 381 -28.05 -12.38 16.74
N ILE C 382 -26.74 -12.53 16.96
CA ILE C 382 -25.87 -11.42 17.36
C ILE C 382 -24.72 -11.18 16.37
N PRO C 383 -24.86 -10.14 15.53
CA PRO C 383 -23.77 -9.83 14.60
C PRO C 383 -22.43 -9.63 15.35
N PHE C 384 -21.37 -10.23 14.83
CA PHE C 384 -20.08 -10.12 15.47
C PHE C 384 -18.98 -10.25 14.43
N TYR C 385 -18.45 -9.09 14.01
CA TYR C 385 -17.31 -9.04 13.09
C TYR C 385 -17.53 -9.75 11.75
N GLY C 386 -18.73 -9.60 11.21
CA GLY C 386 -19.05 -10.18 9.93
C GLY C 386 -19.69 -11.55 10.06
N LYS C 387 -19.52 -12.16 11.23
CA LYS C 387 -20.18 -13.43 11.51
C LYS C 387 -21.29 -13.21 12.52
N ALA C 388 -21.62 -14.25 13.30
CA ALA C 388 -22.71 -14.14 14.27
C ALA C 388 -22.55 -15.08 15.47
N ILE C 389 -23.23 -14.73 16.55
CA ILE C 389 -23.14 -15.51 17.79
C ILE C 389 -24.52 -15.97 18.16
N PRO C 390 -24.71 -17.30 18.17
CA PRO C 390 -26.00 -17.84 18.60
C PRO C 390 -26.25 -17.43 20.05
N ILE C 391 -27.42 -16.89 20.33
CA ILE C 391 -27.77 -16.50 21.67
C ILE C 391 -27.63 -17.66 22.72
N GLU C 392 -28.07 -18.87 22.38
CA GLU C 392 -27.95 -20.00 23.30
C GLU C 392 -26.50 -20.24 23.72
N ALA C 393 -25.55 -19.81 22.90
CA ALA C 393 -24.14 -20.00 23.23
C ALA C 393 -23.67 -19.15 24.42
N ILE C 394 -24.42 -18.10 24.77
CA ILE C 394 -23.93 -17.18 25.77
C ILE C 394 -24.96 -16.85 26.85
N ARG C 395 -26.22 -17.20 26.60
CA ARG C 395 -27.22 -17.07 27.65
C ARG C 395 -26.98 -18.21 28.65
N GLY C 396 -26.78 -17.83 29.91
CA GLY C 396 -26.35 -18.78 30.91
C GLY C 396 -24.88 -19.09 30.79
N GLY C 397 -24.21 -19.11 31.93
CA GLY C 397 -22.78 -19.35 31.94
C GLY C 397 -21.99 -18.06 32.08
N ARG C 398 -20.69 -18.21 32.14
CA ARG C 398 -19.77 -17.09 32.17
C ARG C 398 -18.94 -17.12 30.90
N HIS C 399 -18.98 -16.01 30.15
CA HIS C 399 -18.36 -15.94 28.84
C HIS C 399 -17.52 -14.68 28.63
N LEU C 400 -16.48 -14.82 27.84
CA LEU C 400 -15.60 -13.70 27.57
C LEU C 400 -15.52 -13.47 26.07
N ILE C 401 -15.88 -12.26 25.65
CA ILE C 401 -15.86 -11.88 24.24
C ILE C 401 -14.83 -10.77 24.03
N PHE C 402 -13.84 -11.02 23.19
CA PHE C 402 -12.79 -10.05 22.96
C PHE C 402 -13.17 -9.17 21.77
N CYS C 403 -13.22 -7.87 22.00
CA CYS C 403 -13.39 -6.90 20.91
C CYS C 403 -12.12 -6.08 20.76
N HIS C 404 -11.93 -5.50 19.57
CA HIS C 404 -10.68 -4.82 19.27
C HIS C 404 -10.69 -3.40 19.81
N SER C 405 -11.86 -2.85 20.10
CA SER C 405 -11.96 -1.47 20.61
C SER C 405 -12.96 -1.33 21.75
N LYS C 406 -12.84 -0.23 22.49
CA LYS C 406 -13.75 0.09 23.57
C LYS C 406 -15.14 0.43 23.05
N LYS C 407 -15.20 1.11 21.92
CA LYS C 407 -16.49 1.46 21.37
C LYS C 407 -17.26 0.17 21.06
N LYS C 408 -16.57 -0.83 20.51
CA LYS C 408 -17.19 -2.12 20.20
C LYS C 408 -17.63 -2.87 21.46
N CYS C 409 -16.78 -2.87 22.48
CA CYS C 409 -17.17 -3.40 23.77
C CYS C 409 -18.46 -2.76 24.23
N ASP C 410 -18.50 -1.43 24.22
CA ASP C 410 -19.69 -0.71 24.66
C ASP C 410 -20.92 -1.08 23.83
N GLU C 411 -20.76 -1.13 22.50
CA GLU C 411 -21.91 -1.45 21.65
C GLU C 411 -22.49 -2.86 21.87
N LEU C 412 -21.64 -3.86 21.90
CA LEU C 412 -22.07 -5.24 22.14
C LEU C 412 -22.61 -5.40 23.57
N ALA C 413 -21.96 -4.81 24.57
CA ALA C 413 -22.47 -4.97 25.92
C ALA C 413 -23.90 -4.42 25.96
N ALA C 414 -24.12 -3.28 25.32
CA ALA C 414 -25.43 -2.64 25.30
C ALA C 414 -26.45 -3.51 24.56
N LYS C 415 -26.05 -4.10 23.45
CA LYS C 415 -26.95 -4.96 22.69
C LYS C 415 -27.32 -6.20 23.48
N LEU C 416 -26.33 -6.80 24.15
CA LEU C 416 -26.61 -7.97 24.97
C LEU C 416 -27.54 -7.66 26.13
N SER C 417 -27.29 -6.54 26.83
CA SER C 417 -28.19 -6.13 27.92
C SER C 417 -29.62 -5.97 27.37
N GLY C 418 -29.74 -5.38 26.18
CA GLY C 418 -31.02 -5.16 25.55
C GLY C 418 -31.80 -6.45 25.31
N LEU C 419 -31.07 -7.57 25.27
CA LEU C 419 -31.67 -8.88 25.10
C LEU C 419 -31.93 -9.57 26.43
N GLY C 420 -31.72 -8.85 27.53
CA GLY C 420 -31.90 -9.42 28.85
C GLY C 420 -30.75 -10.32 29.27
N ILE C 421 -29.64 -10.24 28.56
CA ILE C 421 -28.46 -10.99 28.96
C ILE C 421 -27.61 -10.14 29.88
N ASN C 422 -27.22 -10.70 31.02
CA ASN C 422 -26.35 -10.00 31.96
C ASN C 422 -25.01 -9.79 31.29
N ALA C 423 -24.65 -8.54 31.03
CA ALA C 423 -23.44 -8.25 30.27
C ALA C 423 -22.74 -6.96 30.77
N VAL C 424 -21.41 -6.97 30.76
CA VAL C 424 -20.60 -5.80 31.11
C VAL C 424 -19.42 -5.63 30.14
N ALA C 425 -19.03 -4.37 29.91
CA ALA C 425 -17.85 -4.06 29.10
C ALA C 425 -16.67 -3.83 30.03
N TYR C 426 -15.50 -4.28 29.60
CA TYR C 426 -14.34 -4.04 30.41
C TYR C 426 -13.19 -3.64 29.51
N TYR C 427 -12.50 -2.58 29.90
CA TYR C 427 -11.37 -2.06 29.14
C TYR C 427 -10.67 -1.02 30.02
N ARG C 428 -9.50 -0.54 29.60
CA ARG C 428 -8.72 0.31 30.49
C ARG C 428 -9.43 1.64 30.73
N GLY C 429 -9.43 2.07 31.98
CA GLY C 429 -10.22 3.21 32.39
C GLY C 429 -11.35 2.75 33.29
N LEU C 430 -11.75 1.49 33.13
CA LEU C 430 -12.80 0.91 33.97
C LEU C 430 -12.20 0.13 35.12
N ASP C 431 -12.93 0.11 36.23
CA ASP C 431 -12.47 -0.61 37.40
C ASP C 431 -12.94 -2.05 37.31
N VAL C 432 -12.08 -2.97 37.74
CA VAL C 432 -12.39 -4.39 37.71
C VAL C 432 -13.75 -4.73 38.31
N SER C 433 -14.14 -3.98 39.33
CA SER C 433 -15.38 -4.26 40.05
C SER C 433 -16.55 -4.49 39.08
N VAL C 434 -16.45 -3.96 37.87
CA VAL C 434 -17.54 -4.06 36.92
C VAL C 434 -17.76 -5.52 36.54
N ILE C 435 -16.70 -6.31 36.66
CA ILE C 435 -16.77 -7.77 36.40
C ILE C 435 -17.22 -8.57 37.63
N PRO C 436 -18.40 -9.19 37.54
CA PRO C 436 -18.86 -10.05 38.65
C PRO C 436 -17.99 -11.30 38.72
N THR C 437 -17.47 -11.59 39.89
CA THR C 437 -16.61 -12.76 40.05
C THR C 437 -17.42 -14.05 40.11
N ILE C 438 -18.72 -13.92 40.35
CA ILE C 438 -19.60 -15.08 40.49
C ILE C 438 -20.95 -14.85 39.80
N GLY C 439 -21.54 -15.91 39.26
CA GLY C 439 -22.82 -15.82 38.57
C GLY C 439 -22.69 -15.66 37.06
N ASP C 440 -23.80 -15.85 36.34
CA ASP C 440 -23.80 -15.69 34.89
C ASP C 440 -23.42 -14.27 34.47
N VAL C 441 -22.48 -14.16 33.53
CA VAL C 441 -22.14 -12.88 32.92
C VAL C 441 -21.52 -13.07 31.53
N VAL C 442 -21.75 -12.08 30.66
CA VAL C 442 -20.94 -11.97 29.45
C VAL C 442 -20.07 -10.71 29.59
N VAL C 443 -18.77 -10.93 29.63
CA VAL C 443 -17.78 -9.87 29.71
C VAL C 443 -17.31 -9.56 28.30
N VAL C 444 -17.49 -8.31 27.87
CA VAL C 444 -17.07 -7.92 26.54
C VAL C 444 -15.91 -6.96 26.74
N ALA C 445 -14.72 -7.37 26.33
CA ALA C 445 -13.49 -6.72 26.74
C ALA C 445 -12.47 -6.61 25.62
N THR C 446 -11.60 -5.63 25.76
CA THR C 446 -10.43 -5.52 24.92
C THR C 446 -9.36 -6.32 25.61
N ASP C 447 -8.15 -6.31 25.04
CA ASP C 447 -6.99 -6.95 25.65
C ASP C 447 -6.60 -6.38 27.01
N ALA C 448 -7.24 -5.29 27.43
CA ALA C 448 -6.91 -4.72 28.74
C ALA C 448 -7.34 -5.66 29.84
N LEU C 449 -8.17 -6.62 29.48
CA LEU C 449 -8.67 -7.57 30.45
C LEU C 449 -7.48 -8.21 31.15
N MET C 450 -6.43 -8.49 30.37
CA MET C 450 -5.34 -9.35 30.84
C MET C 450 -4.53 -8.72 31.97
N THR C 451 -4.37 -7.40 31.92
CA THR C 451 -3.52 -6.72 32.89
C THR C 451 -4.27 -6.41 34.18
N GLY C 452 -5.59 -6.52 34.14
CA GLY C 452 -6.41 -6.10 35.27
C GLY C 452 -7.44 -7.08 35.79
N TYR C 453 -7.35 -8.34 35.38
CA TYR C 453 -8.26 -9.36 35.88
C TYR C 453 -7.70 -10.79 35.70
N THR C 454 -8.04 -11.70 36.61
CA THR C 454 -7.38 -13.03 36.63
C THR C 454 -8.28 -14.23 36.26
N GLY C 455 -9.55 -14.15 36.62
CA GLY C 455 -10.46 -15.28 36.44
C GLY C 455 -10.54 -15.89 35.07
N ASP C 456 -11.31 -16.98 34.95
CA ASP C 456 -11.49 -17.71 33.70
C ASP C 456 -12.98 -17.87 33.44
N PHE C 457 -13.33 -18.52 32.33
CA PHE C 457 -14.68 -18.47 31.75
C PHE C 457 -15.07 -19.79 31.07
N ASP C 458 -16.36 -20.06 30.95
CA ASP C 458 -16.84 -21.27 30.28
C ASP C 458 -16.47 -21.28 28.80
N SER C 459 -16.53 -20.12 28.16
CA SER C 459 -16.05 -19.99 26.77
C SER C 459 -15.46 -18.62 26.46
N VAL C 460 -14.69 -18.57 25.38
CA VAL C 460 -14.15 -17.34 24.84
C VAL C 460 -14.58 -17.19 23.39
N ILE C 461 -15.10 -16.00 23.06
CA ILE C 461 -15.33 -15.65 21.67
C ILE C 461 -14.38 -14.52 21.26
N ASP C 462 -13.68 -14.74 20.14
CA ASP C 462 -12.53 -13.94 19.74
C ASP C 462 -12.76 -13.30 18.37
N CYS C 463 -12.65 -11.98 18.28
CA CYS C 463 -12.78 -11.29 17.00
C CYS C 463 -11.55 -11.53 16.11
N ASN C 464 -10.45 -11.97 16.72
CA ASN C 464 -9.21 -12.33 16.03
C ASN C 464 -8.39 -11.13 15.48
N THR C 465 -8.83 -9.90 15.82
CA THR C 465 -8.09 -8.70 15.44
C THR C 465 -7.58 -7.91 16.65
N CYS C 466 -6.49 -7.17 16.41
CA CYS C 466 -5.86 -6.30 17.39
C CYS C 466 -5.68 -4.88 16.83
N VAL C 467 -5.41 -3.94 17.72
CA VAL C 467 -5.14 -2.57 17.33
C VAL C 467 -3.67 -2.35 17.61
N THR C 468 -2.91 -1.98 16.61
CA THR C 468 -1.50 -1.77 16.85
C THR C 468 -1.05 -0.41 16.34
N GLN C 469 0.18 -0.07 16.66
CA GLN C 469 0.80 1.20 16.27
C GLN C 469 2.07 0.96 15.48
N THR C 470 2.20 1.64 14.36
CA THR C 470 3.40 1.58 13.57
C THR C 470 3.94 2.98 13.29
N VAL C 471 5.25 3.08 13.18
CA VAL C 471 5.87 4.34 12.86
C VAL C 471 6.11 4.36 11.37
N ASP C 472 5.79 5.48 10.74
CA ASP C 472 6.10 5.66 9.34
C ASP C 472 7.08 6.85 9.27
N PHE C 473 8.26 6.64 8.72
CA PHE C 473 9.22 7.73 8.56
C PHE C 473 8.83 8.52 7.31
N SER C 474 7.80 9.33 7.48
CA SER C 474 7.06 9.94 6.39
C SER C 474 7.65 11.26 5.85
N LEU C 475 8.59 11.84 6.58
CA LEU C 475 9.25 13.08 6.15
C LEU C 475 8.26 14.21 5.87
N ASP C 476 7.15 14.26 6.59
CA ASP C 476 6.13 15.26 6.33
C ASP C 476 5.60 15.99 7.57
N PRO C 477 6.50 16.58 8.37
CA PRO C 477 7.92 16.81 8.09
C PRO C 477 8.83 15.72 8.63
N THR C 478 8.37 14.90 9.56
CA THR C 478 9.32 14.02 10.24
C THR C 478 8.88 12.56 10.24
N PHE C 479 8.10 12.18 11.23
CA PHE C 479 7.56 10.85 11.33
C PHE C 479 6.08 10.90 11.70
N THR C 480 5.46 9.74 11.65
CA THR C 480 4.03 9.59 11.85
C THR C 480 3.89 8.31 12.66
N ILE C 481 3.09 8.37 13.71
CA ILE C 481 2.70 7.18 14.43
C ILE C 481 1.25 6.91 14.06
N GLU C 482 1.00 5.77 13.45
CA GLU C 482 -0.36 5.47 13.02
C GLU C 482 -0.97 4.23 13.73
N THR C 483 -2.25 4.33 14.03
CA THR C 483 -2.98 3.24 14.67
C THR C 483 -3.75 2.49 13.60
N THR C 484 -3.62 1.16 13.60
CA THR C 484 -4.32 0.33 12.62
C THR C 484 -4.89 -0.96 13.27
N THR C 485 -5.96 -1.48 12.67
CA THR C 485 -6.52 -2.74 13.13
C THR C 485 -5.87 -3.85 12.28
N VAL C 486 -5.22 -4.81 12.93
CA VAL C 486 -4.55 -5.91 12.21
C VAL C 486 -4.95 -7.29 12.75
N PRO C 487 -4.76 -8.34 11.94
CA PRO C 487 -5.03 -9.70 12.45
C PRO C 487 -4.13 -10.01 13.62
N GLN C 488 -4.58 -10.91 14.51
CA GLN C 488 -3.85 -11.16 15.75
C GLN C 488 -2.61 -12.00 15.48
N ASP C 489 -1.70 -12.01 16.45
CA ASP C 489 -0.49 -12.82 16.39
C ASP C 489 -0.63 -14.04 17.30
N ALA C 490 0.39 -14.90 17.31
CA ALA C 490 0.35 -16.16 18.04
C ALA C 490 0.17 -15.93 19.51
N VAL C 491 0.81 -14.89 20.02
CA VAL C 491 0.74 -14.60 21.45
C VAL C 491 -0.67 -14.19 21.83
N SER C 492 -1.36 -13.56 20.88
CA SER C 492 -2.69 -13.00 21.11
C SER C 492 -3.74 -14.12 21.14
N ARG C 493 -3.71 -14.98 20.13
CA ARG C 493 -4.67 -16.09 20.05
C ARG C 493 -4.55 -16.91 21.31
N SER C 494 -3.31 -17.23 21.66
CA SER C 494 -3.04 -18.15 22.72
C SER C 494 -3.37 -17.63 24.10
N GLN C 495 -3.21 -16.33 24.29
CA GLN C 495 -3.55 -15.80 25.59
C GLN C 495 -5.04 -15.52 25.67
N ARG C 496 -5.68 -15.27 24.53
CA ARG C 496 -7.12 -15.03 24.51
C ARG C 496 -7.84 -16.35 24.69
N ARG C 497 -7.51 -17.33 23.86
CA ARG C 497 -8.04 -18.69 24.00
C ARG C 497 -7.80 -19.17 25.41
N GLY C 498 -6.64 -18.82 25.96
CA GLY C 498 -6.21 -19.28 27.27
C GLY C 498 -7.00 -18.79 28.47
N ARG C 499 -7.99 -17.93 28.24
CA ARG C 499 -8.79 -17.45 29.36
C ARG C 499 -9.93 -18.47 29.62
N THR C 500 -9.99 -19.51 28.78
CA THR C 500 -10.91 -20.62 29.02
C THR C 500 -10.12 -21.93 29.05
N GLY C 501 -10.77 -22.99 29.51
CA GLY C 501 -10.13 -24.29 29.57
C GLY C 501 -9.01 -24.39 30.57
N ARG C 502 -9.19 -23.80 31.75
CA ARG C 502 -8.16 -23.90 32.78
C ARG C 502 -8.66 -24.67 33.99
N GLY C 503 -8.26 -25.93 34.08
CA GLY C 503 -8.70 -26.80 35.17
C GLY C 503 -10.10 -27.30 34.89
N ARG C 504 -10.52 -27.20 33.64
CA ARG C 504 -11.84 -27.64 33.24
C ARG C 504 -12.06 -27.45 31.74
N ARG C 505 -13.25 -27.79 31.29
CA ARG C 505 -13.54 -27.77 29.86
C ARG C 505 -13.86 -26.35 29.42
N GLY C 506 -13.34 -25.98 28.26
CA GLY C 506 -13.66 -24.69 27.68
C GLY C 506 -14.06 -24.82 26.22
N ILE C 507 -14.62 -23.74 25.69
CA ILE C 507 -14.92 -23.62 24.27
C ILE C 507 -14.34 -22.30 23.75
N TYR C 508 -13.73 -22.37 22.57
CA TYR C 508 -13.12 -21.20 21.97
C TYR C 508 -13.70 -21.02 20.58
N ARG C 509 -14.46 -19.95 20.41
CA ARG C 509 -15.11 -19.62 19.15
C ARG C 509 -14.38 -18.47 18.50
N PHE C 510 -14.20 -18.55 17.18
CA PHE C 510 -13.40 -17.55 16.49
C PHE C 510 -14.05 -17.13 15.19
N VAL C 511 -13.69 -15.93 14.74
CA VAL C 511 -14.12 -15.38 13.46
C VAL C 511 -13.22 -15.89 12.34
N THR C 512 -11.90 -15.95 12.59
CA THR C 512 -10.93 -16.43 11.61
C THR C 512 -9.90 -17.38 12.19
N PRO C 513 -9.46 -18.36 11.37
CA PRO C 513 -8.40 -19.29 11.76
C PRO C 513 -7.03 -18.65 11.56
N GLY C 514 -7.01 -17.63 10.70
CA GLY C 514 -5.80 -16.87 10.47
C GLY C 514 -5.05 -16.50 11.75
N GLU C 515 -3.72 -16.60 11.66
CA GLU C 515 -2.84 -16.20 12.74
C GLU C 515 -1.62 -15.47 12.12
N ARG C 516 -0.71 -14.99 12.97
CA ARG C 516 0.41 -14.17 12.52
C ARG C 516 1.65 -14.50 13.34
N PRO C 517 2.83 -14.37 12.73
CA PRO C 517 4.09 -14.64 13.44
C PRO C 517 4.23 -13.85 14.74
N SER C 518 4.72 -14.52 15.77
CA SER C 518 4.98 -13.91 17.07
C SER C 518 6.45 -13.56 17.18
N GLY C 519 6.82 -12.80 18.20
CA GLY C 519 8.22 -12.56 18.45
C GLY C 519 8.81 -11.23 18.01
N MET C 520 8.11 -10.48 17.16
CA MET C 520 8.60 -9.15 16.76
C MET C 520 7.68 -8.01 17.14
N PHE C 521 8.27 -6.84 17.41
CA PHE C 521 7.47 -5.65 17.64
C PHE C 521 7.93 -4.45 16.78
N ASP C 522 7.17 -3.36 16.81
CA ASP C 522 7.46 -2.23 15.94
C ASP C 522 8.37 -1.19 16.59
N SER C 523 9.09 -0.47 15.74
CA SER C 523 9.92 0.64 16.18
C SER C 523 9.16 1.63 17.04
N SER C 524 7.88 1.83 16.77
CA SER C 524 7.09 2.77 17.58
C SER C 524 7.07 2.39 19.05
N VAL C 525 7.21 1.09 19.35
CA VAL C 525 7.27 0.67 20.75
C VAL C 525 8.53 1.19 21.41
N LEU C 526 9.65 1.22 20.67
CA LEU C 526 10.85 1.89 21.18
C LEU C 526 10.52 3.33 21.50
N CYS C 527 9.89 4.00 20.55
CA CYS C 527 9.53 5.39 20.76
C CYS C 527 8.74 5.51 22.05
N GLU C 528 7.78 4.61 22.25
CA GLU C 528 7.03 4.56 23.50
C GLU C 528 7.89 4.41 24.74
N CYS C 529 8.96 3.62 24.65
CA CYS C 529 9.85 3.45 25.81
C CYS C 529 10.52 4.76 26.22
N TYR C 530 11.01 5.52 25.23
CA TYR C 530 11.64 6.79 25.52
C TYR C 530 10.62 7.75 26.11
N ASP C 531 9.44 7.82 25.49
CA ASP C 531 8.40 8.67 26.02
C ASP C 531 8.19 8.39 27.51
N ALA C 532 8.04 7.13 27.86
CA ALA C 532 7.81 6.71 29.25
C ALA C 532 9.00 7.01 30.15
N GLY C 533 10.20 6.77 29.67
CA GLY C 533 11.37 7.12 30.44
C GLY C 533 11.28 8.58 30.85
N CYS C 534 10.92 9.43 29.89
CA CYS C 534 10.90 10.87 30.10
C CYS C 534 9.71 11.32 30.92
N ALA C 535 8.55 10.72 30.69
CA ALA C 535 7.32 11.07 31.40
C ALA C 535 7.23 10.54 32.84
N TRP C 536 7.62 9.29 33.04
CA TRP C 536 7.23 8.58 34.24
C TRP C 536 8.39 8.17 35.19
N TYR C 537 9.64 8.22 34.73
CA TYR C 537 10.73 7.60 35.47
C TYR C 537 11.98 8.47 35.56
N GLU C 538 11.88 9.70 35.09
CA GLU C 538 13.01 10.62 35.14
C GLU C 538 14.25 10.02 34.48
N LEU C 539 14.03 9.03 33.62
CA LEU C 539 15.11 8.47 32.79
C LEU C 539 15.47 9.40 31.65
N THR C 540 16.77 9.66 31.49
CA THR C 540 17.26 10.35 30.31
C THR C 540 17.13 9.41 29.12
N PRO C 541 17.02 9.98 27.91
CA PRO C 541 17.05 9.14 26.71
C PRO C 541 18.30 8.26 26.73
N ALA C 542 19.43 8.87 27.11
CA ALA C 542 20.69 8.14 27.26
C ALA C 542 20.53 6.92 28.19
N GLU C 543 19.88 7.11 29.32
CA GLU C 543 19.66 6.02 30.28
C GLU C 543 18.74 4.97 29.70
N THR C 544 17.67 5.42 29.07
CA THR C 544 16.73 4.49 28.46
C THR C 544 17.45 3.65 27.39
N SER C 545 18.43 4.24 26.71
CA SER C 545 19.16 3.52 25.68
C SER C 545 19.96 2.38 26.27
N VAL C 546 20.69 2.70 27.34
CA VAL C 546 21.51 1.70 28.02
C VAL C 546 20.62 0.51 28.32
N ARG C 547 19.41 0.77 28.78
CA ARG C 547 18.51 -0.32 29.17
C ARG C 547 17.90 -1.06 27.98
N LEU C 548 17.51 -0.33 26.93
CA LEU C 548 17.03 -1.00 25.72
C LEU C 548 18.15 -1.79 25.02
N ARG C 549 19.36 -1.21 24.97
CA ARG C 549 20.56 -1.89 24.46
C ARG C 549 20.72 -3.28 25.08
N ALA C 550 20.68 -3.35 26.40
CA ALA C 550 20.75 -4.62 27.11
C ALA C 550 19.63 -5.59 26.70
N TYR C 551 18.43 -5.06 26.49
CA TYR C 551 17.33 -5.90 26.02
C TYR C 551 17.63 -6.43 24.62
N LEU C 552 17.97 -5.53 23.69
CA LEU C 552 18.22 -5.91 22.31
C LEU C 552 19.40 -6.88 22.24
N ASN C 553 20.44 -6.63 23.03
CA ASN C 553 21.61 -7.50 23.10
C ASN C 553 21.30 -8.91 23.59
N THR C 554 20.05 -9.18 23.93
CA THR C 554 19.74 -10.43 24.61
C THR C 554 18.97 -11.38 23.72
N PRO C 555 19.57 -12.56 23.47
CA PRO C 555 18.98 -13.63 22.64
C PRO C 555 17.80 -14.29 23.34
N GLY C 556 16.83 -14.79 22.56
CA GLY C 556 15.66 -15.45 23.12
C GLY C 556 14.42 -14.58 23.20
N LEU C 557 14.64 -13.28 23.39
CA LEU C 557 13.58 -12.28 23.47
C LEU C 557 13.00 -11.90 22.12
N PRO C 558 11.82 -11.24 22.13
CA PRO C 558 11.21 -10.69 20.91
C PRO C 558 12.09 -9.59 20.30
N VAL C 559 11.98 -9.40 18.99
CA VAL C 559 12.95 -8.59 18.28
C VAL C 559 12.32 -7.43 17.55
N CYS C 560 13.12 -6.37 17.41
CA CYS C 560 12.70 -5.10 16.84
C CYS C 560 13.91 -4.58 16.06
N GLN C 561 13.64 -3.82 15.00
CA GLN C 561 14.71 -3.11 14.28
C GLN C 561 15.46 -2.26 15.28
N ASP C 562 16.76 -2.14 15.09
CA ASP C 562 17.55 -1.37 16.02
C ASP C 562 17.51 0.12 15.68
N HIS C 563 16.59 0.85 16.27
CA HIS C 563 16.48 2.28 16.06
C HIS C 563 16.71 3.09 17.34
N LEU C 564 17.55 2.57 18.23
CA LEU C 564 17.87 3.24 19.50
C LEU C 564 18.52 4.61 19.32
N GLU C 565 19.61 4.67 18.56
CA GLU C 565 20.28 5.94 18.33
C GLU C 565 19.32 7.00 17.79
N PHE C 566 18.47 6.60 16.85
CA PHE C 566 17.52 7.52 16.26
C PHE C 566 16.55 8.02 17.31
N TRP C 567 15.91 7.10 18.02
CA TRP C 567 14.91 7.55 18.97
C TRP C 567 15.58 8.36 20.05
N GLU C 568 16.78 7.95 20.46
CA GLU C 568 17.47 8.68 21.50
C GLU C 568 17.69 10.11 21.03
N SER C 569 18.10 10.26 19.78
CA SER C 569 18.41 11.60 19.25
C SER C 569 17.19 12.52 19.24
N VAL C 570 16.02 11.95 18.94
CA VAL C 570 14.80 12.74 18.95
C VAL C 570 14.43 13.28 20.35
N PHE C 571 14.38 12.40 21.33
CA PHE C 571 13.88 12.79 22.63
C PHE C 571 14.87 13.73 23.36
N THR C 572 16.15 13.53 23.07
CA THR C 572 17.22 14.36 23.60
C THR C 572 17.00 15.85 23.36
N GLY C 573 16.46 16.20 22.19
CA GLY C 573 16.24 17.59 21.83
C GLY C 573 14.89 18.13 22.27
N LEU C 574 14.10 17.31 22.97
CA LEU C 574 12.84 17.82 23.52
C LEU C 574 13.05 18.39 24.95
N THR C 575 13.55 19.62 25.00
CA THR C 575 13.94 20.26 26.24
C THR C 575 12.94 21.26 26.79
N HIS C 576 12.89 21.33 28.11
CA HIS C 576 12.09 22.33 28.82
C HIS C 576 10.63 22.19 28.44
N ILE C 577 10.08 21.03 28.73
CA ILE C 577 8.67 20.78 28.52
C ILE C 577 7.88 21.51 29.59
N ASP C 578 6.66 21.92 29.26
CA ASP C 578 5.77 22.51 30.25
C ASP C 578 5.31 21.42 31.22
N ALA C 579 5.65 21.58 32.49
CA ALA C 579 5.32 20.58 33.50
C ALA C 579 3.82 20.41 33.68
N HIS C 580 3.08 21.51 33.64
CA HIS C 580 1.63 21.41 33.78
C HIS C 580 1.02 20.59 32.65
N PHE C 581 1.52 20.78 31.41
CA PHE C 581 1.04 19.97 30.29
C PHE C 581 1.37 18.50 30.51
N LEU C 582 2.64 18.21 30.85
CA LEU C 582 3.04 16.82 31.08
C LEU C 582 2.12 16.17 32.12
N SER C 583 1.81 16.92 33.17
CA SER C 583 0.91 16.44 34.22
C SER C 583 -0.47 16.07 33.67
N GLN C 584 -1.03 16.91 32.82
CA GLN C 584 -2.36 16.63 32.27
C GLN C 584 -2.38 15.39 31.36
N THR C 585 -1.38 15.25 30.47
CA THR C 585 -1.33 14.11 29.56
C THR C 585 -1.09 12.79 30.31
N LYS C 586 -0.18 12.82 31.28
CA LYS C 586 0.06 11.68 32.18
C LYS C 586 -1.21 11.20 32.87
N GLN C 587 -1.90 12.13 33.52
CA GLN C 587 -3.13 11.84 34.25
C GLN C 587 -4.22 11.28 33.34
N ALA C 588 -4.39 11.90 32.19
CA ALA C 588 -5.41 11.47 31.26
C ALA C 588 -5.14 10.02 30.83
N GLY C 589 -3.87 9.63 30.88
CA GLY C 589 -3.49 8.26 30.64
C GLY C 589 -3.41 7.77 29.19
N ASP C 590 -3.45 8.69 28.23
CA ASP C 590 -3.35 8.25 26.83
C ASP C 590 -1.91 8.06 26.37
N ASN C 591 -1.71 7.39 25.24
CA ASN C 591 -0.38 7.13 24.69
C ASN C 591 0.51 8.38 24.48
N PHE C 592 1.82 8.19 24.55
CA PHE C 592 2.75 9.27 24.24
C PHE C 592 2.43 10.56 25.01
N PRO C 593 2.28 10.45 26.34
CA PRO C 593 2.02 11.66 27.11
C PRO C 593 3.16 12.67 26.94
N TYR C 594 4.38 12.17 26.85
CA TYR C 594 5.50 13.09 26.64
C TYR C 594 5.38 13.81 25.30
N LEU C 595 5.31 13.07 24.20
CA LEU C 595 5.29 13.71 22.88
C LEU C 595 4.06 14.60 22.73
N VAL C 596 2.94 14.19 23.30
CA VAL C 596 1.74 15.01 23.24
C VAL C 596 1.95 16.31 24.04
N ALA C 597 2.53 16.19 25.23
CA ALA C 597 2.75 17.36 26.08
C ALA C 597 3.79 18.28 25.46
N TYR C 598 4.84 17.70 24.87
CA TYR C 598 5.83 18.52 24.22
C TYR C 598 5.28 19.32 23.03
N GLN C 599 4.48 18.68 22.18
CA GLN C 599 3.86 19.40 21.08
C GLN C 599 2.91 20.49 21.61
N ALA C 600 2.18 20.17 22.66
CA ALA C 600 1.40 21.19 23.37
C ALA C 600 2.26 22.37 23.87
N THR C 601 3.45 22.09 24.38
CA THR C 601 4.33 23.12 24.91
C THR C 601 4.80 24.06 23.81
N VAL C 602 5.33 23.47 22.75
CA VAL C 602 5.78 24.22 21.59
C VAL C 602 4.66 25.10 21.04
N CYS C 603 3.45 24.52 20.92
CA CYS C 603 2.30 25.28 20.46
C CYS C 603 2.06 26.51 21.33
N ALA C 604 1.73 26.28 22.60
CA ALA C 604 1.41 27.37 23.53
C ALA C 604 2.47 28.46 23.49
N ARG C 605 3.72 28.06 23.60
CA ARG C 605 4.80 29.05 23.58
C ARG C 605 4.80 29.85 22.28
N ALA C 606 4.37 29.23 21.18
CA ALA C 606 4.32 29.87 19.87
C ALA C 606 3.01 30.61 19.71
N GLN C 607 2.20 30.59 20.76
CA GLN C 607 0.86 31.15 20.70
C GLN C 607 0.12 30.58 19.51
N ALA C 608 0.27 29.28 19.24
CA ALA C 608 -0.41 28.66 18.09
C ALA C 608 -1.32 27.49 18.49
N PRO C 609 -2.26 27.11 17.60
CA PRO C 609 -3.16 26.00 17.91
C PRO C 609 -2.50 24.64 17.77
N PRO C 610 -3.03 23.62 18.46
CA PRO C 610 -2.53 22.26 18.32
C PRO C 610 -2.95 21.74 16.95
N PRO C 611 -2.46 20.56 16.53
CA PRO C 611 -2.79 19.99 15.22
C PRO C 611 -4.30 19.86 14.96
N SER C 612 -5.08 19.68 16.01
CA SER C 612 -6.51 19.57 15.91
C SER C 612 -7.07 19.67 17.31
N TRP C 613 -8.39 19.77 17.41
CA TRP C 613 -9.05 19.84 18.71
C TRP C 613 -9.68 18.51 19.11
N ASP C 614 -9.08 17.42 18.63
CA ASP C 614 -9.41 16.10 19.15
C ASP C 614 -9.01 16.04 20.63
N GLN C 615 -9.61 15.12 21.36
CA GLN C 615 -9.35 14.97 22.79
C GLN C 615 -7.86 14.72 23.10
N MET C 616 -7.11 14.31 22.10
CA MET C 616 -5.68 14.13 22.30
C MET C 616 -5.06 15.45 22.77
N TRP C 617 -5.59 16.58 22.28
CA TRP C 617 -5.02 17.87 22.60
C TRP C 617 -5.81 18.65 23.64
N LYS C 618 -6.54 17.94 24.50
CA LYS C 618 -7.43 18.64 25.44
C LYS C 618 -6.74 19.54 26.47
N CYS C 619 -5.48 19.23 26.77
CA CYS C 619 -4.75 20.02 27.76
C CYS C 619 -4.62 21.48 27.34
N LEU C 620 -4.98 21.78 26.10
CA LEU C 620 -4.76 23.11 25.53
C LEU C 620 -6.07 23.88 25.44
N ILE C 621 -7.16 23.26 25.88
CA ILE C 621 -8.51 23.81 25.66
C ILE C 621 -8.75 25.19 26.30
N ARG C 622 -8.18 25.43 27.47
CA ARG C 622 -8.35 26.72 28.12
C ARG C 622 -7.79 27.82 27.23
N LEU C 623 -6.64 27.55 26.60
CA LEU C 623 -5.97 28.54 25.77
C LEU C 623 -6.61 28.69 24.40
N LYS C 624 -7.61 27.86 24.13
CA LYS C 624 -8.21 27.85 22.79
C LYS C 624 -8.46 29.23 22.16
N PRO C 625 -9.01 30.19 22.94
CA PRO C 625 -9.37 31.49 22.37
C PRO C 625 -8.12 32.31 22.03
N THR C 626 -7.01 31.94 22.65
CA THR C 626 -5.75 32.67 22.58
C THR C 626 -4.85 32.22 21.42
N LEU C 627 -5.10 31.03 20.89
CA LEU C 627 -4.17 30.44 19.95
C LEU C 627 -4.68 30.58 18.53
N HIS C 628 -3.81 31.03 17.63
CA HIS C 628 -4.20 31.26 16.24
C HIS C 628 -3.04 31.09 15.27
N GLY C 629 -3.35 30.78 14.02
CA GLY C 629 -2.33 30.67 13.00
C GLY C 629 -1.93 29.22 12.82
N PRO C 630 -0.83 28.99 12.12
CA PRO C 630 -0.47 27.60 11.81
C PRO C 630 0.25 26.90 12.96
N THR C 631 0.11 25.58 12.98
CA THR C 631 0.66 24.73 14.01
C THR C 631 2.14 24.51 13.74
N PRO C 632 3.00 24.71 14.74
CA PRO C 632 4.40 24.37 14.48
C PRO C 632 4.55 22.87 14.70
N LEU C 633 4.33 22.12 13.63
CA LEU C 633 4.23 20.68 13.71
C LEU C 633 5.60 20.03 13.88
N LEU C 634 5.70 19.18 14.90
CA LEU C 634 6.93 18.45 15.18
C LEU C 634 6.92 17.02 14.61
N TYR C 635 5.73 16.44 14.51
CA TYR C 635 5.54 15.06 14.07
C TYR C 635 4.03 14.79 14.02
N ARG C 636 3.62 13.63 13.52
CA ARG C 636 2.20 13.35 13.38
C ARG C 636 1.78 12.19 14.29
N LEU C 637 0.90 12.48 15.25
CA LEU C 637 0.42 11.49 16.22
C LEU C 637 -1.05 11.18 15.96
N GLY C 638 -1.63 11.91 15.03
CA GLY C 638 -2.95 11.60 14.53
C GLY C 638 -3.33 12.57 13.41
N ALA C 639 -4.62 12.78 13.23
CA ALA C 639 -5.09 13.65 12.15
C ALA C 639 -4.62 15.06 12.40
N VAL C 640 -4.18 15.74 11.33
CA VAL C 640 -3.83 17.15 11.40
C VAL C 640 -4.80 18.00 10.59
N GLN C 641 -5.66 18.75 11.28
CA GLN C 641 -6.67 19.59 10.62
C GLN C 641 -6.19 21.01 10.36
N ASN C 642 -5.45 21.57 11.30
CA ASN C 642 -5.02 22.97 11.20
C ASN C 642 -3.93 23.18 10.14
N GLU C 643 -3.77 24.41 9.66
CA GLU C 643 -2.61 24.74 8.83
C GLU C 643 -1.31 24.51 9.60
N VAL C 644 -0.21 24.32 8.87
CA VAL C 644 1.05 23.94 9.48
C VAL C 644 2.23 24.83 9.08
N THR C 645 3.09 25.13 10.02
CA THR C 645 4.33 25.81 9.67
C THR C 645 5.47 24.91 10.07
N LEU C 646 6.52 24.86 9.24
CA LEU C 646 7.66 24.01 9.49
C LEU C 646 8.87 24.79 10.00
N THR C 647 8.66 26.02 10.44
CA THR C 647 9.78 26.94 10.73
C THR C 647 10.33 26.85 12.17
N HIS C 648 9.63 26.14 13.05
CA HIS C 648 10.10 26.00 14.42
C HIS C 648 11.43 25.23 14.48
N PRO C 649 12.34 25.65 15.37
CA PRO C 649 13.66 24.99 15.47
C PRO C 649 13.62 23.53 15.96
N ILE C 650 12.59 23.18 16.71
CA ILE C 650 12.46 21.79 17.16
C ILE C 650 12.08 20.93 15.96
N THR C 651 11.14 21.43 15.16
CA THR C 651 10.83 20.81 13.87
C THR C 651 12.08 20.57 13.04
N LYS C 652 12.87 21.62 12.85
CA LYS C 652 14.12 21.48 12.09
C LYS C 652 15.06 20.53 12.80
N TYR C 653 15.12 20.63 14.13
CA TYR C 653 15.92 19.66 14.87
C TYR C 653 15.49 18.22 14.57
N ILE C 654 14.20 17.93 14.71
CA ILE C 654 13.74 16.57 14.46
C ILE C 654 14.01 16.18 13.00
N MET C 655 13.86 17.13 12.07
CA MET C 655 14.19 16.87 10.66
C MET C 655 15.64 16.41 10.46
N ALA C 656 16.55 17.01 11.22
CA ALA C 656 17.95 16.65 11.12
C ALA C 656 18.18 15.24 11.68
N CYS C 657 17.39 14.85 12.69
CA CYS C 657 17.43 13.49 13.22
C CYS C 657 17.04 12.43 12.16
N MET C 658 16.08 12.76 11.29
CA MET C 658 15.63 11.85 10.21
C MET C 658 16.74 11.43 9.24
N SER C 659 17.86 12.14 9.24
CA SER C 659 18.94 11.83 8.31
C SER C 659 19.84 10.69 8.79
N ALA C 660 19.61 10.21 10.01
CA ALA C 660 20.43 9.10 10.51
C ALA C 660 20.15 7.84 9.70
N ASP C 661 21.14 6.96 9.58
CA ASP C 661 20.92 5.62 9.05
C ASP C 661 19.70 4.99 9.73
N LEU C 662 18.78 4.45 8.95
CA LEU C 662 17.65 3.74 9.53
C LEU C 662 17.51 2.40 8.81
N GLU C 663 17.70 1.32 9.54
CA GLU C 663 17.50 0.01 8.97
C GLU C 663 16.01 -0.36 8.94
N VAL C 664 15.47 -0.53 7.74
CA VAL C 664 14.11 -1.02 7.58
C VAL C 664 14.12 -2.31 6.74
N VAL C 665 13.18 -3.21 7.02
CA VAL C 665 13.17 -4.53 6.41
C VAL C 665 12.58 -4.44 5.02
N THR C 666 13.07 -5.28 4.12
CA THR C 666 12.51 -5.40 2.77
C THR C 666 11.94 -6.80 2.55
ZN ZN D . -35.81 11.39 1.72
MG MG E . -6.39 5.04 -36.93
PB ADP F . -8.00 2.44 -38.35
O1B ADP F . -7.79 3.92 -38.53
O2B ADP F . -9.47 2.04 -38.26
O3B ADP F . -7.12 1.69 -37.36
PA ADP F . -6.53 2.72 -40.77
O1A ADP F . -7.39 3.78 -41.39
O2A ADP F . -5.24 3.13 -40.10
O3A ADP F . -7.50 1.86 -39.79
O5' ADP F . -6.14 1.59 -41.85
C5' ADP F . -7.09 1.11 -42.79
C4' ADP F . -6.44 -0.03 -43.56
O4' ADP F . -5.51 0.52 -44.49
C3' ADP F . -5.67 -0.97 -42.66
O3' ADP F . -6.42 -2.16 -42.45
C2' ADP F . -4.38 -1.28 -43.41
O2' ADP F . -4.52 -2.53 -44.09
C1' ADP F . -4.31 -0.25 -44.51
N9 ADP F . -3.20 0.70 -44.30
C8 ADP F . -3.31 1.89 -43.70
N7 ADP F . -2.13 2.56 -43.69
C5 ADP F . -1.23 1.77 -44.31
C6 ADP F . 0.20 1.87 -44.63
N6 ADP F . 0.90 3.00 -44.27
N1 ADP F . 0.77 0.82 -45.28
C2 ADP F . 0.07 -0.28 -45.64
N3 ADP F . -1.24 -0.44 -45.37
C4 ADP F . -1.93 0.54 -44.72
BE BEF G . -6.77 2.04 -35.74
F1 BEF G . -6.40 3.49 -35.56
F2 BEF G . -5.57 1.13 -35.30
F3 BEF G . -7.97 1.75 -34.81
ZN ZN H . 33.37 -16.95 -3.08
S SO4 I . 2.75 -20.13 36.01
O1 SO4 I . 2.34 -20.98 37.13
O2 SO4 I . 1.55 -19.57 35.40
O3 SO4 I . 3.57 -19.02 36.48
O4 SO4 I . 3.47 -20.94 35.03
S SO4 J . 2.03 -0.05 38.25
O1 SO4 J . 2.80 -0.57 39.37
O2 SO4 J . 0.83 0.64 38.74
O3 SO4 J . 2.86 0.89 37.48
O4 SO4 J . 1.63 -1.17 37.39
#